data_7VBO
# 
_entry.id   7VBO 
# 
_audit_conform.dict_name       mmcif_pdbx.dic 
_audit_conform.dict_version    5.397 
_audit_conform.dict_location   http://mmcif.pdb.org/dictionaries/ascii/mmcif_pdbx.dic 
# 
loop_
_database_2.database_id 
_database_2.database_code 
_database_2.pdbx_database_accession 
_database_2.pdbx_DOI 
PDB   7VBO         pdb_00007vbo 10.2210/pdb7vbo/pdb 
WWPDB D_1300024415 ?            ?                   
# 
loop_
_pdbx_audit_revision_history.ordinal 
_pdbx_audit_revision_history.data_content_type 
_pdbx_audit_revision_history.major_revision 
_pdbx_audit_revision_history.minor_revision 
_pdbx_audit_revision_history.revision_date 
1 'Structure model' 1 0 2022-09-07 
2 'Structure model' 1 1 2023-04-12 
3 'Structure model' 1 2 2024-10-23 
# 
_pdbx_audit_revision_details.ordinal             1 
_pdbx_audit_revision_details.revision_ordinal    1 
_pdbx_audit_revision_details.data_content_type   'Structure model' 
_pdbx_audit_revision_details.provider            repository 
_pdbx_audit_revision_details.type                'Initial release' 
_pdbx_audit_revision_details.description         ? 
_pdbx_audit_revision_details.details             ? 
# 
loop_
_pdbx_audit_revision_group.ordinal 
_pdbx_audit_revision_group.revision_ordinal 
_pdbx_audit_revision_group.data_content_type 
_pdbx_audit_revision_group.group 
1 2 'Structure model' 'Database references' 
2 3 'Structure model' 'Data collection'     
3 3 'Structure model' 'Structure summary'   
# 
loop_
_pdbx_audit_revision_category.ordinal 
_pdbx_audit_revision_category.revision_ordinal 
_pdbx_audit_revision_category.data_content_type 
_pdbx_audit_revision_category.category 
1 2 'Structure model' citation                  
2 2 'Structure model' citation_author           
3 3 'Structure model' chem_comp_atom            
4 3 'Structure model' chem_comp_bond            
5 3 'Structure model' pdbx_entry_details        
6 3 'Structure model' pdbx_modification_feature 
# 
loop_
_pdbx_audit_revision_item.ordinal 
_pdbx_audit_revision_item.revision_ordinal 
_pdbx_audit_revision_item.data_content_type 
_pdbx_audit_revision_item.item 
1  2 'Structure model' '_citation.country'                            
2  2 'Structure model' '_citation.journal_abbrev'                     
3  2 'Structure model' '_citation.journal_id_ASTM'                    
4  2 'Structure model' '_citation.journal_id_CSD'                     
5  2 'Structure model' '_citation.journal_id_ISSN'                    
6  2 'Structure model' '_citation.journal_volume'                     
7  2 'Structure model' '_citation.page_first'                         
8  2 'Structure model' '_citation.page_last'                          
9  2 'Structure model' '_citation.pdbx_database_id_DOI'               
10 2 'Structure model' '_citation.pdbx_database_id_PubMed'            
11 2 'Structure model' '_citation.title'                              
12 2 'Structure model' '_citation.year'                               
13 3 'Structure model' '_pdbx_entry_details.has_protein_modification' 
# 
_pdbx_database_status.status_code                     REL 
_pdbx_database_status.status_code_sf                  REL 
_pdbx_database_status.status_code_mr                  ? 
_pdbx_database_status.entry_id                        7VBO 
_pdbx_database_status.recvd_initial_deposition_date   2021-09-01 
_pdbx_database_status.SG_entry                        N 
_pdbx_database_status.deposit_site                    PDBJ 
_pdbx_database_status.process_site                    PDBJ 
_pdbx_database_status.status_code_cs                  ? 
_pdbx_database_status.status_code_nmr_data            ? 
_pdbx_database_status.methods_development_category    FoldIt 
_pdbx_database_status.pdb_format_compatible           Y 
# 
loop_
_audit_author.name 
_audit_author.pdbx_ordinal 
_audit_author.identifier_ORCID 
'Ji, S.Q.' 1 ? 
'She, Q.'  2 ? 
# 
_citation.abstract                  ? 
_citation.abstract_id_CAS           ? 
_citation.book_id_ISBN              ? 
_citation.book_publisher            ? 
_citation.book_publisher_city       ? 
_citation.book_title                ? 
_citation.coordinate_linkage        ? 
_citation.country                   US 
_citation.database_id_Medline       ? 
_citation.details                   ? 
_citation.id                        primary 
_citation.journal_abbrev            J.Biol.Chem. 
_citation.journal_id_ASTM           JBCHA3 
_citation.journal_id_CSD            0071 
_citation.journal_id_ISSN           1083-351X 
_citation.journal_full              ? 
_citation.journal_issue             ? 
_citation.journal_volume            299 
_citation.language                  ? 
_citation.page_first                102854 
_citation.page_last                 102854 
_citation.title                     
;Identification and structural analysis of a carbohydrate-binding module specific to alginate, a representative of a new family, CBM96.
;
_citation.year                      2023 
_citation.database_id_CSD           ? 
_citation.pdbx_database_id_DOI      10.1016/j.jbc.2022.102854 
_citation.pdbx_database_id_PubMed   36592931 
_citation.pdbx_database_id_patent   ? 
_citation.unpublished_flag          ? 
# 
loop_
_citation_author.citation_id 
_citation_author.name 
_citation_author.ordinal 
_citation_author.identifier_ORCID 
primary 'Ji, S.'   1 ? 
primary 'Tian, X.' 2 ? 
primary 'Li, X.'   3 ? 
primary 'She, Q.'  4 ? 
# 
loop_
_entity.id 
_entity.type 
_entity.src_method 
_entity.pdbx_description 
_entity.formula_weight 
_entity.pdbx_number_of_molecules 
_entity.pdbx_ec 
_entity.pdbx_mutation 
_entity.pdbx_fragment 
_entity.details 
1 polymer     man 'Alginate lyase' 22709.494 1   4.2.2.3 ? ? ? 
2 non-polymer syn 'CALCIUM ION'    40.078    1   ?       ? ? ? 
3 non-polymer syn 'SULFATE ION'    96.063    1   ?       ? ? ? 
4 water       nat water            18.015    145 ?       ? ? ? 
# 
_entity_poly.entity_id                      1 
_entity_poly.type                           'polypeptide(L)' 
_entity_poly.nstd_linkage                   no 
_entity_poly.nstd_monomer                   yes 
_entity_poly.pdbx_seq_one_letter_code       
;RGSHHHHHHG(MSE)ASELAPTDDTYVENKSSTVDSNFATSKQLKFKGTSKGSDDRIGYLKFDISNFKGEIDKAYIELEG
KTSSSSEVYPPIDISIHGLTDDTWSETDLTWNNSPNHEPGSAKVVGLGETATFLGKVTVNFGEYHKVELDITDYIKNHSD
NKDGIVAL(MSE)ISDQDQNNAYGWFRSTQETSEDTYPKLILVGKTEEIVL
;
_entity_poly.pdbx_seq_one_letter_code_can   
;RGSHHHHHHGMASELAPTDDTYVENKSSTVDSNFATSKQLKFKGTSKGSDDRIGYLKFDISNFKGEIDKAYIELEGKTSS
SSEVYPPIDISIHGLTDDTWSETDLTWNNSPNHEPGSAKVVGLGETATFLGKVTVNFGEYHKVELDITDYIKNHSDNKDG
IVALMISDQDQNNAYGWFRSTQETSEDTYPKLILVGKTEEIVL
;
_entity_poly.pdbx_strand_id                 A 
_entity_poly.pdbx_target_identifier         ? 
# 
loop_
_pdbx_entity_nonpoly.entity_id 
_pdbx_entity_nonpoly.name 
_pdbx_entity_nonpoly.comp_id 
2 'CALCIUM ION' CA  
3 'SULFATE ION' SO4 
4 water         HOH 
# 
loop_
_entity_poly_seq.entity_id 
_entity_poly_seq.num 
_entity_poly_seq.mon_id 
_entity_poly_seq.hetero 
1 1   ARG n 
1 2   GLY n 
1 3   SER n 
1 4   HIS n 
1 5   HIS n 
1 6   HIS n 
1 7   HIS n 
1 8   HIS n 
1 9   HIS n 
1 10  GLY n 
1 11  MSE n 
1 12  ALA n 
1 13  SER n 
1 14  GLU n 
1 15  LEU n 
1 16  ALA n 
1 17  PRO n 
1 18  THR n 
1 19  ASP n 
1 20  ASP n 
1 21  THR n 
1 22  TYR n 
1 23  VAL n 
1 24  GLU n 
1 25  ASN n 
1 26  LYS n 
1 27  SER n 
1 28  SER n 
1 29  THR n 
1 30  VAL n 
1 31  ASP n 
1 32  SER n 
1 33  ASN n 
1 34  PHE n 
1 35  ALA n 
1 36  THR n 
1 37  SER n 
1 38  LYS n 
1 39  GLN n 
1 40  LEU n 
1 41  LYS n 
1 42  PHE n 
1 43  LYS n 
1 44  GLY n 
1 45  THR n 
1 46  SER n 
1 47  LYS n 
1 48  GLY n 
1 49  SER n 
1 50  ASP n 
1 51  ASP n 
1 52  ARG n 
1 53  ILE n 
1 54  GLY n 
1 55  TYR n 
1 56  LEU n 
1 57  LYS n 
1 58  PHE n 
1 59  ASP n 
1 60  ILE n 
1 61  SER n 
1 62  ASN n 
1 63  PHE n 
1 64  LYS n 
1 65  GLY n 
1 66  GLU n 
1 67  ILE n 
1 68  ASP n 
1 69  LYS n 
1 70  ALA n 
1 71  TYR n 
1 72  ILE n 
1 73  GLU n 
1 74  LEU n 
1 75  GLU n 
1 76  GLY n 
1 77  LYS n 
1 78  THR n 
1 79  SER n 
1 80  SER n 
1 81  SER n 
1 82  SER n 
1 83  GLU n 
1 84  VAL n 
1 85  TYR n 
1 86  PRO n 
1 87  PRO n 
1 88  ILE n 
1 89  ASP n 
1 90  ILE n 
1 91  SER n 
1 92  ILE n 
1 93  HIS n 
1 94  GLY n 
1 95  LEU n 
1 96  THR n 
1 97  ASP n 
1 98  ASP n 
1 99  THR n 
1 100 TRP n 
1 101 SER n 
1 102 GLU n 
1 103 THR n 
1 104 ASP n 
1 105 LEU n 
1 106 THR n 
1 107 TRP n 
1 108 ASN n 
1 109 ASN n 
1 110 SER n 
1 111 PRO n 
1 112 ASN n 
1 113 HIS n 
1 114 GLU n 
1 115 PRO n 
1 116 GLY n 
1 117 SER n 
1 118 ALA n 
1 119 LYS n 
1 120 VAL n 
1 121 VAL n 
1 122 GLY n 
1 123 LEU n 
1 124 GLY n 
1 125 GLU n 
1 126 THR n 
1 127 ALA n 
1 128 THR n 
1 129 PHE n 
1 130 LEU n 
1 131 GLY n 
1 132 LYS n 
1 133 VAL n 
1 134 THR n 
1 135 VAL n 
1 136 ASN n 
1 137 PHE n 
1 138 GLY n 
1 139 GLU n 
1 140 TYR n 
1 141 HIS n 
1 142 LYS n 
1 143 VAL n 
1 144 GLU n 
1 145 LEU n 
1 146 ASP n 
1 147 ILE n 
1 148 THR n 
1 149 ASP n 
1 150 TYR n 
1 151 ILE n 
1 152 LYS n 
1 153 ASN n 
1 154 HIS n 
1 155 SER n 
1 156 ASP n 
1 157 ASN n 
1 158 LYS n 
1 159 ASP n 
1 160 GLY n 
1 161 ILE n 
1 162 VAL n 
1 163 ALA n 
1 164 LEU n 
1 165 MSE n 
1 166 ILE n 
1 167 SER n 
1 168 ASP n 
1 169 GLN n 
1 170 ASP n 
1 171 GLN n 
1 172 ASN n 
1 173 ASN n 
1 174 ALA n 
1 175 TYR n 
1 176 GLY n 
1 177 TRP n 
1 178 PHE n 
1 179 ARG n 
1 180 SER n 
1 181 THR n 
1 182 GLN n 
1 183 GLU n 
1 184 THR n 
1 185 SER n 
1 186 GLU n 
1 187 ASP n 
1 188 THR n 
1 189 TYR n 
1 190 PRO n 
1 191 LYS n 
1 192 LEU n 
1 193 ILE n 
1 194 LEU n 
1 195 VAL n 
1 196 GLY n 
1 197 LYS n 
1 198 THR n 
1 199 GLU n 
1 200 GLU n 
1 201 ILE n 
1 202 VAL n 
1 203 LEU n 
# 
_entity_src_gen.entity_id                          1 
_entity_src_gen.pdbx_src_id                        1 
_entity_src_gen.pdbx_alt_source_flag               sample 
_entity_src_gen.pdbx_seq_type                      'Biological sequence' 
_entity_src_gen.pdbx_beg_seq_num                   1 
_entity_src_gen.pdbx_end_seq_num                   203 
_entity_src_gen.gene_src_common_name               ? 
_entity_src_gen.gene_src_genus                     ? 
_entity_src_gen.pdbx_gene_src_gene                 Dp0100 
_entity_src_gen.gene_src_species                   ? 
_entity_src_gen.gene_src_strain                    ? 
_entity_src_gen.gene_src_tissue                    ? 
_entity_src_gen.gene_src_tissue_fraction           ? 
_entity_src_gen.gene_src_details                   ? 
_entity_src_gen.pdbx_gene_src_fragment             ? 
_entity_src_gen.pdbx_gene_src_scientific_name      'Defluviitalea phaphyphila' 
_entity_src_gen.pdbx_gene_src_ncbi_taxonomy_id     1473580 
_entity_src_gen.pdbx_gene_src_variant              ? 
_entity_src_gen.pdbx_gene_src_cell_line            ? 
_entity_src_gen.pdbx_gene_src_atcc                 ? 
_entity_src_gen.pdbx_gene_src_organ                ? 
_entity_src_gen.pdbx_gene_src_organelle            ? 
_entity_src_gen.pdbx_gene_src_cell                 ? 
_entity_src_gen.pdbx_gene_src_cellular_location    ? 
_entity_src_gen.host_org_common_name               ? 
_entity_src_gen.pdbx_host_org_scientific_name      'Escherichia coli BL21(DE3)' 
_entity_src_gen.pdbx_host_org_ncbi_taxonomy_id     469008 
_entity_src_gen.host_org_genus                     ? 
_entity_src_gen.pdbx_host_org_gene                 ? 
_entity_src_gen.pdbx_host_org_organ                ? 
_entity_src_gen.host_org_species                   ? 
_entity_src_gen.pdbx_host_org_tissue               ? 
_entity_src_gen.pdbx_host_org_tissue_fraction      ? 
_entity_src_gen.pdbx_host_org_strain               ? 
_entity_src_gen.pdbx_host_org_variant              ? 
_entity_src_gen.pdbx_host_org_cell_line            ? 
_entity_src_gen.pdbx_host_org_atcc                 ? 
_entity_src_gen.pdbx_host_org_culture_collection   ? 
_entity_src_gen.pdbx_host_org_cell                 ? 
_entity_src_gen.pdbx_host_org_organelle            ? 
_entity_src_gen.pdbx_host_org_cellular_location    ? 
_entity_src_gen.pdbx_host_org_vector_type          plasmid 
_entity_src_gen.pdbx_host_org_vector               ? 
_entity_src_gen.host_org_details                   ? 
_entity_src_gen.expression_system_id               ? 
_entity_src_gen.plasmid_name                       'pEasy E1' 
_entity_src_gen.plasmid_details                    ? 
_entity_src_gen.pdbx_description                   ? 
# 
loop_
_chem_comp.id 
_chem_comp.type 
_chem_comp.mon_nstd_flag 
_chem_comp.name 
_chem_comp.pdbx_synonyms 
_chem_comp.formula 
_chem_comp.formula_weight 
ALA 'L-peptide linking' y ALANINE          ? 'C3 H7 N O2'     89.093  
ARG 'L-peptide linking' y ARGININE         ? 'C6 H15 N4 O2 1' 175.209 
ASN 'L-peptide linking' y ASPARAGINE       ? 'C4 H8 N2 O3'    132.118 
ASP 'L-peptide linking' y 'ASPARTIC ACID'  ? 'C4 H7 N O4'     133.103 
CA  non-polymer         . 'CALCIUM ION'    ? 'Ca 2'           40.078  
GLN 'L-peptide linking' y GLUTAMINE        ? 'C5 H10 N2 O3'   146.144 
GLU 'L-peptide linking' y 'GLUTAMIC ACID'  ? 'C5 H9 N O4'     147.129 
GLY 'peptide linking'   y GLYCINE          ? 'C2 H5 N O2'     75.067  
HIS 'L-peptide linking' y HISTIDINE        ? 'C6 H10 N3 O2 1' 156.162 
HOH non-polymer         . WATER            ? 'H2 O'           18.015  
ILE 'L-peptide linking' y ISOLEUCINE       ? 'C6 H13 N O2'    131.173 
LEU 'L-peptide linking' y LEUCINE          ? 'C6 H13 N O2'    131.173 
LYS 'L-peptide linking' y LYSINE           ? 'C6 H15 N2 O2 1' 147.195 
MSE 'L-peptide linking' n SELENOMETHIONINE ? 'C5 H11 N O2 Se' 196.106 
PHE 'L-peptide linking' y PHENYLALANINE    ? 'C9 H11 N O2'    165.189 
PRO 'L-peptide linking' y PROLINE          ? 'C5 H9 N O2'     115.130 
SER 'L-peptide linking' y SERINE           ? 'C3 H7 N O3'     105.093 
SO4 non-polymer         . 'SULFATE ION'    ? 'O4 S -2'        96.063  
THR 'L-peptide linking' y THREONINE        ? 'C4 H9 N O3'     119.119 
TRP 'L-peptide linking' y TRYPTOPHAN       ? 'C11 H12 N2 O2'  204.225 
TYR 'L-peptide linking' y TYROSINE         ? 'C9 H11 N O3'    181.189 
VAL 'L-peptide linking' y VALINE           ? 'C5 H11 N O2'    117.146 
# 
loop_
_pdbx_poly_seq_scheme.asym_id 
_pdbx_poly_seq_scheme.entity_id 
_pdbx_poly_seq_scheme.seq_id 
_pdbx_poly_seq_scheme.mon_id 
_pdbx_poly_seq_scheme.ndb_seq_num 
_pdbx_poly_seq_scheme.pdb_seq_num 
_pdbx_poly_seq_scheme.auth_seq_num 
_pdbx_poly_seq_scheme.pdb_mon_id 
_pdbx_poly_seq_scheme.auth_mon_id 
_pdbx_poly_seq_scheme.pdb_strand_id 
_pdbx_poly_seq_scheme.pdb_ins_code 
_pdbx_poly_seq_scheme.hetero 
A 1 1   ARG 1   -15 ?   ?   ?   A . n 
A 1 2   GLY 2   -14 ?   ?   ?   A . n 
A 1 3   SER 3   -13 ?   ?   ?   A . n 
A 1 4   HIS 4   -12 ?   ?   ?   A . n 
A 1 5   HIS 5   -11 ?   ?   ?   A . n 
A 1 6   HIS 6   -10 ?   ?   ?   A . n 
A 1 7   HIS 7   -9  ?   ?   ?   A . n 
A 1 8   HIS 8   -8  ?   ?   ?   A . n 
A 1 9   HIS 9   -7  ?   ?   ?   A . n 
A 1 10  GLY 10  -6  ?   ?   ?   A . n 
A 1 11  MSE 11  -5  ?   ?   ?   A . n 
A 1 12  ALA 12  -4  ?   ?   ?   A . n 
A 1 13  SER 13  -3  ?   ?   ?   A . n 
A 1 14  GLU 14  -2  -2  GLU GLU A . n 
A 1 15  LEU 15  -1  -1  LEU LEU A . n 
A 1 16  ALA 16  0   0   ALA ALA A . n 
A 1 17  PRO 17  1   1   PRO PRO A . n 
A 1 18  THR 18  2   2   THR THR A . n 
A 1 19  ASP 19  3   3   ASP ASP A . n 
A 1 20  ASP 20  4   4   ASP ASP A . n 
A 1 21  THR 21  5   5   THR THR A . n 
A 1 22  TYR 22  6   6   TYR TYR A . n 
A 1 23  VAL 23  7   7   VAL VAL A . n 
A 1 24  GLU 24  8   8   GLU GLU A . n 
A 1 25  ASN 25  9   9   ASN ASN A . n 
A 1 26  LYS 26  10  10  LYS LYS A . n 
A 1 27  SER 27  11  11  SER SER A . n 
A 1 28  SER 28  12  12  SER SER A . n 
A 1 29  THR 29  13  13  THR THR A . n 
A 1 30  VAL 30  14  14  VAL VAL A . n 
A 1 31  ASP 31  15  15  ASP ASP A . n 
A 1 32  SER 32  16  16  SER SER A . n 
A 1 33  ASN 33  17  17  ASN ASN A . n 
A 1 34  PHE 34  18  18  PHE PHE A . n 
A 1 35  ALA 35  19  19  ALA ALA A . n 
A 1 36  THR 36  20  20  THR THR A . n 
A 1 37  SER 37  21  21  SER SER A . n 
A 1 38  LYS 38  22  22  LYS LYS A . n 
A 1 39  GLN 39  23  23  GLN GLN A . n 
A 1 40  LEU 40  24  24  LEU LEU A . n 
A 1 41  LYS 41  25  25  LYS LYS A . n 
A 1 42  PHE 42  26  26  PHE PHE A . n 
A 1 43  LYS 43  27  27  LYS LYS A . n 
A 1 44  GLY 44  28  28  GLY GLY A . n 
A 1 45  THR 45  29  29  THR THR A . n 
A 1 46  SER 46  30  30  SER SER A . n 
A 1 47  LYS 47  31  31  LYS LYS A . n 
A 1 48  GLY 48  32  32  GLY GLY A . n 
A 1 49  SER 49  33  33  SER SER A . n 
A 1 50  ASP 50  34  34  ASP ASP A . n 
A 1 51  ASP 51  35  35  ASP ASP A . n 
A 1 52  ARG 52  36  36  ARG ARG A . n 
A 1 53  ILE 53  37  37  ILE ILE A . n 
A 1 54  GLY 54  38  38  GLY GLY A . n 
A 1 55  TYR 55  39  39  TYR TYR A . n 
A 1 56  LEU 56  40  40  LEU LEU A . n 
A 1 57  LYS 57  41  41  LYS LYS A . n 
A 1 58  PHE 58  42  42  PHE PHE A . n 
A 1 59  ASP 59  43  43  ASP ASP A . n 
A 1 60  ILE 60  44  44  ILE ILE A . n 
A 1 61  SER 61  45  45  SER SER A . n 
A 1 62  ASN 62  46  46  ASN ASN A . n 
A 1 63  PHE 63  47  47  PHE PHE A . n 
A 1 64  LYS 64  48  48  LYS LYS A . n 
A 1 65  GLY 65  49  49  GLY GLY A . n 
A 1 66  GLU 66  50  50  GLU GLU A . n 
A 1 67  ILE 67  51  51  ILE ILE A . n 
A 1 68  ASP 68  52  52  ASP ASP A . n 
A 1 69  LYS 69  53  53  LYS LYS A . n 
A 1 70  ALA 70  54  54  ALA ALA A . n 
A 1 71  TYR 71  55  55  TYR TYR A . n 
A 1 72  ILE 72  56  56  ILE ILE A . n 
A 1 73  GLU 73  57  57  GLU GLU A . n 
A 1 74  LEU 74  58  58  LEU LEU A . n 
A 1 75  GLU 75  59  59  GLU GLU A . n 
A 1 76  GLY 76  60  60  GLY GLY A . n 
A 1 77  LYS 77  61  61  LYS LYS A . n 
A 1 78  THR 78  62  62  THR THR A . n 
A 1 79  SER 79  63  63  SER SER A . n 
A 1 80  SER 80  64  64  SER SER A . n 
A 1 81  SER 81  65  65  SER SER A . n 
A 1 82  SER 82  66  66  SER SER A . n 
A 1 83  GLU 83  67  67  GLU GLU A . n 
A 1 84  VAL 84  68  68  VAL VAL A . n 
A 1 85  TYR 85  69  69  TYR TYR A . n 
A 1 86  PRO 86  70  70  PRO PRO A . n 
A 1 87  PRO 87  71  71  PRO PRO A . n 
A 1 88  ILE 88  72  72  ILE ILE A . n 
A 1 89  ASP 89  73  73  ASP ASP A . n 
A 1 90  ILE 90  74  74  ILE ILE A . n 
A 1 91  SER 91  75  75  SER SER A . n 
A 1 92  ILE 92  76  76  ILE ILE A . n 
A 1 93  HIS 93  77  77  HIS HIS A . n 
A 1 94  GLY 94  78  78  GLY GLY A . n 
A 1 95  LEU 95  79  79  LEU LEU A . n 
A 1 96  THR 96  80  80  THR THR A . n 
A 1 97  ASP 97  81  81  ASP ASP A . n 
A 1 98  ASP 98  82  82  ASP ASP A . n 
A 1 99  THR 99  83  83  THR THR A . n 
A 1 100 TRP 100 84  84  TRP TRP A . n 
A 1 101 SER 101 85  85  SER SER A . n 
A 1 102 GLU 102 86  86  GLU GLU A . n 
A 1 103 THR 103 87  87  THR THR A . n 
A 1 104 ASP 104 88  88  ASP ASP A . n 
A 1 105 LEU 105 89  89  LEU LEU A . n 
A 1 106 THR 106 90  90  THR THR A . n 
A 1 107 TRP 107 91  91  TRP TRP A . n 
A 1 108 ASN 108 92  92  ASN ASN A . n 
A 1 109 ASN 109 93  93  ASN ASN A . n 
A 1 110 SER 110 94  94  SER SER A . n 
A 1 111 PRO 111 95  95  PRO PRO A . n 
A 1 112 ASN 112 96  96  ASN ASN A . n 
A 1 113 HIS 113 97  97  HIS HIS A . n 
A 1 114 GLU 114 98  98  GLU GLU A . n 
A 1 115 PRO 115 99  99  PRO PRO A . n 
A 1 116 GLY 116 100 100 GLY GLY A . n 
A 1 117 SER 117 101 101 SER SER A . n 
A 1 118 ALA 118 102 102 ALA ALA A . n 
A 1 119 LYS 119 103 103 LYS LYS A . n 
A 1 120 VAL 120 104 104 VAL VAL A . n 
A 1 121 VAL 121 105 105 VAL VAL A . n 
A 1 122 GLY 122 106 106 GLY GLY A . n 
A 1 123 LEU 123 107 107 LEU LEU A . n 
A 1 124 GLY 124 108 108 GLY GLY A . n 
A 1 125 GLU 125 109 109 GLU GLU A . n 
A 1 126 THR 126 110 110 THR THR A . n 
A 1 127 ALA 127 111 111 ALA ALA A . n 
A 1 128 THR 128 112 112 THR THR A . n 
A 1 129 PHE 129 113 113 PHE PHE A . n 
A 1 130 LEU 130 114 114 LEU LEU A . n 
A 1 131 GLY 131 115 115 GLY GLY A . n 
A 1 132 LYS 132 116 116 LYS LYS A . n 
A 1 133 VAL 133 117 117 VAL VAL A . n 
A 1 134 THR 134 118 118 THR THR A . n 
A 1 135 VAL 135 119 119 VAL VAL A . n 
A 1 136 ASN 136 120 120 ASN ASN A . n 
A 1 137 PHE 137 121 121 PHE PHE A . n 
A 1 138 GLY 138 122 122 GLY GLY A . n 
A 1 139 GLU 139 123 123 GLU GLU A . n 
A 1 140 TYR 140 124 124 TYR TYR A . n 
A 1 141 HIS 141 125 125 HIS HIS A . n 
A 1 142 LYS 142 126 126 LYS LYS A . n 
A 1 143 VAL 143 127 127 VAL VAL A . n 
A 1 144 GLU 144 128 128 GLU GLU A . n 
A 1 145 LEU 145 129 129 LEU LEU A . n 
A 1 146 ASP 146 130 130 ASP ASP A . n 
A 1 147 ILE 147 131 131 ILE ILE A . n 
A 1 148 THR 148 132 132 THR THR A . n 
A 1 149 ASP 149 133 133 ASP ASP A . n 
A 1 150 TYR 150 134 134 TYR TYR A . n 
A 1 151 ILE 151 135 135 ILE ILE A . n 
A 1 152 LYS 152 136 136 LYS LYS A . n 
A 1 153 ASN 153 137 137 ASN ASN A . n 
A 1 154 HIS 154 138 138 HIS HIS A . n 
A 1 155 SER 155 139 139 SER SER A . n 
A 1 156 ASP 156 140 140 ASP ASP A . n 
A 1 157 ASN 157 141 141 ASN ASN A . n 
A 1 158 LYS 158 142 142 LYS LYS A . n 
A 1 159 ASP 159 143 143 ASP ASP A . n 
A 1 160 GLY 160 144 144 GLY GLY A . n 
A 1 161 ILE 161 145 145 ILE ILE A . n 
A 1 162 VAL 162 146 146 VAL VAL A . n 
A 1 163 ALA 163 147 147 ALA ALA A . n 
A 1 164 LEU 164 148 148 LEU LEU A . n 
A 1 165 MSE 165 149 149 MSE MSE A . n 
A 1 166 ILE 166 150 150 ILE ILE A . n 
A 1 167 SER 167 151 151 SER SER A . n 
A 1 168 ASP 168 152 152 ASP ASP A . n 
A 1 169 GLN 169 153 153 GLN GLN A . n 
A 1 170 ASP 170 154 154 ASP ASP A . n 
A 1 171 GLN 171 155 155 GLN GLN A . n 
A 1 172 ASN 172 156 156 ASN ASN A . n 
A 1 173 ASN 173 157 157 ASN ASN A . n 
A 1 174 ALA 174 158 158 ALA ALA A . n 
A 1 175 TYR 175 159 159 TYR TYR A . n 
A 1 176 GLY 176 160 160 GLY GLY A . n 
A 1 177 TRP 177 161 161 TRP TRP A . n 
A 1 178 PHE 178 162 162 PHE PHE A . n 
A 1 179 ARG 179 163 163 ARG ARG A . n 
A 1 180 SER 180 164 164 SER SER A . n 
A 1 181 THR 181 165 165 THR THR A . n 
A 1 182 GLN 182 166 166 GLN GLN A . n 
A 1 183 GLU 183 167 167 GLU GLU A . n 
A 1 184 THR 184 168 168 THR THR A . n 
A 1 185 SER 185 169 169 SER SER A . n 
A 1 186 GLU 186 170 170 GLU GLU A . n 
A 1 187 ASP 187 171 171 ASP ASP A . n 
A 1 188 THR 188 172 172 THR THR A . n 
A 1 189 TYR 189 173 173 TYR TYR A . n 
A 1 190 PRO 190 174 174 PRO PRO A . n 
A 1 191 LYS 191 175 175 LYS LYS A . n 
A 1 192 LEU 192 176 176 LEU LEU A . n 
A 1 193 ILE 193 177 177 ILE ILE A . n 
A 1 194 LEU 194 178 178 LEU LEU A . n 
A 1 195 VAL 195 179 179 VAL VAL A . n 
A 1 196 GLY 196 180 ?   ?   ?   A . n 
A 1 197 LYS 197 181 ?   ?   ?   A . n 
A 1 198 THR 198 182 ?   ?   ?   A . n 
A 1 199 GLU 199 183 ?   ?   ?   A . n 
A 1 200 GLU 200 184 ?   ?   ?   A . n 
A 1 201 ILE 201 185 ?   ?   ?   A . n 
A 1 202 VAL 202 186 ?   ?   ?   A . n 
A 1 203 LEU 203 187 ?   ?   ?   A . n 
# 
_pdbx_entity_instance_feature.ordinal        1 
_pdbx_entity_instance_feature.comp_id        SO4 
_pdbx_entity_instance_feature.asym_id        ? 
_pdbx_entity_instance_feature.seq_num        ? 
_pdbx_entity_instance_feature.auth_comp_id   SO4 
_pdbx_entity_instance_feature.auth_asym_id   ? 
_pdbx_entity_instance_feature.auth_seq_num   ? 
_pdbx_entity_instance_feature.feature_type   'SUBJECT OF INVESTIGATION' 
_pdbx_entity_instance_feature.details        ? 
# 
loop_
_pdbx_nonpoly_scheme.asym_id 
_pdbx_nonpoly_scheme.entity_id 
_pdbx_nonpoly_scheme.mon_id 
_pdbx_nonpoly_scheme.ndb_seq_num 
_pdbx_nonpoly_scheme.pdb_seq_num 
_pdbx_nonpoly_scheme.auth_seq_num 
_pdbx_nonpoly_scheme.pdb_mon_id 
_pdbx_nonpoly_scheme.auth_mon_id 
_pdbx_nonpoly_scheme.pdb_strand_id 
_pdbx_nonpoly_scheme.pdb_ins_code 
B 2 CA  1   201 1   CA  CA  A . 
C 3 SO4 1   202 1   SO4 SO4 A . 
D 4 HOH 1   301 89  HOH HOH A . 
D 4 HOH 2   302 115 HOH HOH A . 
D 4 HOH 3   303 136 HOH HOH A . 
D 4 HOH 4   304 111 HOH HOH A . 
D 4 HOH 5   305 110 HOH HOH A . 
D 4 HOH 6   306 130 HOH HOH A . 
D 4 HOH 7   307 38  HOH HOH A . 
D 4 HOH 8   308 21  HOH HOH A . 
D 4 HOH 9   309 49  HOH HOH A . 
D 4 HOH 10  310 12  HOH HOH A . 
D 4 HOH 11  311 15  HOH HOH A . 
D 4 HOH 12  312 22  HOH HOH A . 
D 4 HOH 13  313 6   HOH HOH A . 
D 4 HOH 14  314 32  HOH HOH A . 
D 4 HOH 15  315 104 HOH HOH A . 
D 4 HOH 16  316 8   HOH HOH A . 
D 4 HOH 17  317 29  HOH HOH A . 
D 4 HOH 18  318 53  HOH HOH A . 
D 4 HOH 19  319 117 HOH HOH A . 
D 4 HOH 20  320 78  HOH HOH A . 
D 4 HOH 21  321 20  HOH HOH A . 
D 4 HOH 22  322 44  HOH HOH A . 
D 4 HOH 23  323 23  HOH HOH A . 
D 4 HOH 24  324 70  HOH HOH A . 
D 4 HOH 25  325 47  HOH HOH A . 
D 4 HOH 26  326 77  HOH HOH A . 
D 4 HOH 27  327 31  HOH HOH A . 
D 4 HOH 28  328 4   HOH HOH A . 
D 4 HOH 29  329 10  HOH HOH A . 
D 4 HOH 30  330 18  HOH HOH A . 
D 4 HOH 31  331 13  HOH HOH A . 
D 4 HOH 32  332 14  HOH HOH A . 
D 4 HOH 33  333 116 HOH HOH A . 
D 4 HOH 34  334 84  HOH HOH A . 
D 4 HOH 35  335 105 HOH HOH A . 
D 4 HOH 36  336 60  HOH HOH A . 
D 4 HOH 37  337 3   HOH HOH A . 
D 4 HOH 38  338 98  HOH HOH A . 
D 4 HOH 39  339 122 HOH HOH A . 
D 4 HOH 40  340 2   HOH HOH A . 
D 4 HOH 41  341 30  HOH HOH A . 
D 4 HOH 42  342 81  HOH HOH A . 
D 4 HOH 43  343 61  HOH HOH A . 
D 4 HOH 44  344 16  HOH HOH A . 
D 4 HOH 45  345 72  HOH HOH A . 
D 4 HOH 46  346 46  HOH HOH A . 
D 4 HOH 47  347 102 HOH HOH A . 
D 4 HOH 48  348 40  HOH HOH A . 
D 4 HOH 49  349 36  HOH HOH A . 
D 4 HOH 50  350 7   HOH HOH A . 
D 4 HOH 51  351 124 HOH HOH A . 
D 4 HOH 52  352 42  HOH HOH A . 
D 4 HOH 53  353 132 HOH HOH A . 
D 4 HOH 54  354 24  HOH HOH A . 
D 4 HOH 55  355 74  HOH HOH A . 
D 4 HOH 56  356 148 HOH HOH A . 
D 4 HOH 57  357 28  HOH HOH A . 
D 4 HOH 58  358 27  HOH HOH A . 
D 4 HOH 59  359 57  HOH HOH A . 
D 4 HOH 60  360 108 HOH HOH A . 
D 4 HOH 61  361 97  HOH HOH A . 
D 4 HOH 62  362 101 HOH HOH A . 
D 4 HOH 63  363 1   HOH HOH A . 
D 4 HOH 64  364 45  HOH HOH A . 
D 4 HOH 65  365 43  HOH HOH A . 
D 4 HOH 66  366 48  HOH HOH A . 
D 4 HOH 67  367 55  HOH HOH A . 
D 4 HOH 68  368 5   HOH HOH A . 
D 4 HOH 69  369 134 HOH HOH A . 
D 4 HOH 70  370 35  HOH HOH A . 
D 4 HOH 71  371 11  HOH HOH A . 
D 4 HOH 72  372 56  HOH HOH A . 
D 4 HOH 73  373 9   HOH HOH A . 
D 4 HOH 74  374 118 HOH HOH A . 
D 4 HOH 75  375 39  HOH HOH A . 
D 4 HOH 76  376 69  HOH HOH A . 
D 4 HOH 77  377 86  HOH HOH A . 
D 4 HOH 78  378 94  HOH HOH A . 
D 4 HOH 79  379 88  HOH HOH A . 
D 4 HOH 80  380 50  HOH HOH A . 
D 4 HOH 81  381 103 HOH HOH A . 
D 4 HOH 82  382 106 HOH HOH A . 
D 4 HOH 83  383 91  HOH HOH A . 
D 4 HOH 84  384 62  HOH HOH A . 
D 4 HOH 85  385 41  HOH HOH A . 
D 4 HOH 86  386 128 HOH HOH A . 
D 4 HOH 87  387 129 HOH HOH A . 
D 4 HOH 88  388 80  HOH HOH A . 
D 4 HOH 89  389 66  HOH HOH A . 
D 4 HOH 90  390 100 HOH HOH A . 
D 4 HOH 91  391 19  HOH HOH A . 
D 4 HOH 92  392 71  HOH HOH A . 
D 4 HOH 93  393 26  HOH HOH A . 
D 4 HOH 94  394 99  HOH HOH A . 
D 4 HOH 95  395 82  HOH HOH A . 
D 4 HOH 96  396 59  HOH HOH A . 
D 4 HOH 97  397 25  HOH HOH A . 
D 4 HOH 98  398 96  HOH HOH A . 
D 4 HOH 99  399 85  HOH HOH A . 
D 4 HOH 100 400 67  HOH HOH A . 
D 4 HOH 101 401 52  HOH HOH A . 
D 4 HOH 102 402 142 HOH HOH A . 
D 4 HOH 103 403 58  HOH HOH A . 
D 4 HOH 104 404 51  HOH HOH A . 
D 4 HOH 105 405 90  HOH HOH A . 
D 4 HOH 106 406 64  HOH HOH A . 
D 4 HOH 107 407 63  HOH HOH A . 
D 4 HOH 108 408 121 HOH HOH A . 
D 4 HOH 109 409 33  HOH HOH A . 
D 4 HOH 110 410 54  HOH HOH A . 
D 4 HOH 111 411 107 HOH HOH A . 
D 4 HOH 112 412 75  HOH HOH A . 
D 4 HOH 113 413 17  HOH HOH A . 
D 4 HOH 114 414 87  HOH HOH A . 
D 4 HOH 115 415 34  HOH HOH A . 
D 4 HOH 116 416 146 HOH HOH A . 
D 4 HOH 117 417 120 HOH HOH A . 
D 4 HOH 118 418 151 HOH HOH A . 
D 4 HOH 119 419 95  HOH HOH A . 
D 4 HOH 120 420 68  HOH HOH A . 
D 4 HOH 121 421 113 HOH HOH A . 
D 4 HOH 122 422 92  HOH HOH A . 
D 4 HOH 123 423 133 HOH HOH A . 
D 4 HOH 124 424 93  HOH HOH A . 
D 4 HOH 125 425 73  HOH HOH A . 
D 4 HOH 126 426 65  HOH HOH A . 
D 4 HOH 127 427 114 HOH HOH A . 
D 4 HOH 128 428 139 HOH HOH A . 
D 4 HOH 129 429 125 HOH HOH A . 
D 4 HOH 130 430 135 HOH HOH A . 
D 4 HOH 131 431 137 HOH HOH A . 
D 4 HOH 132 432 141 HOH HOH A . 
D 4 HOH 133 433 149 HOH HOH A . 
D 4 HOH 134 434 112 HOH HOH A . 
D 4 HOH 135 435 79  HOH HOH A . 
D 4 HOH 136 436 154 HOH HOH A . 
D 4 HOH 137 437 145 HOH HOH A . 
D 4 HOH 138 438 140 HOH HOH A . 
D 4 HOH 139 439 126 HOH HOH A . 
D 4 HOH 140 440 155 HOH HOH A . 
D 4 HOH 141 441 83  HOH HOH A . 
D 4 HOH 142 442 144 HOH HOH A . 
D 4 HOH 143 443 143 HOH HOH A . 
D 4 HOH 144 444 76  HOH HOH A . 
D 4 HOH 145 445 37  HOH HOH A . 
# 
loop_
_software.citation_id 
_software.classification 
_software.compiler_name 
_software.compiler_version 
_software.contact_author 
_software.contact_author_email 
_software.date 
_software.description 
_software.dependencies 
_software.hardware 
_software.language 
_software.location 
_software.mods 
_software.name 
_software.os 
_software.os_version 
_software.type 
_software.version 
_software.pdbx_ordinal 
? refinement        ? ? ? ? ? ? ? ? ? ? ? REFMAC      ? ? ? 5.8.0267 1 
? 'data scaling'    ? ? ? ? ? ? ? ? ? ? ? Aimless     ? ? ? 0.7.7    2 
? 'data extraction' ? ? ? ? ? ? ? ? ? ? ? PDB_EXTRACT ? ? ? 3.27     3 
? 'data reduction'  ? ? ? ? ? ? ? ? ? ? ? XDS         ? ? ? .        4 
? phasing           ? ? ? ? ? ? ? ? ? ? ? CRANK2      ? ? ? .        5 
# 
_cell.angle_alpha                  90.000 
_cell.angle_alpha_esd              ? 
_cell.angle_beta                   90.000 
_cell.angle_beta_esd               ? 
_cell.angle_gamma                  90.000 
_cell.angle_gamma_esd              ? 
_cell.entry_id                     7VBO 
_cell.details                      ? 
_cell.formula_units_Z              ? 
_cell.length_a                     31.587 
_cell.length_a_esd                 ? 
_cell.length_b                     92.584 
_cell.length_b_esd                 ? 
_cell.length_c                     122.263 
_cell.length_c_esd                 ? 
_cell.volume                       ? 
_cell.volume_esd                   ? 
_cell.Z_PDB                        8 
_cell.reciprocal_angle_alpha       ? 
_cell.reciprocal_angle_beta        ? 
_cell.reciprocal_angle_gamma       ? 
_cell.reciprocal_angle_alpha_esd   ? 
_cell.reciprocal_angle_beta_esd    ? 
_cell.reciprocal_angle_gamma_esd   ? 
_cell.reciprocal_length_a          ? 
_cell.reciprocal_length_b          ? 
_cell.reciprocal_length_c          ? 
_cell.reciprocal_length_a_esd      ? 
_cell.reciprocal_length_b_esd      ? 
_cell.reciprocal_length_c_esd      ? 
_cell.pdbx_unique_axis             ? 
# 
_symmetry.entry_id                         7VBO 
_symmetry.cell_setting                     ? 
_symmetry.Int_Tables_number                20 
_symmetry.space_group_name_Hall            ? 
_symmetry.space_group_name_H-M             'C 2 2 21' 
_symmetry.pdbx_full_space_group_name_H-M   ? 
# 
_exptl.absorpt_coefficient_mu     ? 
_exptl.absorpt_correction_T_max   ? 
_exptl.absorpt_correction_T_min   ? 
_exptl.absorpt_correction_type    ? 
_exptl.absorpt_process_details    ? 
_exptl.entry_id                   7VBO 
_exptl.crystals_number            1 
_exptl.details                    ? 
_exptl.method                     'X-RAY DIFFRACTION' 
_exptl.method_details             ? 
# 
_exptl_crystal.colour                      ? 
_exptl_crystal.density_diffrn              ? 
_exptl_crystal.density_Matthews            2.12 
_exptl_crystal.density_method              ? 
_exptl_crystal.density_percent_sol         37.50 
_exptl_crystal.description                 ? 
_exptl_crystal.F_000                       ? 
_exptl_crystal.id                          1 
_exptl_crystal.preparation                 ? 
_exptl_crystal.size_max                    ? 
_exptl_crystal.size_mid                    ? 
_exptl_crystal.size_min                    ? 
_exptl_crystal.size_rad                    ? 
_exptl_crystal.colour_lustre               ? 
_exptl_crystal.colour_modifier             ? 
_exptl_crystal.colour_primary              ? 
_exptl_crystal.density_meas                ? 
_exptl_crystal.density_meas_esd            ? 
_exptl_crystal.density_meas_gt             ? 
_exptl_crystal.density_meas_lt             ? 
_exptl_crystal.density_meas_temp           ? 
_exptl_crystal.density_meas_temp_esd       ? 
_exptl_crystal.density_meas_temp_gt        ? 
_exptl_crystal.density_meas_temp_lt        ? 
_exptl_crystal.pdbx_crystal_image_url      ? 
_exptl_crystal.pdbx_crystal_image_format   ? 
_exptl_crystal.pdbx_mosaicity              0.140 
_exptl_crystal.pdbx_mosaicity_esd          ? 
# 
_exptl_crystal_grow.apparatus       ? 
_exptl_crystal_grow.atmosphere      ? 
_exptl_crystal_grow.crystal_id      1 
_exptl_crystal_grow.details         ? 
_exptl_crystal_grow.method          EVAPORATION 
_exptl_crystal_grow.method_ref      ? 
_exptl_crystal_grow.pH              8.0 
_exptl_crystal_grow.pressure        ? 
_exptl_crystal_grow.pressure_esd    ? 
_exptl_crystal_grow.seeding         ? 
_exptl_crystal_grow.seeding_ref     ? 
_exptl_crystal_grow.temp            298 
_exptl_crystal_grow.temp_details    ? 
_exptl_crystal_grow.temp_esd        ? 
_exptl_crystal_grow.time            ? 
_exptl_crystal_grow.pdbx_details    '1.8 M lithium sulfate' 
_exptl_crystal_grow.pdbx_pH_range   ? 
# 
_diffrn.ambient_environment              ? 
_diffrn.ambient_temp                     100 
_diffrn.ambient_temp_details             ? 
_diffrn.ambient_temp_esd                 ? 
_diffrn.crystal_id                       1 
_diffrn.crystal_support                  ? 
_diffrn.crystal_treatment                ? 
_diffrn.details                          ? 
_diffrn.id                               1 
_diffrn.ambient_pressure                 ? 
_diffrn.ambient_pressure_esd             ? 
_diffrn.ambient_pressure_gt              ? 
_diffrn.ambient_pressure_lt              ? 
_diffrn.ambient_temp_gt                  ? 
_diffrn.ambient_temp_lt                  ? 
_diffrn.pdbx_serial_crystal_experiment   N 
# 
_diffrn_detector.details                      ? 
_diffrn_detector.detector                     CCD 
_diffrn_detector.diffrn_id                    1 
_diffrn_detector.type                         'ADSC QUANTUM 1' 
_diffrn_detector.area_resol_mean              ? 
_diffrn_detector.dtime                        ? 
_diffrn_detector.pdbx_frames_total            ? 
_diffrn_detector.pdbx_collection_time_total   ? 
_diffrn_detector.pdbx_collection_date         2020-07-12 
_diffrn_detector.pdbx_frequency               ? 
# 
_diffrn_radiation.collimation                      ? 
_diffrn_radiation.diffrn_id                        1 
_diffrn_radiation.filter_edge                      ? 
_diffrn_radiation.inhomogeneity                    ? 
_diffrn_radiation.monochromator                    ? 
_diffrn_radiation.polarisn_norm                    ? 
_diffrn_radiation.polarisn_ratio                   ? 
_diffrn_radiation.probe                            ? 
_diffrn_radiation.type                             ? 
_diffrn_radiation.xray_symbol                      ? 
_diffrn_radiation.wavelength_id                    1 
_diffrn_radiation.pdbx_monochromatic_or_laue_m_l   M 
_diffrn_radiation.pdbx_wavelength_list             ? 
_diffrn_radiation.pdbx_wavelength                  ? 
_diffrn_radiation.pdbx_diffrn_protocol             'SINGLE WAVELENGTH' 
_diffrn_radiation.pdbx_analyzer                    ? 
_diffrn_radiation.pdbx_scattering_type             x-ray 
# 
_diffrn_radiation_wavelength.id           1 
_diffrn_radiation_wavelength.wavelength   0.97928 
_diffrn_radiation_wavelength.wt           1.0 
# 
_diffrn_source.current                     ? 
_diffrn_source.details                     ? 
_diffrn_source.diffrn_id                   1 
_diffrn_source.power                       ? 
_diffrn_source.size                        ? 
_diffrn_source.source                      SYNCHROTRON 
_diffrn_source.target                      ? 
_diffrn_source.type                        'SSRF BEAMLINE BL19U1' 
_diffrn_source.voltage                     ? 
_diffrn_source.take-off_angle              ? 
_diffrn_source.pdbx_wavelength_list        0.97928 
_diffrn_source.pdbx_wavelength             ? 
_diffrn_source.pdbx_synchrotron_beamline   BL19U1 
_diffrn_source.pdbx_synchrotron_site       SSRF 
# 
_reflns.B_iso_Wilson_estimate                          ? 
_reflns.entry_id                                       7VBO 
_reflns.data_reduction_details                         ? 
_reflns.data_reduction_method                          ? 
_reflns.d_resolution_high                              1.35 
_reflns.d_resolution_low                               46.33 
_reflns.details                                        ? 
_reflns.limit_h_max                                    ? 
_reflns.limit_h_min                                    ? 
_reflns.limit_k_max                                    ? 
_reflns.limit_k_min                                    ? 
_reflns.limit_l_max                                    ? 
_reflns.limit_l_min                                    ? 
_reflns.number_all                                     ? 
_reflns.number_obs                                     37994 
_reflns.observed_criterion                             ? 
_reflns.observed_criterion_F_max                       ? 
_reflns.observed_criterion_F_min                       ? 
_reflns.observed_criterion_I_max                       ? 
_reflns.observed_criterion_I_min                       ? 
_reflns.observed_criterion_sigma_F                     ? 
_reflns.observed_criterion_sigma_I                     ? 
_reflns.percent_possible_obs                           99.300 
_reflns.R_free_details                                 ? 
_reflns.Rmerge_F_all                                   ? 
_reflns.Rmerge_F_obs                                   ? 
_reflns.Friedel_coverage                               ? 
_reflns.number_gt                                      ? 
_reflns.threshold_expression                           ? 
_reflns.pdbx_redundancy                                12.800 
_reflns.pdbx_Rmerge_I_obs                              0.051 
_reflns.pdbx_Rmerge_I_all                              ? 
_reflns.pdbx_Rsym_value                                ? 
_reflns.pdbx_netI_over_av_sigmaI                       ? 
_reflns.pdbx_netI_over_sigmaI                          35.000 
_reflns.pdbx_res_netI_over_av_sigmaI_2                 ? 
_reflns.pdbx_res_netI_over_sigmaI_2                    ? 
_reflns.pdbx_chi_squared                               ? 
_reflns.pdbx_scaling_rejects                           ? 
_reflns.pdbx_d_res_high_opt                            ? 
_reflns.pdbx_d_res_low_opt                             ? 
_reflns.pdbx_d_res_opt_method                          ? 
_reflns.phase_calculation_details                      ? 
_reflns.pdbx_Rrim_I_all                                0.053 
_reflns.pdbx_Rpim_I_all                                0.014 
_reflns.pdbx_d_opt                                     ? 
_reflns.pdbx_number_measured_all                       ? 
_reflns.pdbx_diffrn_id                                 1 
_reflns.pdbx_ordinal                                   1 
_reflns.pdbx_CC_half                                   1.000 
_reflns.pdbx_CC_star                                   ? 
_reflns.pdbx_R_split                                   ? 
_reflns.pdbx_aniso_diffraction_limit_axis_1_ortho[1]   ? 
_reflns.pdbx_aniso_diffraction_limit_axis_1_ortho[2]   ? 
_reflns.pdbx_aniso_diffraction_limit_axis_1_ortho[3]   ? 
_reflns.pdbx_aniso_diffraction_limit_axis_2_ortho[1]   ? 
_reflns.pdbx_aniso_diffraction_limit_axis_2_ortho[2]   ? 
_reflns.pdbx_aniso_diffraction_limit_axis_2_ortho[3]   ? 
_reflns.pdbx_aniso_diffraction_limit_axis_3_ortho[1]   ? 
_reflns.pdbx_aniso_diffraction_limit_axis_3_ortho[2]   ? 
_reflns.pdbx_aniso_diffraction_limit_axis_3_ortho[3]   ? 
_reflns.pdbx_aniso_diffraction_limit_1                 ? 
_reflns.pdbx_aniso_diffraction_limit_2                 ? 
_reflns.pdbx_aniso_diffraction_limit_3                 ? 
_reflns.pdbx_aniso_B_tensor_eigenvector_1_ortho[1]     ? 
_reflns.pdbx_aniso_B_tensor_eigenvector_1_ortho[2]     ? 
_reflns.pdbx_aniso_B_tensor_eigenvector_1_ortho[3]     ? 
_reflns.pdbx_aniso_B_tensor_eigenvector_2_ortho[1]     ? 
_reflns.pdbx_aniso_B_tensor_eigenvector_2_ortho[2]     ? 
_reflns.pdbx_aniso_B_tensor_eigenvector_2_ortho[3]     ? 
_reflns.pdbx_aniso_B_tensor_eigenvector_3_ortho[1]     ? 
_reflns.pdbx_aniso_B_tensor_eigenvector_3_ortho[2]     ? 
_reflns.pdbx_aniso_B_tensor_eigenvector_3_ortho[3]     ? 
_reflns.pdbx_aniso_B_tensor_eigenvalue_1               ? 
_reflns.pdbx_aniso_B_tensor_eigenvalue_2               ? 
_reflns.pdbx_aniso_B_tensor_eigenvalue_3               ? 
_reflns.pdbx_orthogonalization_convention              ? 
_reflns.pdbx_percent_possible_ellipsoidal              ? 
_reflns.pdbx_percent_possible_spherical                ? 
_reflns.pdbx_percent_possible_ellipsoidal_anomalous    ? 
_reflns.pdbx_percent_possible_spherical_anomalous      ? 
_reflns.pdbx_redundancy_anomalous                      ? 
_reflns.pdbx_CC_half_anomalous                         ? 
_reflns.pdbx_absDiff_over_sigma_anomalous              ? 
_reflns.pdbx_percent_possible_anomalous                ? 
_reflns.pdbx_observed_signal_threshold                 ? 
_reflns.pdbx_signal_type                               ? 
_reflns.pdbx_signal_details                            ? 
_reflns.pdbx_signal_software_id                        ? 
# 
loop_
_reflns_shell.d_res_high 
_reflns_shell.d_res_low 
_reflns_shell.meanI_over_sigI_all 
_reflns_shell.meanI_over_sigI_obs 
_reflns_shell.number_measured_all 
_reflns_shell.number_measured_obs 
_reflns_shell.number_possible 
_reflns_shell.number_unique_all 
_reflns_shell.number_unique_obs 
_reflns_shell.percent_possible_all 
_reflns_shell.percent_possible_obs 
_reflns_shell.Rmerge_F_all 
_reflns_shell.Rmerge_F_obs 
_reflns_shell.Rmerge_I_all 
_reflns_shell.Rmerge_I_obs 
_reflns_shell.meanI_over_sigI_gt 
_reflns_shell.meanI_over_uI_all 
_reflns_shell.meanI_over_uI_gt 
_reflns_shell.number_measured_gt 
_reflns_shell.number_unique_gt 
_reflns_shell.percent_possible_gt 
_reflns_shell.Rmerge_F_gt 
_reflns_shell.Rmerge_I_gt 
_reflns_shell.pdbx_redundancy 
_reflns_shell.pdbx_Rsym_value 
_reflns_shell.pdbx_chi_squared 
_reflns_shell.pdbx_netI_over_sigmaI_all 
_reflns_shell.pdbx_netI_over_sigmaI_obs 
_reflns_shell.pdbx_Rrim_I_all 
_reflns_shell.pdbx_Rpim_I_all 
_reflns_shell.pdbx_rejects 
_reflns_shell.pdbx_ordinal 
_reflns_shell.pdbx_diffrn_id 
_reflns_shell.pdbx_CC_half 
_reflns_shell.pdbx_CC_star 
_reflns_shell.pdbx_R_split 
_reflns_shell.pdbx_percent_possible_ellipsoidal 
_reflns_shell.pdbx_percent_possible_spherical 
_reflns_shell.pdbx_percent_possible_ellipsoidal_anomalous 
_reflns_shell.pdbx_percent_possible_spherical_anomalous 
_reflns_shell.pdbx_redundancy_anomalous 
_reflns_shell.pdbx_CC_half_anomalous 
_reflns_shell.pdbx_absDiff_over_sigma_anomalous 
_reflns_shell.pdbx_percent_possible_anomalous 
1.35  1.530  ? ? 9740 ? ? ? 1226 86.900 ? ? ? ? 0.294 ? ? ? ? ? ? ? ? 7.900  ? ? ? 5.100  0.313 0.103 ? 1 1 0.965 ? ? ? ? ? ? ? ? 
? ? 
8.230 19.470 ? ? 2378 ? ? ? 197  92.400 ? ? ? ? 0.045 ? ? ? ? ? ? ? ? 12.100 ? ? ? 80.700 0.047 0.013 ? 2 1 0.999 ? ? ? ? ? ? ? ? 
? ? 
# 
_refine.aniso_B[1][1]                            0.0500 
_refine.aniso_B[1][2]                            0.0000 
_refine.aniso_B[1][3]                            0.0000 
_refine.aniso_B[2][2]                            0.7500 
_refine.aniso_B[2][3]                            0.0000 
_refine.aniso_B[3][3]                            -0.8000 
_refine.B_iso_max                                80.130 
_refine.B_iso_mean                               20.0980 
_refine.B_iso_min                                10.940 
_refine.correlation_coeff_Fo_to_Fc               0.9680 
_refine.correlation_coeff_Fo_to_Fc_free          0.9640 
_refine.details                                  
'HYDROGENS HAVE BEEN ADDED IN THE RIDING POSITIONS U VALUES      : REFINED INDIVIDUALLY' 
_refine.diff_density_max                         ? 
_refine.diff_density_max_esd                     ? 
_refine.diff_density_min                         ? 
_refine.diff_density_min_esd                     ? 
_refine.diff_density_rms                         ? 
_refine.diff_density_rms_esd                     ? 
_refine.entry_id                                 7VBO 
_refine.pdbx_refine_id                           'X-RAY DIFFRACTION' 
_refine.ls_abs_structure_details                 ? 
_refine.ls_abs_structure_Flack                   ? 
_refine.ls_abs_structure_Flack_esd               ? 
_refine.ls_abs_structure_Rogers                  ? 
_refine.ls_abs_structure_Rogers_esd              ? 
_refine.ls_d_res_high                            1.500 
_refine.ls_d_res_low                             46.3300 
_refine.ls_extinction_coef                       ? 
_refine.ls_extinction_coef_esd                   ? 
_refine.ls_extinction_expression                 ? 
_refine.ls_extinction_method                     ? 
_refine.ls_goodness_of_fit_all                   ? 
_refine.ls_goodness_of_fit_all_esd               ? 
_refine.ls_goodness_of_fit_obs                   ? 
_refine.ls_goodness_of_fit_obs_esd               ? 
_refine.ls_hydrogen_treatment                    ? 
_refine.ls_matrix_type                           ? 
_refine.ls_number_constraints                    ? 
_refine.ls_number_parameters                     ? 
_refine.ls_number_reflns_all                     ? 
_refine.ls_number_reflns_obs                     37994 
_refine.ls_number_reflns_R_free                  1442 
_refine.ls_number_reflns_R_work                  ? 
_refine.ls_number_restraints                     ? 
_refine.ls_percent_reflns_obs                    99.0600 
_refine.ls_percent_reflns_R_free                 5.0000 
_refine.ls_R_factor_all                          ? 
_refine.ls_R_factor_obs                          0.1809 
_refine.ls_R_factor_R_free                       0.1943 
_refine.ls_R_factor_R_free_error                 ? 
_refine.ls_R_factor_R_free_error_details         ? 
_refine.ls_R_factor_R_work                       0.1802 
_refine.ls_R_Fsqd_factor_obs                     ? 
_refine.ls_R_I_factor_obs                        ? 
_refine.ls_redundancy_reflns_all                 ? 
_refine.ls_redundancy_reflns_obs                 ? 
_refine.ls_restrained_S_all                      ? 
_refine.ls_restrained_S_obs                      ? 
_refine.ls_shift_over_esd_max                    ? 
_refine.ls_shift_over_esd_mean                   ? 
_refine.ls_structure_factor_coef                 ? 
_refine.ls_weighting_details                     ? 
_refine.ls_weighting_scheme                      ? 
_refine.ls_wR_factor_all                         ? 
_refine.ls_wR_factor_obs                         ? 
_refine.ls_wR_factor_R_free                      ? 
_refine.ls_wR_factor_R_work                      ? 
_refine.occupancy_max                            ? 
_refine.occupancy_min                            ? 
_refine.solvent_model_details                    MASK 
_refine.solvent_model_param_bsol                 ? 
_refine.solvent_model_param_ksol                 ? 
_refine.pdbx_R_complete                          ? 
_refine.ls_R_factor_gt                           ? 
_refine.ls_goodness_of_fit_gt                    ? 
_refine.ls_goodness_of_fit_ref                   ? 
_refine.ls_shift_over_su_max                     ? 
_refine.ls_shift_over_su_max_lt                  ? 
_refine.ls_shift_over_su_mean                    ? 
_refine.ls_shift_over_su_mean_lt                 ? 
_refine.pdbx_ls_sigma_I                          ? 
_refine.pdbx_ls_sigma_F                          0.000 
_refine.pdbx_ls_sigma_Fsqd                       ? 
_refine.pdbx_data_cutoff_high_absF               ? 
_refine.pdbx_data_cutoff_high_rms_absF           ? 
_refine.pdbx_data_cutoff_low_absF                ? 
_refine.pdbx_isotropic_thermal_model             ? 
_refine.pdbx_ls_cross_valid_method               THROUGHOUT 
_refine.pdbx_method_to_determine_struct          SAD 
_refine.pdbx_starting_model                      ? 
_refine.pdbx_stereochemistry_target_values       'MAXIMUM LIKELIHOOD' 
_refine.pdbx_R_Free_selection_details            RANDOM 
_refine.pdbx_stereochem_target_val_spec_case     ? 
_refine.pdbx_overall_ESU_R                       0.0550 
_refine.pdbx_overall_ESU_R_Free                  0.0540 
_refine.pdbx_solvent_vdw_probe_radii             1.2000 
_refine.pdbx_solvent_ion_probe_radii             0.8000 
_refine.pdbx_solvent_shrinkage_radii             0.8000 
_refine.pdbx_real_space_R                        ? 
_refine.pdbx_density_correlation                 ? 
_refine.pdbx_pd_number_of_powder_patterns        ? 
_refine.pdbx_pd_number_of_points                 ? 
_refine.pdbx_pd_meas_number_of_points            ? 
_refine.pdbx_pd_proc_ls_prof_R_factor            ? 
_refine.pdbx_pd_proc_ls_prof_wR_factor           ? 
_refine.pdbx_pd_Marquardt_correlation_coeff      ? 
_refine.pdbx_pd_Fsqrd_R_factor                   ? 
_refine.pdbx_pd_ls_matrix_band_width             ? 
_refine.pdbx_overall_phase_error                 ? 
_refine.pdbx_overall_SU_R_free_Cruickshank_DPI   ? 
_refine.pdbx_overall_SU_R_free_Blow_DPI          ? 
_refine.pdbx_overall_SU_R_Blow_DPI               ? 
_refine.pdbx_TLS_residual_ADP_flag               ? 
_refine.pdbx_diffrn_id                           1 
_refine.overall_SU_B                             0.8620 
_refine.overall_SU_ML                            0.0360 
_refine.overall_SU_R_Cruickshank_DPI             ? 
_refine.overall_SU_R_free                        ? 
_refine.overall_FOM_free_R_set                   ? 
_refine.overall_FOM_work_R_set                   ? 
_refine.pdbx_average_fsc_overall                 ? 
_refine.pdbx_average_fsc_work                    ? 
_refine.pdbx_average_fsc_free                    ? 
# 
_refine_hist.pdbx_refine_id                   'X-RAY DIFFRACTION' 
_refine_hist.cycle_id                         final 
_refine_hist.details                          ? 
_refine_hist.d_res_high                       1.500 
_refine_hist.d_res_low                        46.3300 
_refine_hist.number_atoms_solvent             145 
_refine_hist.number_atoms_total               1580 
_refine_hist.number_reflns_all                ? 
_refine_hist.number_reflns_obs                ? 
_refine_hist.number_reflns_R_free             ? 
_refine_hist.number_reflns_R_work             ? 
_refine_hist.R_factor_all                     ? 
_refine_hist.R_factor_obs                     ? 
_refine_hist.R_factor_R_free                  ? 
_refine_hist.R_factor_R_work                  ? 
_refine_hist.pdbx_number_residues_total       182 
_refine_hist.pdbx_B_iso_mean_ligand           36.94 
_refine_hist.pdbx_B_iso_mean_solvent          28.56 
_refine_hist.pdbx_number_atoms_protein        1429 
_refine_hist.pdbx_number_atoms_nucleic_acid   0 
_refine_hist.pdbx_number_atoms_ligand         6 
_refine_hist.pdbx_number_atoms_lipid          ? 
_refine_hist.pdbx_number_atoms_carb           ? 
_refine_hist.pdbx_pseudo_atom_details         ? 
# 
loop_
_refine_ls_restr.pdbx_refine_id 
_refine_ls_restr.criterion 
_refine_ls_restr.dev_ideal 
_refine_ls_restr.dev_ideal_target 
_refine_ls_restr.number 
_refine_ls_restr.rejects 
_refine_ls_restr.type 
_refine_ls_restr.weight 
_refine_ls_restr.pdbx_restraint_function 
'X-RAY DIFFRACTION' ? 0.014  0.013  1463 ? r_bond_refined_d       ? ? 
'X-RAY DIFFRACTION' ? 0.001  0.018  1309 ? r_bond_other_d         ? ? 
'X-RAY DIFFRACTION' ? 1.871  1.644  1986 ? r_angle_refined_deg    ? ? 
'X-RAY DIFFRACTION' ? 1.472  1.591  3046 ? r_angle_other_deg      ? ? 
'X-RAY DIFFRACTION' ? 7.989  5.000  181  ? r_dihedral_angle_1_deg ? ? 
'X-RAY DIFFRACTION' ? 39.146 25.833 72   ? r_dihedral_angle_2_deg ? ? 
'X-RAY DIFFRACTION' ? 12.075 15.000 245  ? r_dihedral_angle_3_deg ? ? 
'X-RAY DIFFRACTION' ? 9.897  15.000 2    ? r_dihedral_angle_4_deg ? ? 
'X-RAY DIFFRACTION' ? 0.093  0.200  198  ? r_chiral_restr         ? ? 
'X-RAY DIFFRACTION' ? 0.011  0.020  1664 ? r_gen_planes_refined   ? ? 
'X-RAY DIFFRACTION' ? 0.001  0.020  308  ? r_gen_planes_other     ? ? 
# 
_refine_ls_shell.pdbx_refine_id                   'X-RAY DIFFRACTION' 
_refine_ls_shell.d_res_high                       1.50 
_refine_ls_shell.d_res_low                        1.50 
_refine_ls_shell.number_reflns_all                ? 
_refine_ls_shell.number_reflns_obs                ? 
_refine_ls_shell.number_reflns_R_free             147 
_refine_ls_shell.number_reflns_R_work             2796 
_refine_ls_shell.percent_reflns_obs               99.5300 
_refine_ls_shell.percent_reflns_R_free            ? 
_refine_ls_shell.R_factor_all                     ? 
_refine_ls_shell.R_factor_obs                     ? 
_refine_ls_shell.R_factor_R_free                  0.3000 
_refine_ls_shell.R_factor_R_free_error            0.0000 
_refine_ls_shell.R_factor_R_work                  0.2550 
_refine_ls_shell.redundancy_reflns_all            ? 
_refine_ls_shell.redundancy_reflns_obs            ? 
_refine_ls_shell.wR_factor_all                    ? 
_refine_ls_shell.wR_factor_obs                    ? 
_refine_ls_shell.wR_factor_R_free                 ? 
_refine_ls_shell.wR_factor_R_work                 ? 
_refine_ls_shell.pdbx_R_complete                  ? 
_refine_ls_shell.pdbx_total_number_of_bins_used   ? 
_refine_ls_shell.pdbx_phase_error                 ? 
_refine_ls_shell.pdbx_fsc_work                    ? 
_refine_ls_shell.pdbx_fsc_free                    ? 
# 
_struct.entry_id                     7VBO 
_struct.title                        'Alginate binding domain CBM' 
_struct.pdbx_model_details           ? 
_struct.pdbx_formula_weight          ? 
_struct.pdbx_formula_weight_method   ? 
_struct.pdbx_model_type_details      ? 
_struct.pdbx_CASP_flag               N 
# 
_struct_keywords.entry_id        7VBO 
_struct_keywords.text            'beta sandwich, SUGAR BINDING PROTEIN' 
_struct_keywords.pdbx_keywords   'SUGAR BINDING PROTEIN' 
# 
loop_
_struct_asym.id 
_struct_asym.pdbx_blank_PDB_chainid_flag 
_struct_asym.pdbx_modified 
_struct_asym.entity_id 
_struct_asym.details 
A N N 1 ? 
B N N 2 ? 
C N N 3 ? 
D N N 4 ? 
# 
_struct_ref.id                         1 
_struct_ref.db_name                    UNP 
_struct_ref.db_code                    A0A4Y5UXE1_9FIRM 
_struct_ref.pdbx_db_accession          A0A4Y5UXE1 
_struct_ref.pdbx_db_isoform            ? 
_struct_ref.entity_id                  1 
_struct_ref.pdbx_seq_one_letter_code   
;PTDDTYVENKSSTVDSNFATSKQLKFKGTSKGSDDRIGYLKFDISNFKGEIDKAYIELEGKTSSSSEVYPPIDISIHGLT
DDTWSETDLTWNNSPNHEPGSAKVVGLGETATFLGKVTVNFGEYHKVELDITDYIKNHSDNKDGIVALMISDQDQNNAYG
WFRSTQETSEDTYPKLILVGKTEEIVL
;
_struct_ref.pdbx_align_begin           1306 
# 
_struct_ref_seq.align_id                      1 
_struct_ref_seq.ref_id                        1 
_struct_ref_seq.pdbx_PDB_id_code              7VBO 
_struct_ref_seq.pdbx_strand_id                A 
_struct_ref_seq.seq_align_beg                 17 
_struct_ref_seq.pdbx_seq_align_beg_ins_code   ? 
_struct_ref_seq.seq_align_end                 203 
_struct_ref_seq.pdbx_seq_align_end_ins_code   ? 
_struct_ref_seq.pdbx_db_accession             A0A4Y5UXE1 
_struct_ref_seq.db_align_beg                  1306 
_struct_ref_seq.pdbx_db_align_beg_ins_code    ? 
_struct_ref_seq.db_align_end                  1492 
_struct_ref_seq.pdbx_db_align_end_ins_code    ? 
_struct_ref_seq.pdbx_auth_seq_align_beg       1 
_struct_ref_seq.pdbx_auth_seq_align_end       187 
# 
loop_
_struct_ref_seq_dif.align_id 
_struct_ref_seq_dif.pdbx_pdb_id_code 
_struct_ref_seq_dif.mon_id 
_struct_ref_seq_dif.pdbx_pdb_strand_id 
_struct_ref_seq_dif.seq_num 
_struct_ref_seq_dif.pdbx_pdb_ins_code 
_struct_ref_seq_dif.pdbx_seq_db_name 
_struct_ref_seq_dif.pdbx_seq_db_accession_code 
_struct_ref_seq_dif.db_mon_id 
_struct_ref_seq_dif.pdbx_seq_db_seq_num 
_struct_ref_seq_dif.details 
_struct_ref_seq_dif.pdbx_auth_seq_num 
_struct_ref_seq_dif.pdbx_ordinal 
1 7VBO ARG A 1  ? UNP A0A4Y5UXE1 ? ? 'expression tag' -15 1  
1 7VBO GLY A 2  ? UNP A0A4Y5UXE1 ? ? 'expression tag' -14 2  
1 7VBO SER A 3  ? UNP A0A4Y5UXE1 ? ? 'expression tag' -13 3  
1 7VBO HIS A 4  ? UNP A0A4Y5UXE1 ? ? 'expression tag' -12 4  
1 7VBO HIS A 5  ? UNP A0A4Y5UXE1 ? ? 'expression tag' -11 5  
1 7VBO HIS A 6  ? UNP A0A4Y5UXE1 ? ? 'expression tag' -10 6  
1 7VBO HIS A 7  ? UNP A0A4Y5UXE1 ? ? 'expression tag' -9  7  
1 7VBO HIS A 8  ? UNP A0A4Y5UXE1 ? ? 'expression tag' -8  8  
1 7VBO HIS A 9  ? UNP A0A4Y5UXE1 ? ? 'expression tag' -7  9  
1 7VBO GLY A 10 ? UNP A0A4Y5UXE1 ? ? 'expression tag' -6  10 
1 7VBO MSE A 11 ? UNP A0A4Y5UXE1 ? ? 'expression tag' -5  11 
1 7VBO ALA A 12 ? UNP A0A4Y5UXE1 ? ? 'expression tag' -4  12 
1 7VBO SER A 13 ? UNP A0A4Y5UXE1 ? ? 'expression tag' -3  13 
1 7VBO GLU A 14 ? UNP A0A4Y5UXE1 ? ? 'expression tag' -2  14 
1 7VBO LEU A 15 ? UNP A0A4Y5UXE1 ? ? 'expression tag' -1  15 
1 7VBO ALA A 16 ? UNP A0A4Y5UXE1 ? ? 'expression tag' 0   16 
# 
_pdbx_struct_assembly.id                   1 
_pdbx_struct_assembly.details              author_and_software_defined_assembly 
_pdbx_struct_assembly.method_details       PISA 
_pdbx_struct_assembly.oligomeric_details   monomeric 
_pdbx_struct_assembly.oligomeric_count     1 
# 
loop_
_pdbx_struct_assembly_prop.biol_id 
_pdbx_struct_assembly_prop.type 
_pdbx_struct_assembly_prop.value 
_pdbx_struct_assembly_prop.details 
1 'ABSA (A^2)' 170  ? 
1 MORE         -11  ? 
1 'SSA (A^2)'  8440 ? 
# 
_pdbx_struct_assembly_gen.assembly_id       1 
_pdbx_struct_assembly_gen.oper_expression   1 
_pdbx_struct_assembly_gen.asym_id_list      A,B,C,D 
# 
_pdbx_struct_assembly_auth_evidence.id                     1 
_pdbx_struct_assembly_auth_evidence.assembly_id            1 
_pdbx_struct_assembly_auth_evidence.experimental_support   'gel filtration' 
_pdbx_struct_assembly_auth_evidence.details                ? 
# 
_pdbx_struct_oper_list.id                   1 
_pdbx_struct_oper_list.type                 'identity operation' 
_pdbx_struct_oper_list.name                 1_555 
_pdbx_struct_oper_list.symmetry_operation   x,y,z 
_pdbx_struct_oper_list.matrix[1][1]         1.0000000000 
_pdbx_struct_oper_list.matrix[1][2]         0.0000000000 
_pdbx_struct_oper_list.matrix[1][3]         0.0000000000 
_pdbx_struct_oper_list.vector[1]            0.0000000000 
_pdbx_struct_oper_list.matrix[2][1]         0.0000000000 
_pdbx_struct_oper_list.matrix[2][2]         1.0000000000 
_pdbx_struct_oper_list.matrix[2][3]         0.0000000000 
_pdbx_struct_oper_list.vector[2]            0.0000000000 
_pdbx_struct_oper_list.matrix[3][1]         0.0000000000 
_pdbx_struct_oper_list.matrix[3][2]         0.0000000000 
_pdbx_struct_oper_list.matrix[3][3]         1.0000000000 
_pdbx_struct_oper_list.vector[3]            0.0000000000 
# 
loop_
_struct_conf.conf_type_id 
_struct_conf.id 
_struct_conf.pdbx_PDB_helix_id 
_struct_conf.beg_label_comp_id 
_struct_conf.beg_label_asym_id 
_struct_conf.beg_label_seq_id 
_struct_conf.pdbx_beg_PDB_ins_code 
_struct_conf.end_label_comp_id 
_struct_conf.end_label_asym_id 
_struct_conf.end_label_seq_id 
_struct_conf.pdbx_end_PDB_ins_code 
_struct_conf.beg_auth_comp_id 
_struct_conf.beg_auth_asym_id 
_struct_conf.beg_auth_seq_id 
_struct_conf.end_auth_comp_id 
_struct_conf.end_auth_asym_id 
_struct_conf.end_auth_seq_id 
_struct_conf.pdbx_PDB_helix_class 
_struct_conf.details 
_struct_conf.pdbx_PDB_helix_length 
HELX_P HELX_P1 AA1 ILE A 147 ? HIS A 154 ? ILE A 131 HIS A 138 1 ? 8 
HELX_P HELX_P2 AA2 SER A 155 ? LYS A 158 ? SER A 139 LYS A 142 5 ? 4 
HELX_P HELX_P3 AA3 SER A 185 ? TYR A 189 ? SER A 169 TYR A 173 5 ? 5 
# 
_struct_conf_type.id          HELX_P 
_struct_conf_type.criteria    ? 
_struct_conf_type.reference   ? 
# 
loop_
_struct_conn.id 
_struct_conn.conn_type_id 
_struct_conn.pdbx_leaving_atom_flag 
_struct_conn.pdbx_PDB_id 
_struct_conn.ptnr1_label_asym_id 
_struct_conn.ptnr1_label_comp_id 
_struct_conn.ptnr1_label_seq_id 
_struct_conn.ptnr1_label_atom_id 
_struct_conn.pdbx_ptnr1_label_alt_id 
_struct_conn.pdbx_ptnr1_PDB_ins_code 
_struct_conn.pdbx_ptnr1_standard_comp_id 
_struct_conn.ptnr1_symmetry 
_struct_conn.ptnr2_label_asym_id 
_struct_conn.ptnr2_label_comp_id 
_struct_conn.ptnr2_label_seq_id 
_struct_conn.ptnr2_label_atom_id 
_struct_conn.pdbx_ptnr2_label_alt_id 
_struct_conn.pdbx_ptnr2_PDB_ins_code 
_struct_conn.ptnr1_auth_asym_id 
_struct_conn.ptnr1_auth_comp_id 
_struct_conn.ptnr1_auth_seq_id 
_struct_conn.ptnr2_auth_asym_id 
_struct_conn.ptnr2_auth_comp_id 
_struct_conn.ptnr2_auth_seq_id 
_struct_conn.ptnr2_symmetry 
_struct_conn.pdbx_ptnr3_label_atom_id 
_struct_conn.pdbx_ptnr3_label_seq_id 
_struct_conn.pdbx_ptnr3_label_comp_id 
_struct_conn.pdbx_ptnr3_label_asym_id 
_struct_conn.pdbx_ptnr3_label_alt_id 
_struct_conn.pdbx_ptnr3_PDB_ins_code 
_struct_conn.details 
_struct_conn.pdbx_dist_value 
_struct_conn.pdbx_value_order 
_struct_conn.pdbx_role 
covale1 covale both ? A LEU 164 C   ? ? ? 1_555 A MSE 165 N  ? ? A LEU 148 A MSE 149 1_555 ? ? ? ? ? ? ? 1.324 ? ? 
covale2 covale both ? A MSE 165 C   ? ? ? 1_555 A ILE 166 N  ? ? A MSE 149 A ILE 150 1_555 ? ? ? ? ? ? ? 1.316 ? ? 
metalc1 metalc ?    ? A ASP 98  OD2 ? ? ? 1_555 B CA  .   CA ? ? A ASP 82  A CA  201 1_555 ? ? ? ? ? ? ? 2.268 ? ? 
metalc2 metalc ?    ? A ASP 156 O   ? ? ? 1_555 B CA  .   CA ? ? A ASP 140 A CA  201 1_555 ? ? ? ? ? ? ? 2.309 ? ? 
metalc3 metalc ?    ? A ASP 159 OD1 ? ? ? 1_555 B CA  .   CA ? ? A ASP 143 A CA  201 1_555 ? ? ? ? ? ? ? 2.483 ? ? 
metalc4 metalc ?    ? A ASP 159 OD2 ? ? ? 1_555 B CA  .   CA ? ? A ASP 143 A CA  201 1_555 ? ? ? ? ? ? ? 2.608 ? ? 
metalc5 metalc ?    ? A ILE 161 O   ? ? ? 1_555 B CA  .   CA ? ? A ILE 145 A CA  201 1_555 ? ? ? ? ? ? ? 2.358 ? ? 
metalc6 metalc ?    ? B CA  .   CA  ? ? ? 1_555 D HOH .   O  ? ? A CA  201 A HOH 350 1_555 ? ? ? ? ? ? ? 2.457 ? ? 
metalc7 metalc ?    ? B CA  .   CA  ? ? ? 1_555 D HOH .   O  ? ? A CA  201 A HOH 371 1_555 ? ? ? ? ? ? ? 2.416 ? ? 
# 
loop_
_struct_conn_type.id 
_struct_conn_type.criteria 
_struct_conn_type.reference 
covale ? ? 
metalc ? ? 
# 
loop_
_pdbx_struct_conn_angle.id 
_pdbx_struct_conn_angle.ptnr1_label_atom_id 
_pdbx_struct_conn_angle.ptnr1_label_alt_id 
_pdbx_struct_conn_angle.ptnr1_label_asym_id 
_pdbx_struct_conn_angle.ptnr1_label_comp_id 
_pdbx_struct_conn_angle.ptnr1_label_seq_id 
_pdbx_struct_conn_angle.ptnr1_auth_atom_id 
_pdbx_struct_conn_angle.ptnr1_auth_asym_id 
_pdbx_struct_conn_angle.ptnr1_auth_comp_id 
_pdbx_struct_conn_angle.ptnr1_auth_seq_id 
_pdbx_struct_conn_angle.ptnr1_PDB_ins_code 
_pdbx_struct_conn_angle.ptnr1_symmetry 
_pdbx_struct_conn_angle.ptnr2_label_atom_id 
_pdbx_struct_conn_angle.ptnr2_label_alt_id 
_pdbx_struct_conn_angle.ptnr2_label_asym_id 
_pdbx_struct_conn_angle.ptnr2_label_comp_id 
_pdbx_struct_conn_angle.ptnr2_label_seq_id 
_pdbx_struct_conn_angle.ptnr2_auth_atom_id 
_pdbx_struct_conn_angle.ptnr2_auth_asym_id 
_pdbx_struct_conn_angle.ptnr2_auth_comp_id 
_pdbx_struct_conn_angle.ptnr2_auth_seq_id 
_pdbx_struct_conn_angle.ptnr2_PDB_ins_code 
_pdbx_struct_conn_angle.ptnr2_symmetry 
_pdbx_struct_conn_angle.ptnr3_label_atom_id 
_pdbx_struct_conn_angle.ptnr3_label_alt_id 
_pdbx_struct_conn_angle.ptnr3_label_asym_id 
_pdbx_struct_conn_angle.ptnr3_label_comp_id 
_pdbx_struct_conn_angle.ptnr3_label_seq_id 
_pdbx_struct_conn_angle.ptnr3_auth_atom_id 
_pdbx_struct_conn_angle.ptnr3_auth_asym_id 
_pdbx_struct_conn_angle.ptnr3_auth_comp_id 
_pdbx_struct_conn_angle.ptnr3_auth_seq_id 
_pdbx_struct_conn_angle.ptnr3_PDB_ins_code 
_pdbx_struct_conn_angle.ptnr3_symmetry 
_pdbx_struct_conn_angle.value 
_pdbx_struct_conn_angle.value_esd 
1  OD2 ? A ASP 98  ? A ASP 82  ? 1_555 CA ? B CA . ? A CA 201 ? 1_555 O   ? A ASP 156 ? A ASP 140 ? 1_555 166.4 ? 
2  OD2 ? A ASP 98  ? A ASP 82  ? 1_555 CA ? B CA . ? A CA 201 ? 1_555 OD1 ? A ASP 159 ? A ASP 143 ? 1_555 95.5  ? 
3  O   ? A ASP 156 ? A ASP 140 ? 1_555 CA ? B CA . ? A CA 201 ? 1_555 OD1 ? A ASP 159 ? A ASP 143 ? 1_555 86.0  ? 
4  OD2 ? A ASP 98  ? A ASP 82  ? 1_555 CA ? B CA . ? A CA 201 ? 1_555 OD2 ? A ASP 159 ? A ASP 143 ? 1_555 84.2  ? 
5  O   ? A ASP 156 ? A ASP 140 ? 1_555 CA ? B CA . ? A CA 201 ? 1_555 OD2 ? A ASP 159 ? A ASP 143 ? 1_555 86.4  ? 
6  OD1 ? A ASP 159 ? A ASP 143 ? 1_555 CA ? B CA . ? A CA 201 ? 1_555 OD2 ? A ASP 159 ? A ASP 143 ? 1_555 50.4  ? 
7  OD2 ? A ASP 98  ? A ASP 82  ? 1_555 CA ? B CA . ? A CA 201 ? 1_555 O   ? A ILE 161 ? A ILE 145 ? 1_555 97.2  ? 
8  O   ? A ASP 156 ? A ASP 140 ? 1_555 CA ? B CA . ? A CA 201 ? 1_555 O   ? A ILE 161 ? A ILE 145 ? 1_555 96.3  ? 
9  OD1 ? A ASP 159 ? A ASP 143 ? 1_555 CA ? B CA . ? A CA 201 ? 1_555 O   ? A ILE 161 ? A ILE 145 ? 1_555 79.8  ? 
10 OD2 ? A ASP 159 ? A ASP 143 ? 1_555 CA ? B CA . ? A CA 201 ? 1_555 O   ? A ILE 161 ? A ILE 145 ? 1_555 129.8 ? 
11 OD2 ? A ASP 98  ? A ASP 82  ? 1_555 CA ? B CA . ? A CA 201 ? 1_555 O   ? D HOH .   ? A HOH 350 ? 1_555 82.5  ? 
12 O   ? A ASP 156 ? A ASP 140 ? 1_555 CA ? B CA . ? A CA 201 ? 1_555 O   ? D HOH .   ? A HOH 350 ? 1_555 85.6  ? 
13 OD1 ? A ASP 159 ? A ASP 143 ? 1_555 CA ? B CA . ? A CA 201 ? 1_555 O   ? D HOH .   ? A HOH 350 ? 1_555 124.1 ? 
14 OD2 ? A ASP 159 ? A ASP 143 ? 1_555 CA ? B CA . ? A CA 201 ? 1_555 O   ? D HOH .   ? A HOH 350 ? 1_555 74.0  ? 
15 O   ? A ILE 161 ? A ILE 145 ? 1_555 CA ? B CA . ? A CA 201 ? 1_555 O   ? D HOH .   ? A HOH 350 ? 1_555 156.1 ? 
16 OD2 ? A ASP 98  ? A ASP 82  ? 1_555 CA ? B CA . ? A CA 201 ? 1_555 O   ? D HOH .   ? A HOH 371 ? 1_555 95.2  ? 
17 O   ? A ASP 156 ? A ASP 140 ? 1_555 CA ? B CA . ? A CA 201 ? 1_555 O   ? D HOH .   ? A HOH 371 ? 1_555 88.5  ? 
18 OD1 ? A ASP 159 ? A ASP 143 ? 1_555 CA ? B CA . ? A CA 201 ? 1_555 O   ? D HOH .   ? A HOH 371 ? 1_555 156.7 ? 
19 OD2 ? A ASP 159 ? A ASP 143 ? 1_555 CA ? B CA . ? A CA 201 ? 1_555 O   ? D HOH .   ? A HOH 371 ? 1_555 151.7 ? 
20 O   ? A ILE 161 ? A ILE 145 ? 1_555 CA ? B CA . ? A CA 201 ? 1_555 O   ? D HOH .   ? A HOH 371 ? 1_555 78.4  ? 
21 O   ? D HOH .   ? A HOH 350 ? 1_555 CA ? B CA . ? A CA 201 ? 1_555 O   ? D HOH .   ? A HOH 371 ? 1_555 77.9  ? 
# 
_pdbx_modification_feature.ordinal                            1 
_pdbx_modification_feature.label_comp_id                      MSE 
_pdbx_modification_feature.label_asym_id                      A 
_pdbx_modification_feature.label_seq_id                       165 
_pdbx_modification_feature.label_alt_id                       ? 
_pdbx_modification_feature.modified_residue_label_comp_id     . 
_pdbx_modification_feature.modified_residue_label_asym_id     . 
_pdbx_modification_feature.modified_residue_label_seq_id      . 
_pdbx_modification_feature.modified_residue_label_alt_id      . 
_pdbx_modification_feature.auth_comp_id                       MSE 
_pdbx_modification_feature.auth_asym_id                       A 
_pdbx_modification_feature.auth_seq_id                        149 
_pdbx_modification_feature.PDB_ins_code                       ? 
_pdbx_modification_feature.symmetry                           1_555 
_pdbx_modification_feature.modified_residue_auth_comp_id      . 
_pdbx_modification_feature.modified_residue_auth_asym_id      . 
_pdbx_modification_feature.modified_residue_auth_seq_id       . 
_pdbx_modification_feature.modified_residue_PDB_ins_code      . 
_pdbx_modification_feature.modified_residue_symmetry          . 
_pdbx_modification_feature.comp_id_linking_atom               . 
_pdbx_modification_feature.modified_residue_id_linking_atom   . 
_pdbx_modification_feature.modified_residue_id                MET 
_pdbx_modification_feature.ref_pcm_id                         1 
_pdbx_modification_feature.ref_comp_id                        MSE 
_pdbx_modification_feature.type                               Selenomethionine 
_pdbx_modification_feature.category                           'Named protein modification' 
# 
loop_
_struct_sheet.id 
_struct_sheet.type 
_struct_sheet.number_strands 
_struct_sheet.details 
AA1 ? 5 ? 
AA2 ? 4 ? 
AA3 ? 4 ? 
# 
loop_
_struct_sheet_order.sheet_id 
_struct_sheet_order.range_id_1 
_struct_sheet_order.range_id_2 
_struct_sheet_order.offset 
_struct_sheet_order.sense 
AA1 1 2 ? anti-parallel 
AA1 2 3 ? anti-parallel 
AA1 3 4 ? anti-parallel 
AA1 4 5 ? anti-parallel 
AA2 1 2 ? anti-parallel 
AA2 2 3 ? anti-parallel 
AA2 3 4 ? anti-parallel 
AA3 1 2 ? anti-parallel 
AA3 2 3 ? anti-parallel 
AA3 3 4 ? anti-parallel 
# 
loop_
_struct_sheet_range.sheet_id 
_struct_sheet_range.id 
_struct_sheet_range.beg_label_comp_id 
_struct_sheet_range.beg_label_asym_id 
_struct_sheet_range.beg_label_seq_id 
_struct_sheet_range.pdbx_beg_PDB_ins_code 
_struct_sheet_range.end_label_comp_id 
_struct_sheet_range.end_label_asym_id 
_struct_sheet_range.end_label_seq_id 
_struct_sheet_range.pdbx_end_PDB_ins_code 
_struct_sheet_range.beg_auth_comp_id 
_struct_sheet_range.beg_auth_asym_id 
_struct_sheet_range.beg_auth_seq_id 
_struct_sheet_range.end_auth_comp_id 
_struct_sheet_range.end_auth_asym_id 
_struct_sheet_range.end_auth_seq_id 
AA1 1 ASP A 19  ? GLU A 24  ? ASP A 3   GLU A 8   
AA1 2 ARG A 52  ? ASP A 59  ? ARG A 36  ASP A 43  
AA1 3 ILE A 161 ? SER A 167 ? ILE A 145 SER A 151 
AA1 4 ILE A 88  ? LEU A 95  ? ILE A 72  LEU A 79  
AA1 5 ALA A 127 ? VAL A 135 ? ALA A 111 VAL A 119 
AA2 1 GLN A 39  ? PHE A 42  ? GLN A 23  PHE A 26  
AA2 2 GLY A 176 ? ARG A 179 ? GLY A 160 ARG A 163 
AA2 3 LYS A 69  ? THR A 78  ? LYS A 53  THR A 62  
AA2 4 HIS A 141 ? ASP A 146 ? HIS A 125 ASP A 130 
AA3 1 GLN A 39  ? PHE A 42  ? GLN A 23  PHE A 26  
AA3 2 GLY A 176 ? ARG A 179 ? GLY A 160 ARG A 163 
AA3 3 LYS A 69  ? THR A 78  ? LYS A 53  THR A 62  
AA3 4 LYS A 191 ? VAL A 195 ? LYS A 175 VAL A 179 
# 
loop_
_pdbx_struct_sheet_hbond.sheet_id 
_pdbx_struct_sheet_hbond.range_id_1 
_pdbx_struct_sheet_hbond.range_id_2 
_pdbx_struct_sheet_hbond.range_1_label_atom_id 
_pdbx_struct_sheet_hbond.range_1_label_comp_id 
_pdbx_struct_sheet_hbond.range_1_label_asym_id 
_pdbx_struct_sheet_hbond.range_1_label_seq_id 
_pdbx_struct_sheet_hbond.range_1_PDB_ins_code 
_pdbx_struct_sheet_hbond.range_1_auth_atom_id 
_pdbx_struct_sheet_hbond.range_1_auth_comp_id 
_pdbx_struct_sheet_hbond.range_1_auth_asym_id 
_pdbx_struct_sheet_hbond.range_1_auth_seq_id 
_pdbx_struct_sheet_hbond.range_2_label_atom_id 
_pdbx_struct_sheet_hbond.range_2_label_comp_id 
_pdbx_struct_sheet_hbond.range_2_label_asym_id 
_pdbx_struct_sheet_hbond.range_2_label_seq_id 
_pdbx_struct_sheet_hbond.range_2_PDB_ins_code 
_pdbx_struct_sheet_hbond.range_2_auth_atom_id 
_pdbx_struct_sheet_hbond.range_2_auth_comp_id 
_pdbx_struct_sheet_hbond.range_2_auth_asym_id 
_pdbx_struct_sheet_hbond.range_2_auth_seq_id 
AA1 1 2 N THR A 21  ? N THR A 5   O TYR A 55  ? O TYR A 39  
AA1 2 3 N GLY A 54  ? N GLY A 38  O ILE A 166 ? O ILE A 150 
AA1 3 4 O ALA A 163 ? O ALA A 147 N LEU A 95  ? N LEU A 79  
AA1 4 5 N ILE A 88  ? N ILE A 72  O VAL A 135 ? O VAL A 119 
AA2 1 2 N PHE A 42  ? N PHE A 26  O GLY A 176 ? O GLY A 160 
AA2 2 3 O ARG A 179 ? O ARG A 163 N GLU A 75  ? N GLU A 59  
AA2 3 4 N LEU A 74  ? N LEU A 58  O VAL A 143 ? O VAL A 127 
AA3 1 2 N PHE A 42  ? N PHE A 26  O GLY A 176 ? O GLY A 160 
AA3 2 3 O ARG A 179 ? O ARG A 163 N GLU A 75  ? N GLU A 59  
AA3 3 4 N TYR A 71  ? N TYR A 55  O ILE A 193 ? O ILE A 177 
# 
_pdbx_entry_details.entry_id                   7VBO 
_pdbx_entry_details.nonpolymer_details         ? 
_pdbx_entry_details.sequence_details           ? 
_pdbx_entry_details.compound_details           ? 
_pdbx_entry_details.source_details             ? 
_pdbx_entry_details.has_ligand_of_interest     Y 
_pdbx_entry_details.has_protein_modification   Y 
# 
_pdbx_validate_torsion.id              1 
_pdbx_validate_torsion.PDB_model_num   1 
_pdbx_validate_torsion.auth_comp_id    GLU 
_pdbx_validate_torsion.auth_asym_id    A 
_pdbx_validate_torsion.auth_seq_id     109 
_pdbx_validate_torsion.PDB_ins_code    ? 
_pdbx_validate_torsion.label_alt_id    ? 
_pdbx_validate_torsion.phi             -128.29 
_pdbx_validate_torsion.psi             -57.07 
# 
_pdbx_struct_mod_residue.id               1 
_pdbx_struct_mod_residue.label_asym_id    A 
_pdbx_struct_mod_residue.label_comp_id    MSE 
_pdbx_struct_mod_residue.label_seq_id     165 
_pdbx_struct_mod_residue.auth_asym_id     A 
_pdbx_struct_mod_residue.auth_comp_id     MSE 
_pdbx_struct_mod_residue.auth_seq_id      149 
_pdbx_struct_mod_residue.PDB_ins_code     ? 
_pdbx_struct_mod_residue.parent_comp_id   MET 
_pdbx_struct_mod_residue.details          'modified residue' 
# 
loop_
_pdbx_struct_special_symmetry.id 
_pdbx_struct_special_symmetry.PDB_model_num 
_pdbx_struct_special_symmetry.auth_asym_id 
_pdbx_struct_special_symmetry.auth_comp_id 
_pdbx_struct_special_symmetry.auth_seq_id 
_pdbx_struct_special_symmetry.PDB_ins_code 
_pdbx_struct_special_symmetry.label_asym_id 
_pdbx_struct_special_symmetry.label_comp_id 
_pdbx_struct_special_symmetry.label_seq_id 
1 1 A HOH 380 ? D HOH . 
2 1 A HOH 417 ? D HOH . 
# 
loop_
_pdbx_unobs_or_zero_occ_residues.id 
_pdbx_unobs_or_zero_occ_residues.PDB_model_num 
_pdbx_unobs_or_zero_occ_residues.polymer_flag 
_pdbx_unobs_or_zero_occ_residues.occupancy_flag 
_pdbx_unobs_or_zero_occ_residues.auth_asym_id 
_pdbx_unobs_or_zero_occ_residues.auth_comp_id 
_pdbx_unobs_or_zero_occ_residues.auth_seq_id 
_pdbx_unobs_or_zero_occ_residues.PDB_ins_code 
_pdbx_unobs_or_zero_occ_residues.label_asym_id 
_pdbx_unobs_or_zero_occ_residues.label_comp_id 
_pdbx_unobs_or_zero_occ_residues.label_seq_id 
1  1 Y 1 A ARG -15 ? A ARG 1   
2  1 Y 1 A GLY -14 ? A GLY 2   
3  1 Y 1 A SER -13 ? A SER 3   
4  1 Y 1 A HIS -12 ? A HIS 4   
5  1 Y 1 A HIS -11 ? A HIS 5   
6  1 Y 1 A HIS -10 ? A HIS 6   
7  1 Y 1 A HIS -9  ? A HIS 7   
8  1 Y 1 A HIS -8  ? A HIS 8   
9  1 Y 1 A HIS -7  ? A HIS 9   
10 1 Y 1 A GLY -6  ? A GLY 10  
11 1 Y 1 A MSE -5  ? A MSE 11  
12 1 Y 1 A ALA -4  ? A ALA 12  
13 1 Y 1 A SER -3  ? A SER 13  
14 1 Y 1 A GLY 180 ? A GLY 196 
15 1 Y 1 A LYS 181 ? A LYS 197 
16 1 Y 1 A THR 182 ? A THR 198 
17 1 Y 1 A GLU 183 ? A GLU 199 
18 1 Y 1 A GLU 184 ? A GLU 200 
19 1 Y 1 A ILE 185 ? A ILE 201 
20 1 Y 1 A VAL 186 ? A VAL 202 
21 1 Y 1 A LEU 187 ? A LEU 203 
# 
loop_
_chem_comp_atom.comp_id 
_chem_comp_atom.atom_id 
_chem_comp_atom.type_symbol 
_chem_comp_atom.pdbx_aromatic_flag 
_chem_comp_atom.pdbx_stereo_config 
_chem_comp_atom.pdbx_ordinal 
ALA N    N  N N 1   
ALA CA   C  N S 2   
ALA C    C  N N 3   
ALA O    O  N N 4   
ALA CB   C  N N 5   
ALA OXT  O  N N 6   
ALA H    H  N N 7   
ALA H2   H  N N 8   
ALA HA   H  N N 9   
ALA HB1  H  N N 10  
ALA HB2  H  N N 11  
ALA HB3  H  N N 12  
ALA HXT  H  N N 13  
ARG N    N  N N 14  
ARG CA   C  N S 15  
ARG C    C  N N 16  
ARG O    O  N N 17  
ARG CB   C  N N 18  
ARG CG   C  N N 19  
ARG CD   C  N N 20  
ARG NE   N  N N 21  
ARG CZ   C  N N 22  
ARG NH1  N  N N 23  
ARG NH2  N  N N 24  
ARG OXT  O  N N 25  
ARG H    H  N N 26  
ARG H2   H  N N 27  
ARG HA   H  N N 28  
ARG HB2  H  N N 29  
ARG HB3  H  N N 30  
ARG HG2  H  N N 31  
ARG HG3  H  N N 32  
ARG HD2  H  N N 33  
ARG HD3  H  N N 34  
ARG HE   H  N N 35  
ARG HH11 H  N N 36  
ARG HH12 H  N N 37  
ARG HH21 H  N N 38  
ARG HH22 H  N N 39  
ARG HXT  H  N N 40  
ASN N    N  N N 41  
ASN CA   C  N S 42  
ASN C    C  N N 43  
ASN O    O  N N 44  
ASN CB   C  N N 45  
ASN CG   C  N N 46  
ASN OD1  O  N N 47  
ASN ND2  N  N N 48  
ASN OXT  O  N N 49  
ASN H    H  N N 50  
ASN H2   H  N N 51  
ASN HA   H  N N 52  
ASN HB2  H  N N 53  
ASN HB3  H  N N 54  
ASN HD21 H  N N 55  
ASN HD22 H  N N 56  
ASN HXT  H  N N 57  
ASP N    N  N N 58  
ASP CA   C  N S 59  
ASP C    C  N N 60  
ASP O    O  N N 61  
ASP CB   C  N N 62  
ASP CG   C  N N 63  
ASP OD1  O  N N 64  
ASP OD2  O  N N 65  
ASP OXT  O  N N 66  
ASP H    H  N N 67  
ASP H2   H  N N 68  
ASP HA   H  N N 69  
ASP HB2  H  N N 70  
ASP HB3  H  N N 71  
ASP HD2  H  N N 72  
ASP HXT  H  N N 73  
CA  CA   CA N N 74  
GLN N    N  N N 75  
GLN CA   C  N S 76  
GLN C    C  N N 77  
GLN O    O  N N 78  
GLN CB   C  N N 79  
GLN CG   C  N N 80  
GLN CD   C  N N 81  
GLN OE1  O  N N 82  
GLN NE2  N  N N 83  
GLN OXT  O  N N 84  
GLN H    H  N N 85  
GLN H2   H  N N 86  
GLN HA   H  N N 87  
GLN HB2  H  N N 88  
GLN HB3  H  N N 89  
GLN HG2  H  N N 90  
GLN HG3  H  N N 91  
GLN HE21 H  N N 92  
GLN HE22 H  N N 93  
GLN HXT  H  N N 94  
GLU N    N  N N 95  
GLU CA   C  N S 96  
GLU C    C  N N 97  
GLU O    O  N N 98  
GLU CB   C  N N 99  
GLU CG   C  N N 100 
GLU CD   C  N N 101 
GLU OE1  O  N N 102 
GLU OE2  O  N N 103 
GLU OXT  O  N N 104 
GLU H    H  N N 105 
GLU H2   H  N N 106 
GLU HA   H  N N 107 
GLU HB2  H  N N 108 
GLU HB3  H  N N 109 
GLU HG2  H  N N 110 
GLU HG3  H  N N 111 
GLU HE2  H  N N 112 
GLU HXT  H  N N 113 
GLY N    N  N N 114 
GLY CA   C  N N 115 
GLY C    C  N N 116 
GLY O    O  N N 117 
GLY OXT  O  N N 118 
GLY H    H  N N 119 
GLY H2   H  N N 120 
GLY HA2  H  N N 121 
GLY HA3  H  N N 122 
GLY HXT  H  N N 123 
HIS N    N  N N 124 
HIS CA   C  N S 125 
HIS C    C  N N 126 
HIS O    O  N N 127 
HIS CB   C  N N 128 
HIS CG   C  Y N 129 
HIS ND1  N  Y N 130 
HIS CD2  C  Y N 131 
HIS CE1  C  Y N 132 
HIS NE2  N  Y N 133 
HIS OXT  O  N N 134 
HIS H    H  N N 135 
HIS H2   H  N N 136 
HIS HA   H  N N 137 
HIS HB2  H  N N 138 
HIS HB3  H  N N 139 
HIS HD1  H  N N 140 
HIS HD2  H  N N 141 
HIS HE1  H  N N 142 
HIS HE2  H  N N 143 
HIS HXT  H  N N 144 
HOH O    O  N N 145 
HOH H1   H  N N 146 
HOH H2   H  N N 147 
ILE N    N  N N 148 
ILE CA   C  N S 149 
ILE C    C  N N 150 
ILE O    O  N N 151 
ILE CB   C  N S 152 
ILE CG1  C  N N 153 
ILE CG2  C  N N 154 
ILE CD1  C  N N 155 
ILE OXT  O  N N 156 
ILE H    H  N N 157 
ILE H2   H  N N 158 
ILE HA   H  N N 159 
ILE HB   H  N N 160 
ILE HG12 H  N N 161 
ILE HG13 H  N N 162 
ILE HG21 H  N N 163 
ILE HG22 H  N N 164 
ILE HG23 H  N N 165 
ILE HD11 H  N N 166 
ILE HD12 H  N N 167 
ILE HD13 H  N N 168 
ILE HXT  H  N N 169 
LEU N    N  N N 170 
LEU CA   C  N S 171 
LEU C    C  N N 172 
LEU O    O  N N 173 
LEU CB   C  N N 174 
LEU CG   C  N N 175 
LEU CD1  C  N N 176 
LEU CD2  C  N N 177 
LEU OXT  O  N N 178 
LEU H    H  N N 179 
LEU H2   H  N N 180 
LEU HA   H  N N 181 
LEU HB2  H  N N 182 
LEU HB3  H  N N 183 
LEU HG   H  N N 184 
LEU HD11 H  N N 185 
LEU HD12 H  N N 186 
LEU HD13 H  N N 187 
LEU HD21 H  N N 188 
LEU HD22 H  N N 189 
LEU HD23 H  N N 190 
LEU HXT  H  N N 191 
LYS N    N  N N 192 
LYS CA   C  N S 193 
LYS C    C  N N 194 
LYS O    O  N N 195 
LYS CB   C  N N 196 
LYS CG   C  N N 197 
LYS CD   C  N N 198 
LYS CE   C  N N 199 
LYS NZ   N  N N 200 
LYS OXT  O  N N 201 
LYS H    H  N N 202 
LYS H2   H  N N 203 
LYS HA   H  N N 204 
LYS HB2  H  N N 205 
LYS HB3  H  N N 206 
LYS HG2  H  N N 207 
LYS HG3  H  N N 208 
LYS HD2  H  N N 209 
LYS HD3  H  N N 210 
LYS HE2  H  N N 211 
LYS HE3  H  N N 212 
LYS HZ1  H  N N 213 
LYS HZ2  H  N N 214 
LYS HZ3  H  N N 215 
LYS HXT  H  N N 216 
MSE N    N  N N 217 
MSE CA   C  N S 218 
MSE C    C  N N 219 
MSE O    O  N N 220 
MSE OXT  O  N N 221 
MSE CB   C  N N 222 
MSE CG   C  N N 223 
MSE SE   SE N N 224 
MSE CE   C  N N 225 
MSE H    H  N N 226 
MSE H2   H  N N 227 
MSE HA   H  N N 228 
MSE HXT  H  N N 229 
MSE HB2  H  N N 230 
MSE HB3  H  N N 231 
MSE HG2  H  N N 232 
MSE HG3  H  N N 233 
MSE HE1  H  N N 234 
MSE HE2  H  N N 235 
MSE HE3  H  N N 236 
PHE N    N  N N 237 
PHE CA   C  N S 238 
PHE C    C  N N 239 
PHE O    O  N N 240 
PHE CB   C  N N 241 
PHE CG   C  Y N 242 
PHE CD1  C  Y N 243 
PHE CD2  C  Y N 244 
PHE CE1  C  Y N 245 
PHE CE2  C  Y N 246 
PHE CZ   C  Y N 247 
PHE OXT  O  N N 248 
PHE H    H  N N 249 
PHE H2   H  N N 250 
PHE HA   H  N N 251 
PHE HB2  H  N N 252 
PHE HB3  H  N N 253 
PHE HD1  H  N N 254 
PHE HD2  H  N N 255 
PHE HE1  H  N N 256 
PHE HE2  H  N N 257 
PHE HZ   H  N N 258 
PHE HXT  H  N N 259 
PRO N    N  N N 260 
PRO CA   C  N S 261 
PRO C    C  N N 262 
PRO O    O  N N 263 
PRO CB   C  N N 264 
PRO CG   C  N N 265 
PRO CD   C  N N 266 
PRO OXT  O  N N 267 
PRO H    H  N N 268 
PRO HA   H  N N 269 
PRO HB2  H  N N 270 
PRO HB3  H  N N 271 
PRO HG2  H  N N 272 
PRO HG3  H  N N 273 
PRO HD2  H  N N 274 
PRO HD3  H  N N 275 
PRO HXT  H  N N 276 
SER N    N  N N 277 
SER CA   C  N S 278 
SER C    C  N N 279 
SER O    O  N N 280 
SER CB   C  N N 281 
SER OG   O  N N 282 
SER OXT  O  N N 283 
SER H    H  N N 284 
SER H2   H  N N 285 
SER HA   H  N N 286 
SER HB2  H  N N 287 
SER HB3  H  N N 288 
SER HG   H  N N 289 
SER HXT  H  N N 290 
SO4 S    S  N N 291 
SO4 O1   O  N N 292 
SO4 O2   O  N N 293 
SO4 O3   O  N N 294 
SO4 O4   O  N N 295 
THR N    N  N N 296 
THR CA   C  N S 297 
THR C    C  N N 298 
THR O    O  N N 299 
THR CB   C  N R 300 
THR OG1  O  N N 301 
THR CG2  C  N N 302 
THR OXT  O  N N 303 
THR H    H  N N 304 
THR H2   H  N N 305 
THR HA   H  N N 306 
THR HB   H  N N 307 
THR HG1  H  N N 308 
THR HG21 H  N N 309 
THR HG22 H  N N 310 
THR HG23 H  N N 311 
THR HXT  H  N N 312 
TRP N    N  N N 313 
TRP CA   C  N S 314 
TRP C    C  N N 315 
TRP O    O  N N 316 
TRP CB   C  N N 317 
TRP CG   C  Y N 318 
TRP CD1  C  Y N 319 
TRP CD2  C  Y N 320 
TRP NE1  N  Y N 321 
TRP CE2  C  Y N 322 
TRP CE3  C  Y N 323 
TRP CZ2  C  Y N 324 
TRP CZ3  C  Y N 325 
TRP CH2  C  Y N 326 
TRP OXT  O  N N 327 
TRP H    H  N N 328 
TRP H2   H  N N 329 
TRP HA   H  N N 330 
TRP HB2  H  N N 331 
TRP HB3  H  N N 332 
TRP HD1  H  N N 333 
TRP HE1  H  N N 334 
TRP HE3  H  N N 335 
TRP HZ2  H  N N 336 
TRP HZ3  H  N N 337 
TRP HH2  H  N N 338 
TRP HXT  H  N N 339 
TYR N    N  N N 340 
TYR CA   C  N S 341 
TYR C    C  N N 342 
TYR O    O  N N 343 
TYR CB   C  N N 344 
TYR CG   C  Y N 345 
TYR CD1  C  Y N 346 
TYR CD2  C  Y N 347 
TYR CE1  C  Y N 348 
TYR CE2  C  Y N 349 
TYR CZ   C  Y N 350 
TYR OH   O  N N 351 
TYR OXT  O  N N 352 
TYR H    H  N N 353 
TYR H2   H  N N 354 
TYR HA   H  N N 355 
TYR HB2  H  N N 356 
TYR HB3  H  N N 357 
TYR HD1  H  N N 358 
TYR HD2  H  N N 359 
TYR HE1  H  N N 360 
TYR HE2  H  N N 361 
TYR HH   H  N N 362 
TYR HXT  H  N N 363 
VAL N    N  N N 364 
VAL CA   C  N S 365 
VAL C    C  N N 366 
VAL O    O  N N 367 
VAL CB   C  N N 368 
VAL CG1  C  N N 369 
VAL CG2  C  N N 370 
VAL OXT  O  N N 371 
VAL H    H  N N 372 
VAL H2   H  N N 373 
VAL HA   H  N N 374 
VAL HB   H  N N 375 
VAL HG11 H  N N 376 
VAL HG12 H  N N 377 
VAL HG13 H  N N 378 
VAL HG21 H  N N 379 
VAL HG22 H  N N 380 
VAL HG23 H  N N 381 
VAL HXT  H  N N 382 
# 
loop_
_chem_comp_bond.comp_id 
_chem_comp_bond.atom_id_1 
_chem_comp_bond.atom_id_2 
_chem_comp_bond.value_order 
_chem_comp_bond.pdbx_aromatic_flag 
_chem_comp_bond.pdbx_stereo_config 
_chem_comp_bond.pdbx_ordinal 
ALA N   CA   sing N N 1   
ALA N   H    sing N N 2   
ALA N   H2   sing N N 3   
ALA CA  C    sing N N 4   
ALA CA  CB   sing N N 5   
ALA CA  HA   sing N N 6   
ALA C   O    doub N N 7   
ALA C   OXT  sing N N 8   
ALA CB  HB1  sing N N 9   
ALA CB  HB2  sing N N 10  
ALA CB  HB3  sing N N 11  
ALA OXT HXT  sing N N 12  
ARG N   CA   sing N N 13  
ARG N   H    sing N N 14  
ARG N   H2   sing N N 15  
ARG CA  C    sing N N 16  
ARG CA  CB   sing N N 17  
ARG CA  HA   sing N N 18  
ARG C   O    doub N N 19  
ARG C   OXT  sing N N 20  
ARG CB  CG   sing N N 21  
ARG CB  HB2  sing N N 22  
ARG CB  HB3  sing N N 23  
ARG CG  CD   sing N N 24  
ARG CG  HG2  sing N N 25  
ARG CG  HG3  sing N N 26  
ARG CD  NE   sing N N 27  
ARG CD  HD2  sing N N 28  
ARG CD  HD3  sing N N 29  
ARG NE  CZ   sing N N 30  
ARG NE  HE   sing N N 31  
ARG CZ  NH1  sing N N 32  
ARG CZ  NH2  doub N N 33  
ARG NH1 HH11 sing N N 34  
ARG NH1 HH12 sing N N 35  
ARG NH2 HH21 sing N N 36  
ARG NH2 HH22 sing N N 37  
ARG OXT HXT  sing N N 38  
ASN N   CA   sing N N 39  
ASN N   H    sing N N 40  
ASN N   H2   sing N N 41  
ASN CA  C    sing N N 42  
ASN CA  CB   sing N N 43  
ASN CA  HA   sing N N 44  
ASN C   O    doub N N 45  
ASN C   OXT  sing N N 46  
ASN CB  CG   sing N N 47  
ASN CB  HB2  sing N N 48  
ASN CB  HB3  sing N N 49  
ASN CG  OD1  doub N N 50  
ASN CG  ND2  sing N N 51  
ASN ND2 HD21 sing N N 52  
ASN ND2 HD22 sing N N 53  
ASN OXT HXT  sing N N 54  
ASP N   CA   sing N N 55  
ASP N   H    sing N N 56  
ASP N   H2   sing N N 57  
ASP CA  C    sing N N 58  
ASP CA  CB   sing N N 59  
ASP CA  HA   sing N N 60  
ASP C   O    doub N N 61  
ASP C   OXT  sing N N 62  
ASP CB  CG   sing N N 63  
ASP CB  HB2  sing N N 64  
ASP CB  HB3  sing N N 65  
ASP CG  OD1  doub N N 66  
ASP CG  OD2  sing N N 67  
ASP OD2 HD2  sing N N 68  
ASP OXT HXT  sing N N 69  
GLN N   CA   sing N N 70  
GLN N   H    sing N N 71  
GLN N   H2   sing N N 72  
GLN CA  C    sing N N 73  
GLN CA  CB   sing N N 74  
GLN CA  HA   sing N N 75  
GLN C   O    doub N N 76  
GLN C   OXT  sing N N 77  
GLN CB  CG   sing N N 78  
GLN CB  HB2  sing N N 79  
GLN CB  HB3  sing N N 80  
GLN CG  CD   sing N N 81  
GLN CG  HG2  sing N N 82  
GLN CG  HG3  sing N N 83  
GLN CD  OE1  doub N N 84  
GLN CD  NE2  sing N N 85  
GLN NE2 HE21 sing N N 86  
GLN NE2 HE22 sing N N 87  
GLN OXT HXT  sing N N 88  
GLU N   CA   sing N N 89  
GLU N   H    sing N N 90  
GLU N   H2   sing N N 91  
GLU CA  C    sing N N 92  
GLU CA  CB   sing N N 93  
GLU CA  HA   sing N N 94  
GLU C   O    doub N N 95  
GLU C   OXT  sing N N 96  
GLU CB  CG   sing N N 97  
GLU CB  HB2  sing N N 98  
GLU CB  HB3  sing N N 99  
GLU CG  CD   sing N N 100 
GLU CG  HG2  sing N N 101 
GLU CG  HG3  sing N N 102 
GLU CD  OE1  doub N N 103 
GLU CD  OE2  sing N N 104 
GLU OE2 HE2  sing N N 105 
GLU OXT HXT  sing N N 106 
GLY N   CA   sing N N 107 
GLY N   H    sing N N 108 
GLY N   H2   sing N N 109 
GLY CA  C    sing N N 110 
GLY CA  HA2  sing N N 111 
GLY CA  HA3  sing N N 112 
GLY C   O    doub N N 113 
GLY C   OXT  sing N N 114 
GLY OXT HXT  sing N N 115 
HIS N   CA   sing N N 116 
HIS N   H    sing N N 117 
HIS N   H2   sing N N 118 
HIS CA  C    sing N N 119 
HIS CA  CB   sing N N 120 
HIS CA  HA   sing N N 121 
HIS C   O    doub N N 122 
HIS C   OXT  sing N N 123 
HIS CB  CG   sing N N 124 
HIS CB  HB2  sing N N 125 
HIS CB  HB3  sing N N 126 
HIS CG  ND1  sing Y N 127 
HIS CG  CD2  doub Y N 128 
HIS ND1 CE1  doub Y N 129 
HIS ND1 HD1  sing N N 130 
HIS CD2 NE2  sing Y N 131 
HIS CD2 HD2  sing N N 132 
HIS CE1 NE2  sing Y N 133 
HIS CE1 HE1  sing N N 134 
HIS NE2 HE2  sing N N 135 
HIS OXT HXT  sing N N 136 
HOH O   H1   sing N N 137 
HOH O   H2   sing N N 138 
ILE N   CA   sing N N 139 
ILE N   H    sing N N 140 
ILE N   H2   sing N N 141 
ILE CA  C    sing N N 142 
ILE CA  CB   sing N N 143 
ILE CA  HA   sing N N 144 
ILE C   O    doub N N 145 
ILE C   OXT  sing N N 146 
ILE CB  CG1  sing N N 147 
ILE CB  CG2  sing N N 148 
ILE CB  HB   sing N N 149 
ILE CG1 CD1  sing N N 150 
ILE CG1 HG12 sing N N 151 
ILE CG1 HG13 sing N N 152 
ILE CG2 HG21 sing N N 153 
ILE CG2 HG22 sing N N 154 
ILE CG2 HG23 sing N N 155 
ILE CD1 HD11 sing N N 156 
ILE CD1 HD12 sing N N 157 
ILE CD1 HD13 sing N N 158 
ILE OXT HXT  sing N N 159 
LEU N   CA   sing N N 160 
LEU N   H    sing N N 161 
LEU N   H2   sing N N 162 
LEU CA  C    sing N N 163 
LEU CA  CB   sing N N 164 
LEU CA  HA   sing N N 165 
LEU C   O    doub N N 166 
LEU C   OXT  sing N N 167 
LEU CB  CG   sing N N 168 
LEU CB  HB2  sing N N 169 
LEU CB  HB3  sing N N 170 
LEU CG  CD1  sing N N 171 
LEU CG  CD2  sing N N 172 
LEU CG  HG   sing N N 173 
LEU CD1 HD11 sing N N 174 
LEU CD1 HD12 sing N N 175 
LEU CD1 HD13 sing N N 176 
LEU CD2 HD21 sing N N 177 
LEU CD2 HD22 sing N N 178 
LEU CD2 HD23 sing N N 179 
LEU OXT HXT  sing N N 180 
LYS N   CA   sing N N 181 
LYS N   H    sing N N 182 
LYS N   H2   sing N N 183 
LYS CA  C    sing N N 184 
LYS CA  CB   sing N N 185 
LYS CA  HA   sing N N 186 
LYS C   O    doub N N 187 
LYS C   OXT  sing N N 188 
LYS CB  CG   sing N N 189 
LYS CB  HB2  sing N N 190 
LYS CB  HB3  sing N N 191 
LYS CG  CD   sing N N 192 
LYS CG  HG2  sing N N 193 
LYS CG  HG3  sing N N 194 
LYS CD  CE   sing N N 195 
LYS CD  HD2  sing N N 196 
LYS CD  HD3  sing N N 197 
LYS CE  NZ   sing N N 198 
LYS CE  HE2  sing N N 199 
LYS CE  HE3  sing N N 200 
LYS NZ  HZ1  sing N N 201 
LYS NZ  HZ2  sing N N 202 
LYS NZ  HZ3  sing N N 203 
LYS OXT HXT  sing N N 204 
MSE N   CA   sing N N 205 
MSE N   H    sing N N 206 
MSE N   H2   sing N N 207 
MSE CA  C    sing N N 208 
MSE CA  CB   sing N N 209 
MSE CA  HA   sing N N 210 
MSE C   O    doub N N 211 
MSE C   OXT  sing N N 212 
MSE OXT HXT  sing N N 213 
MSE CB  CG   sing N N 214 
MSE CB  HB2  sing N N 215 
MSE CB  HB3  sing N N 216 
MSE CG  SE   sing N N 217 
MSE CG  HG2  sing N N 218 
MSE CG  HG3  sing N N 219 
MSE SE  CE   sing N N 220 
MSE CE  HE1  sing N N 221 
MSE CE  HE2  sing N N 222 
MSE CE  HE3  sing N N 223 
PHE N   CA   sing N N 224 
PHE N   H    sing N N 225 
PHE N   H2   sing N N 226 
PHE CA  C    sing N N 227 
PHE CA  CB   sing N N 228 
PHE CA  HA   sing N N 229 
PHE C   O    doub N N 230 
PHE C   OXT  sing N N 231 
PHE CB  CG   sing N N 232 
PHE CB  HB2  sing N N 233 
PHE CB  HB3  sing N N 234 
PHE CG  CD1  doub Y N 235 
PHE CG  CD2  sing Y N 236 
PHE CD1 CE1  sing Y N 237 
PHE CD1 HD1  sing N N 238 
PHE CD2 CE2  doub Y N 239 
PHE CD2 HD2  sing N N 240 
PHE CE1 CZ   doub Y N 241 
PHE CE1 HE1  sing N N 242 
PHE CE2 CZ   sing Y N 243 
PHE CE2 HE2  sing N N 244 
PHE CZ  HZ   sing N N 245 
PHE OXT HXT  sing N N 246 
PRO N   CA   sing N N 247 
PRO N   CD   sing N N 248 
PRO N   H    sing N N 249 
PRO CA  C    sing N N 250 
PRO CA  CB   sing N N 251 
PRO CA  HA   sing N N 252 
PRO C   O    doub N N 253 
PRO C   OXT  sing N N 254 
PRO CB  CG   sing N N 255 
PRO CB  HB2  sing N N 256 
PRO CB  HB3  sing N N 257 
PRO CG  CD   sing N N 258 
PRO CG  HG2  sing N N 259 
PRO CG  HG3  sing N N 260 
PRO CD  HD2  sing N N 261 
PRO CD  HD3  sing N N 262 
PRO OXT HXT  sing N N 263 
SER N   CA   sing N N 264 
SER N   H    sing N N 265 
SER N   H2   sing N N 266 
SER CA  C    sing N N 267 
SER CA  CB   sing N N 268 
SER CA  HA   sing N N 269 
SER C   O    doub N N 270 
SER C   OXT  sing N N 271 
SER CB  OG   sing N N 272 
SER CB  HB2  sing N N 273 
SER CB  HB3  sing N N 274 
SER OG  HG   sing N N 275 
SER OXT HXT  sing N N 276 
SO4 S   O1   doub N N 277 
SO4 S   O2   doub N N 278 
SO4 S   O3   sing N N 279 
SO4 S   O4   sing N N 280 
THR N   CA   sing N N 281 
THR N   H    sing N N 282 
THR N   H2   sing N N 283 
THR CA  C    sing N N 284 
THR CA  CB   sing N N 285 
THR CA  HA   sing N N 286 
THR C   O    doub N N 287 
THR C   OXT  sing N N 288 
THR CB  OG1  sing N N 289 
THR CB  CG2  sing N N 290 
THR CB  HB   sing N N 291 
THR OG1 HG1  sing N N 292 
THR CG2 HG21 sing N N 293 
THR CG2 HG22 sing N N 294 
THR CG2 HG23 sing N N 295 
THR OXT HXT  sing N N 296 
TRP N   CA   sing N N 297 
TRP N   H    sing N N 298 
TRP N   H2   sing N N 299 
TRP CA  C    sing N N 300 
TRP CA  CB   sing N N 301 
TRP CA  HA   sing N N 302 
TRP C   O    doub N N 303 
TRP C   OXT  sing N N 304 
TRP CB  CG   sing N N 305 
TRP CB  HB2  sing N N 306 
TRP CB  HB3  sing N N 307 
TRP CG  CD1  doub Y N 308 
TRP CG  CD2  sing Y N 309 
TRP CD1 NE1  sing Y N 310 
TRP CD1 HD1  sing N N 311 
TRP CD2 CE2  doub Y N 312 
TRP CD2 CE3  sing Y N 313 
TRP NE1 CE2  sing Y N 314 
TRP NE1 HE1  sing N N 315 
TRP CE2 CZ2  sing Y N 316 
TRP CE3 CZ3  doub Y N 317 
TRP CE3 HE3  sing N N 318 
TRP CZ2 CH2  doub Y N 319 
TRP CZ2 HZ2  sing N N 320 
TRP CZ3 CH2  sing Y N 321 
TRP CZ3 HZ3  sing N N 322 
TRP CH2 HH2  sing N N 323 
TRP OXT HXT  sing N N 324 
TYR N   CA   sing N N 325 
TYR N   H    sing N N 326 
TYR N   H2   sing N N 327 
TYR CA  C    sing N N 328 
TYR CA  CB   sing N N 329 
TYR CA  HA   sing N N 330 
TYR C   O    doub N N 331 
TYR C   OXT  sing N N 332 
TYR CB  CG   sing N N 333 
TYR CB  HB2  sing N N 334 
TYR CB  HB3  sing N N 335 
TYR CG  CD1  doub Y N 336 
TYR CG  CD2  sing Y N 337 
TYR CD1 CE1  sing Y N 338 
TYR CD1 HD1  sing N N 339 
TYR CD2 CE2  doub Y N 340 
TYR CD2 HD2  sing N N 341 
TYR CE1 CZ   doub Y N 342 
TYR CE1 HE1  sing N N 343 
TYR CE2 CZ   sing Y N 344 
TYR CE2 HE2  sing N N 345 
TYR CZ  OH   sing N N 346 
TYR OH  HH   sing N N 347 
TYR OXT HXT  sing N N 348 
VAL N   CA   sing N N 349 
VAL N   H    sing N N 350 
VAL N   H2   sing N N 351 
VAL CA  C    sing N N 352 
VAL CA  CB   sing N N 353 
VAL CA  HA   sing N N 354 
VAL C   O    doub N N 355 
VAL C   OXT  sing N N 356 
VAL CB  CG1  sing N N 357 
VAL CB  CG2  sing N N 358 
VAL CB  HB   sing N N 359 
VAL CG1 HG11 sing N N 360 
VAL CG1 HG12 sing N N 361 
VAL CG1 HG13 sing N N 362 
VAL CG2 HG21 sing N N 363 
VAL CG2 HG22 sing N N 364 
VAL CG2 HG23 sing N N 365 
VAL OXT HXT  sing N N 366 
# 
_pdbx_audit_support.funding_organization   'National Natural Science Foundation of China (NSFC)' 
_pdbx_audit_support.country                China 
_pdbx_audit_support.grant_number           31670001 
_pdbx_audit_support.ordinal                1 
# 
_atom_sites.entry_id                    7VBO 
_atom_sites.Cartn_transf_matrix[1][1]   ? 
_atom_sites.Cartn_transf_matrix[1][2]   ? 
_atom_sites.Cartn_transf_matrix[1][3]   ? 
_atom_sites.Cartn_transf_matrix[2][1]   ? 
_atom_sites.Cartn_transf_matrix[2][2]   ? 
_atom_sites.Cartn_transf_matrix[2][3]   ? 
_atom_sites.Cartn_transf_matrix[3][1]   ? 
_atom_sites.Cartn_transf_matrix[3][2]   ? 
_atom_sites.Cartn_transf_matrix[3][3]   ? 
_atom_sites.Cartn_transf_vector[1]      ? 
_atom_sites.Cartn_transf_vector[2]      ? 
_atom_sites.Cartn_transf_vector[3]      ? 
_atom_sites.fract_transf_matrix[1][1]   0.00732125 
_atom_sites.fract_transf_matrix[1][2]   -0.01003270 
_atom_sites.fract_transf_matrix[1][3]   -0.02912107 
_atom_sites.fract_transf_matrix[2][1]   -0.00858019 
_atom_sites.fract_transf_matrix[2][2]   0.00523120 
_atom_sites.fract_transf_matrix[2][3]   -0.00395936 
_atom_sites.fract_transf_matrix[3][1]   0.00459387 
_atom_sites.fract_transf_matrix[3][2]   0.00666979 
_atom_sites.fract_transf_matrix[3][3]   -0.00114293 
_atom_sites.fract_transf_vector[1]      0.188992 
_atom_sites.fract_transf_vector[2]      0.111612 
_atom_sites.fract_transf_vector[3]      0.613051 
_atom_sites.solution_primary            ? 
_atom_sites.solution_secondary          ? 
_atom_sites.solution_hydrogens          ? 
_atom_sites.special_details             ? 
# 
loop_
_atom_type.symbol 
C  
CA 
N  
O  
S  
SE 
# 
loop_
_atom_site.group_PDB 
_atom_site.id 
_atom_site.type_symbol 
_atom_site.label_atom_id 
_atom_site.label_alt_id 
_atom_site.label_comp_id 
_atom_site.label_asym_id 
_atom_site.label_entity_id 
_atom_site.label_seq_id 
_atom_site.pdbx_PDB_ins_code 
_atom_site.Cartn_x 
_atom_site.Cartn_y 
_atom_site.Cartn_z 
_atom_site.occupancy 
_atom_site.B_iso_or_equiv 
_atom_site.pdbx_formal_charge 
_atom_site.auth_seq_id 
_atom_site.auth_comp_id 
_atom_site.auth_asym_id 
_atom_site.auth_atom_id 
_atom_site.pdbx_PDB_model_num 
ATOM   1    N  N   . GLU A 1 14  ? 18.058  -2.475  1.911   1.00 31.46 ? -2  GLU A N   1 
ATOM   2    C  CA  . GLU A 1 14  ? 17.100  -1.819  0.929   1.00 33.56 ? -2  GLU A CA  1 
ATOM   3    C  C   . GLU A 1 14  ? 16.411  -2.891  0.067   1.00 29.69 ? -2  GLU A C   1 
ATOM   4    O  O   . GLU A 1 14  ? 17.036  -3.430  -0.857  1.00 33.13 ? -2  GLU A O   1 
ATOM   5    C  CB  . GLU A 1 14  ? 17.807  -0.800  0.024   1.00 38.95 ? -2  GLU A CB  1 
ATOM   6    C  CG  . GLU A 1 14  ? 19.332  -0.981  -0.113  1.00 50.47 ? -2  GLU A CG  1 
ATOM   7    C  CD  . GLU A 1 14  ? 19.880  -2.268  -0.733  1.00 55.44 ? -2  GLU A CD  1 
ATOM   8    O  OE1 . GLU A 1 14  ? 20.692  -2.961  -0.063  1.00 51.16 ? -2  GLU A OE1 1 
ATOM   9    O  OE2 . GLU A 1 14  ? 19.523  -2.573  -1.905  1.00 63.36 ? -2  GLU A OE2 1 
ATOM   10   N  N   . LEU A 1 15  ? 15.152  -3.232  0.350   1.00 22.60 ? -1  LEU A N   1 
ATOM   11   C  CA  . LEU A 1 15  ? 14.436  -4.293  -0.408  1.00 21.40 ? -1  LEU A CA  1 
ATOM   12   C  C   . LEU A 1 15  ? 13.303  -3.680  -1.227  1.00 19.53 ? -1  LEU A C   1 
ATOM   13   O  O   . LEU A 1 15  ? 12.494  -2.915  -0.648  1.00 20.19 ? -1  LEU A O   1 
ATOM   14   C  CB  . LEU A 1 15  ? 13.849  -5.335  0.538   1.00 22.89 ? -1  LEU A CB  1 
ATOM   15   C  CG  . LEU A 1 15  ? 14.850  -6.239  1.267   1.00 27.25 ? -1  LEU A CG  1 
ATOM   16   C  CD1 . LEU A 1 15  ? 14.161  -6.995  2.390   1.00 26.32 ? -1  LEU A CD1 1 
ATOM   17   C  CD2 . LEU A 1 15  ? 15.540  -7.190  0.303   1.00 32.31 ? -1  LEU A CD2 1 
ATOM   18   N  N   . ALA A 1 16  ? 13.231  -4.067  -2.481  1.00 19.11 ? 0   ALA A N   1 
ATOM   19   C  CA  . ALA A 1 16  ? 12.083  -3.750  -3.362  1.00 19.82 ? 0   ALA A CA  1 
ATOM   20   C  C   . ALA A 1 16  ? 11.030  -4.831  -3.113  1.00 16.78 ? 0   ALA A C   1 
ATOM   21   O  O   . ALA A 1 16  ? 11.353  -5.948  -2.702  1.00 18.39 ? 0   ALA A O   1 
ATOM   22   C  CB  . ALA A 1 16  ? 12.496  -3.687  -4.807  1.00 21.67 ? 0   ALA A CB  1 
ATOM   23   N  N   . PRO A 1 17  ? 9.750   -4.486  -3.346  1.00 16.45 ? 1   PRO A N   1 
ATOM   24   C  CA  . PRO A 1 17  ? 8.723   -5.519  -3.233  1.00 16.88 ? 1   PRO A CA  1 
ATOM   25   C  C   . PRO A 1 17  ? 8.986   -6.700  -4.159  1.00 15.79 ? 1   PRO A C   1 
ATOM   26   O  O   . PRO A 1 17  ? 9.443   -6.536  -5.297  1.00 18.09 ? 1   PRO A O   1 
ATOM   27   C  CB  . PRO A 1 17  ? 7.473   -4.791  -3.705  1.00 17.54 ? 1   PRO A CB  1 
ATOM   28   C  CG  . PRO A 1 17  ? 7.753   -3.330  -3.571  1.00 16.65 ? 1   PRO A CG  1 
ATOM   29   C  CD  . PRO A 1 17  ? 9.250   -3.190  -3.752  1.00 16.38 ? 1   PRO A CD  1 
ATOM   30   N  N   . THR A 1 18  ? 8.557   -7.855  -3.737  1.00 15.56 ? 2   THR A N   1 
ATOM   31   C  CA  . THR A 1 18  ? 8.364   -9.006  -4.650  1.00 16.39 ? 2   THR A CA  1 
ATOM   32   C  C   . THR A 1 18  ? 7.083   -8.826  -5.460  1.00 15.84 ? 2   THR A C   1 
ATOM   33   O  O   . THR A 1 18  ? 6.916   -9.479  -6.486  1.00 17.83 ? 2   THR A O   1 
ATOM   34   C  CB  . THR A 1 18  ? 8.356   -10.312 -3.881  1.00 15.86 ? 2   THR A CB  1 
ATOM   35   O  OG1 . THR A 1 18  ? 7.340   -10.242 -2.882  1.00 18.12 ? 2   THR A OG1 1 
ATOM   36   C  CG2 . THR A 1 18  ? 9.670   -10.588 -3.175  1.00 16.85 ? 2   THR A CG2 1 
ATOM   37   N  N   . ASP A 1 19  ? 6.129   -8.118  -4.886  1.00 15.11 ? 3   ASP A N   1 
ATOM   38   C  CA  . ASP A 1 19  ? 4.754   -7.983  -5.416  1.00 14.57 ? 3   ASP A CA  1 
ATOM   39   C  C   . ASP A 1 19  ? 4.290   -6.574  -5.141  1.00 12.99 ? 3   ASP A C   1 
ATOM   40   O  O   . ASP A 1 19  ? 4.365   -6.137  -3.976  1.00 14.10 ? 3   ASP A O   1 
ATOM   41   C  CB  . ASP A 1 19  ? 3.825   -8.967  -4.721  1.00 15.60 ? 3   ASP A CB  1 
ATOM   42   C  CG  . ASP A 1 19  ? 4.178   -10.427 -4.958  1.00 16.22 ? 3   ASP A CG  1 
ATOM   43   O  OD1 . ASP A 1 19  ? 5.054   -10.958 -4.256  1.00 17.25 ? 3   ASP A OD1 1 
ATOM   44   O  OD2 . ASP A 1 19  ? 3.616   -11.025 -5.914  1.00 17.44 ? 3   ASP A OD2 1 
ATOM   45   N  N   . ASP A 1 20  ? 3.727   -5.891  -6.101  1.00 12.98 ? 4   ASP A N   1 
ATOM   46   C  CA  . ASP A 1 20  ? 3.061   -4.620  -5.818  1.00 12.63 ? 4   ASP A CA  1 
ATOM   47   C  C   . ASP A 1 20  ? 1.954   -4.461  -6.853  1.00 14.04 ? 4   ASP A C   1 
ATOM   48   O  O   . ASP A 1 20  ? 2.149   -4.644  -8.074  1.00 13.97 ? 4   ASP A O   1 
ATOM   49   C  CB  . ASP A 1 20  ? 3.998   -3.402  -5.719  1.00 13.89 ? 4   ASP A CB  1 
ATOM   50   C  CG  . ASP A 1 20  ? 4.862   -2.981  -6.886  1.00 14.53 ? 4   ASP A CG  1 
ATOM   51   O  OD1 . ASP A 1 20  ? 4.935   -3.634  -7.927  1.00 15.01 ? 4   ASP A OD1 1 
ATOM   52   O  OD2 . ASP A 1 20  ? 5.532   -1.929  -6.685  1.00 15.93 ? 4   ASP A OD2 1 
ATOM   53   N  N   . THR A 1 21  ? 0.790   -4.071  -6.416  1.00 12.54 ? 5   THR A N   1 
ATOM   54   C  CA  . THR A 1 21  ? -0.361  -3.838  -7.307  1.00 11.85 ? 5   THR A CA  1 
ATOM   55   C  C   . THR A 1 21  ? -1.375  -2.933  -6.627  1.00 11.88 ? 5   THR A C   1 
ATOM   56   O  O   . THR A 1 21  ? -1.216  -2.566  -5.437  1.00 12.62 ? 5   THR A O   1 
ATOM   57   C  CB  . THR A 1 21  ? -0.946  -5.195  -7.748  1.00 12.47 ? 5   THR A CB  1 
ATOM   58   O  OG1 . THR A 1 21  ? -1.760  -4.916  -8.864  1.00 12.96 ? 5   THR A OG1 1 
ATOM   59   C  CG2 . THR A 1 21  ? -1.702  -5.931  -6.666  1.00 13.29 ? 5   THR A CG2 1 
ATOM   60   N  N   . TYR A 1 22  ? -2.440  -2.623  -7.332  1.00 12.72 ? 6   TYR A N   1 
ATOM   61   C  CA  . TYR A 1 22  ? -3.613  -1.963  -6.708  1.00 11.86 ? 6   TYR A CA  1 
ATOM   62   C  C   . TYR A 1 22  ? -4.863  -2.633  -7.238  1.00 11.64 ? 6   TYR A C   1 
ATOM   63   O  O   . TYR A 1 22  ? -4.824  -3.337  -8.269  1.00 12.00 ? 6   TYR A O   1 
ATOM   64   C  CB  . TYR A 1 22  ? -3.635  -0.439  -6.931  1.00 13.18 ? 6   TYR A CB  1 
ATOM   65   C  CG  . TYR A 1 22  ? -3.956  -0.016  -8.329  1.00 12.38 ? 6   TYR A CG  1 
ATOM   66   C  CD1 . TYR A 1 22  ? -5.241  0.281   -8.770  1.00 12.93 ? 6   TYR A CD1 1 
ATOM   67   C  CD2 . TYR A 1 22  ? -2.930  0.167   -9.250  1.00 14.33 ? 6   TYR A CD2 1 
ATOM   68   C  CE1 . TYR A 1 22  ? -5.506  0.723   -10.062 1.00 13.35 ? 6   TYR A CE1 1 
ATOM   69   C  CE2 . TYR A 1 22  ? -3.172  0.572   -10.551 1.00 14.54 ? 6   TYR A CE2 1 
ATOM   70   C  CZ  . TYR A 1 22  ? -4.451  0.874   -10.970 1.00 14.18 ? 6   TYR A CZ  1 
ATOM   71   O  OH  . TYR A 1 22  ? -4.704  1.260   -12.264 1.00 15.78 ? 6   TYR A OH  1 
ATOM   72   N  N   . VAL A 1 23  ? -5.951  -2.355  -6.561  1.00 11.85 ? 7   VAL A N   1 
ATOM   73   C  CA  . VAL A 1 23  ? -7.290  -2.834  -6.974  1.00 11.38 ? 7   VAL A CA  1 
ATOM   74   C  C   . VAL A 1 23  ? -8.239  -1.644  -7.026  1.00 12.11 ? 7   VAL A C   1 
ATOM   75   O  O   . VAL A 1 23  ? -7.972  -0.614  -6.375  1.00 12.02 ? 7   VAL A O   1 
ATOM   76   C  CB  . VAL A 1 23  ? -7.819  -3.938  -6.040  1.00 11.17 ? 7   VAL A CB  1 
ATOM   77   C  CG1 . VAL A 1 23  ? -6.914  -5.127  -6.060  1.00 11.09 ? 7   VAL A CG1 1 
ATOM   78   C  CG2 . VAL A 1 23  ? -8.028  -3.464  -4.606  1.00 11.56 ? 7   VAL A CG2 1 
ATOM   79   N  N   . GLU A 1 24  ? -9.289  -1.734  -7.822  1.00 11.94 ? 8   GLU A N   1 
ATOM   80   C  CA  . GLU A 1 24  ? -10.154 -0.586  -8.122  1.00 12.13 ? 8   GLU A CA  1 
ATOM   81   C  C   . GLU A 1 24  ? -11.635 -0.980  -8.141  1.00 12.65 ? 8   GLU A C   1 
ATOM   82   O  O   . GLU A 1 24  ? -11.982 -2.013  -8.748  1.00 12.99 ? 8   GLU A O   1 
ATOM   83   C  CB  . GLU A 1 24  ? -9.731  -0.049  -9.480  1.00 12.28 ? 8   GLU A CB  1 
ATOM   84   C  CG  . GLU A 1 24  ? -10.579 1.143   -9.935  1.00 14.25 ? 8   GLU A CG  1 
ATOM   85   C  CD  . GLU A 1 24  ? -10.006 1.711   -11.215 1.00 15.95 ? 8   GLU A CD  1 
ATOM   86   O  OE1 . GLU A 1 24  ? -8.973  2.435   -11.133 1.00 16.31 ? 8   GLU A OE1 1 
ATOM   87   O  OE2 . GLU A 1 24  ? -10.486 1.295   -12.301 1.00 16.60 ? 8   GLU A OE2 1 
ATOM   88   N  N   . ASN A 1 25  ? -12.449 -0.156  -7.488  1.00 12.27 ? 9   ASN A N   1 
ATOM   89   C  CA  . ASN A 1 25  ? -13.887 -0.442  -7.340  1.00 12.80 ? 9   ASN A CA  1 
ATOM   90   C  C   . ASN A 1 25  ? -14.696 0.308   -8.410  1.00 14.05 ? 9   ASN A C   1 
ATOM   91   O  O   . ASN A 1 25  ? -15.372 1.274   -8.084  1.00 15.41 ? 9   ASN A O   1 
ATOM   92   C  CB  . ASN A 1 25  ? -14.377 -0.065  -5.959  1.00 13.35 ? 9   ASN A CB  1 
ATOM   93   C  CG  . ASN A 1 25  ? -15.771 -0.561  -5.703  1.00 13.97 ? 9   ASN A CG  1 
ATOM   94   O  OD1 . ASN A 1 25  ? -16.192 -1.498  -6.354  1.00 15.09 ? 9   ASN A OD1 1 
ATOM   95   N  ND2 . ASN A 1 25  ? -16.426 0.005   -4.727  1.00 13.90 ? 9   ASN A ND2 1 
ATOM   96   N  N   . LYS A 1 26  ? -14.609 -0.169  -9.640  1.00 13.91 ? 10  LYS A N   1 
ATOM   97   C  CA  . LYS A 1 26  ? -15.509 0.291   -10.754 1.00 16.65 ? 10  LYS A CA  1 
ATOM   98   C  C   . LYS A 1 26  ? -16.128 -0.958  -11.362 1.00 17.69 ? 10  LYS A C   1 
ATOM   99   O  O   . LYS A 1 26  ? -15.465 -1.968  -11.390 1.00 15.52 ? 10  LYS A O   1 
ATOM   100  C  CB  . LYS A 1 26  ? -14.752 1.070   -11.826 1.00 19.76 ? 10  LYS A CB  1 
ATOM   101  C  CG  . LYS A 1 26  ? -14.181 2.395   -11.395 1.00 21.88 ? 10  LYS A CG  1 
ATOM   102  C  CD  . LYS A 1 26  ? -13.496 3.040   -12.568 1.00 24.32 ? 10  LYS A CD  1 
ATOM   103  C  CE  . LYS A 1 26  ? -12.725 4.286   -12.214 1.00 26.26 ? 10  LYS A CE  1 
ATOM   104  N  NZ  . LYS A 1 26  ? -13.626 5.448   -12.015 1.00 31.44 ? 10  LYS A NZ  1 
ATOM   105  N  N   . SER A 1 27  ? -17.362 -0.899  -11.870 1.00 18.36 ? 11  SER A N   1 
ATOM   106  C  CA  . SER A 1 27  ? -18.001 -2.094  -12.469 1.00 18.94 ? 11  SER A CA  1 
ATOM   107  C  C   . SER A 1 27  ? -17.133 -2.656  -13.589 1.00 17.61 ? 11  SER A C   1 
ATOM   108  O  O   . SER A 1 27  ? -17.196 -3.878  -13.753 1.00 21.15 ? 11  SER A O   1 
ATOM   109  C  CB  . SER A 1 27  ? -19.389 -1.818  -12.963 1.00 20.91 ? 11  SER A CB  1 
ATOM   110  O  OG  . SER A 1 27  ? -19.325 -0.857  -13.967 1.00 25.03 ? 11  SER A OG  1 
ATOM   111  N  N   . SER A 1 28  ? -16.402 -1.848  -14.327 1.00 16.89 ? 12  SER A N   1 
ATOM   112  C  CA  . SER A 1 28  ? -15.537 -2.320  -15.440 1.00 18.40 ? 12  SER A CA  1 
ATOM   113  C  C   . SER A 1 28  ? -14.216 -2.933  -14.947 1.00 16.11 ? 12  SER A C   1 
ATOM   114  O  O   . SER A 1 28  ? -13.594 -3.629  -15.705 1.00 16.09 ? 12  SER A O   1 
ATOM   115  C  CB  . SER A 1 28  ? -15.266 -1.244  -16.445 1.00 21.14 ? 12  SER A CB  1 
ATOM   116  O  OG  . SER A 1 28  ? -14.726 -0.119  -15.812 1.00 27.07 ? 12  SER A OG  1 
ATOM   117  N  N   . THR A 1 29  ? -13.819 -2.661  -13.702 1.00 15.72 ? 13  THR A N   1 
ATOM   118  C  CA  . THR A 1 29  ? -12.461 -3.054  -13.248 1.00 15.39 ? 13  THR A CA  1 
ATOM   119  C  C   . THR A 1 29  ? -12.495 -3.811  -11.924 1.00 14.06 ? 13  THR A C   1 
ATOM   120  O  O   . THR A 1 29  ? -11.408 -4.166  -11.470 1.00 13.71 ? 13  THR A O   1 
ATOM   121  C  CB  . THR A 1 29  ? -11.572 -1.824  -13.123 1.00 14.85 ? 13  THR A CB  1 
ATOM   122  O  OG1 . THR A 1 29  ? -12.166 -0.926  -12.225 1.00 16.36 ? 13  THR A OG1 1 
ATOM   123  C  CG2 . THR A 1 29  ? -11.313 -1.145  -14.446 1.00 17.25 ? 13  THR A CG2 1 
ATOM   124  N  N   . VAL A 1 30  ? -13.636 -4.212  -11.397 1.00 12.83 ? 14  VAL A N   1 
ATOM   125  C  CA  . VAL A 1 30  ? -13.663 -4.986  -10.128 1.00 13.63 ? 14  VAL A CA  1 
ATOM   126  C  C   . VAL A 1 30  ? -12.999 -6.361  -10.224 1.00 12.70 ? 14  VAL A C   1 
ATOM   127  O  O   . VAL A 1 30  ? -12.623 -6.924  -9.229  1.00 13.35 ? 14  VAL A O   1 
ATOM   128  C  CB  . VAL A 1 30  ? -15.080 -5.165  -9.560  1.00 14.06 ? 14  VAL A CB  1 
ATOM   129  C  CG1 . VAL A 1 30  ? -15.538 -3.982  -8.770  1.00 16.21 ? 14  VAL A CG1 1 
ATOM   130  C  CG2 . VAL A 1 30  ? -16.121 -5.666  -10.594 1.00 15.08 ? 14  VAL A CG2 1 
ATOM   131  N  N   . ASP A 1 31  ? -12.965 -6.893  -11.441 1.00 12.28 ? 15  ASP A N   1 
ATOM   132  C  CA  . ASP A 1 31  ? -12.274 -8.158  -11.715 1.00 13.03 ? 15  ASP A CA  1 
ATOM   133  C  C   . ASP A 1 31  ? -10.942 -7.985  -12.414 1.00 13.00 ? 15  ASP A C   1 
ATOM   134  O  O   . ASP A 1 31  ? -10.402 -8.992  -12.899 1.00 14.68 ? 15  ASP A O   1 
ATOM   135  C  CB  . ASP A 1 31  ? -13.193 -9.108  -12.488 1.00 13.02 ? 15  ASP A CB  1 
ATOM   136  C  CG  . ASP A 1 31  ? -14.369 -9.594  -11.663 1.00 13.58 ? 15  ASP A CG  1 
ATOM   137  O  OD1 . ASP A 1 31  ? -14.157 -9.993  -10.493 1.00 14.05 ? 15  ASP A OD1 1 
ATOM   138  O  OD2 . ASP A 1 31  ? -15.528 -9.498  -12.180 1.00 13.92 ? 15  ASP A OD2 1 
ATOM   139  N  N   . SER A 1 32  ? -10.394 -6.777  -12.408 1.00 12.33 ? 16  SER A N   1 
ATOM   140  C  CA  . SER A 1 32  ? -9.153  -6.459  -13.147 1.00 13.42 ? 16  SER A CA  1 
ATOM   141  C  C   . SER A 1 32  ? -7.950  -6.478  -12.220 1.00 13.01 ? 16  SER A C   1 
ATOM   142  O  O   . SER A 1 32  ? -8.031  -6.069  -11.033 1.00 13.07 ? 16  SER A O   1 
ATOM   143  C  CB  . SER A 1 32  ? -9.231  -5.140  -13.818 1.00 15.62 ? 16  SER A CB  1 
ATOM   144  O  OG  . SER A 1 32  ? -10.267 -5.090  -14.776 1.00 16.83 ? 16  SER A OG  1 
ATOM   145  N  N   . ASN A 1 33  ? -6.875  -6.984  -12.744 1.00 13.78 ? 17  ASN A N   1 
ATOM   146  C  CA  . ASN A 1 33  ? -5.564  -6.978  -12.097 1.00 14.10 ? 17  ASN A CA  1 
ATOM   147  C  C   . ASN A 1 33  ? -4.691  -5.854  -12.664 1.00 14.13 ? 17  ASN A C   1 
ATOM   148  O  O   . ASN A 1 33  ? -4.723  -5.597  -13.884 1.00 15.51 ? 17  ASN A O   1 
ATOM   149  C  CB  . ASN A 1 33  ? -4.886  -8.315  -12.305 1.00 14.60 ? 17  ASN A CB  1 
ATOM   150  C  CG  . ASN A 1 33  ? -3.544  -8.358  -11.619 1.00 15.45 ? 17  ASN A CG  1 
ATOM   151  O  OD1 . ASN A 1 33  ? -2.489  -8.083  -12.238 1.00 15.67 ? 17  ASN A OD1 1 
ATOM   152  N  ND2 . ASN A 1 33  ? -3.550  -8.610  -10.331 1.00 14.97 ? 17  ASN A ND2 1 
ATOM   153  N  N   . PHE A 1 34  ? -3.884  -5.202  -11.824 1.00 14.12 ? 18  PHE A N   1 
ATOM   154  C  CA  . PHE A 1 34  ? -3.104  -4.017  -12.208 1.00 13.54 ? 18  PHE A CA  1 
ATOM   155  C  C   . PHE A 1 34  ? -1.623  -4.265  -11.954 1.00 12.80 ? 18  PHE A C   1 
ATOM   156  O  O   . PHE A 1 34  ? -0.915  -3.229  -11.865 1.00 14.06 ? 18  PHE A O   1 
ATOM   157  C  CB  . PHE A 1 34  ? -3.691  -2.776  -11.556 1.00 13.78 ? 18  PHE A CB  1 
ATOM   158  C  CG  . PHE A 1 34  ? -5.048  -2.408  -12.052 1.00 15.17 ? 18  PHE A CG  1 
ATOM   159  C  CD1 . PHE A 1 34  ? -5.216  -1.760  -13.260 1.00 17.08 ? 18  PHE A CD1 1 
ATOM   160  C  CD2 . PHE A 1 34  ? -6.186  -2.722  -11.325 1.00 13.81 ? 18  PHE A CD2 1 
ATOM   161  C  CE1 . PHE A 1 34  ? -6.468  -1.398  -13.715 1.00 18.14 ? 18  PHE A CE1 1 
ATOM   162  C  CE2 . PHE A 1 34  ? -7.436  -2.382  -11.793 1.00 15.18 ? 18  PHE A CE2 1 
ATOM   163  C  CZ  . PHE A 1 34  ? -7.588  -1.699  -12.984 1.00 18.27 ? 18  PHE A CZ  1 
ATOM   164  N  N   . ALA A 1 35  ? -1.111  -5.452  -11.949 1.00 13.30 ? 19  ALA A N   1 
ATOM   165  C  CA  . ALA A 1 35  ? 0.304   -5.654  -11.599 1.00 14.40 ? 19  ALA A CA  1 
ATOM   166  C  C   . ALA A 1 35  ? 1.220   -5.164  -12.717 1.00 15.97 ? 19  ALA A C   1 
ATOM   167  O  O   . ALA A 1 35  ? 2.441   -5.035  -12.481 1.00 18.77 ? 19  ALA A O   1 
ATOM   168  C  CB  . ALA A 1 35  ? 0.556   -7.062  -11.276 1.00 16.95 ? 19  ALA A CB  1 
ATOM   169  N  N   . THR A 1 36  ? 0.719   -4.820  -13.877 1.00 15.18 ? 20  THR A N   1 
ATOM   170  C  CA  . THR A 1 36  ? 1.589   -4.312  -14.954 1.00 17.38 ? 20  THR A CA  1 
ATOM   171  C  C   . THR A 1 36  ? 1.726   -2.813  -14.892 1.00 18.66 ? 20  THR A C   1 
ATOM   172  O  O   . THR A 1 36  ? 2.525   -2.266  -15.666 1.00 19.93 ? 20  THR A O   1 
ATOM   173  C  CB  . THR A 1 36  ? 1.119   -4.748  -16.341 1.00 19.67 ? 20  THR A CB  1 
ATOM   174  O  OG1 . THR A 1 36  ? -0.051  -3.999  -16.631 1.00 25.18 ? 20  THR A OG1 1 
ATOM   175  C  CG2 . THR A 1 36  ? 0.887   -6.225  -16.451 1.00 18.74 ? 20  THR A CG2 1 
ATOM   176  N  N   . SER A 1 37  ? 1.006   -2.101  -14.036 1.00 15.80 ? 21  SER A N   1 
ATOM   177  C  CA  . SER A 1 37  ? 1.025   -0.631  -14.020 1.00 16.12 ? 21  SER A CA  1 
ATOM   178  C  C   . SER A 1 37  ? 2.237   -0.082  -13.273 1.00 17.36 ? 21  SER A C   1 
ATOM   179  O  O   . SER A 1 37  ? 2.743   -0.702  -12.348 1.00 16.39 ? 21  SER A O   1 
ATOM   180  C  CB  . SER A 1 37  ? -0.253  -0.110  -13.349 1.00 17.15 ? 21  SER A CB  1 
ATOM   181  O  OG  . SER A 1 37  ? -0.307  1.286   -13.197 1.00 17.55 ? 21  SER A OG  1 
ATOM   182  N  N   . LYS A 1 38  ? 2.646   1.098   -13.699 1.00 17.71 ? 22  LYS A N   1 
ATOM   183  C  CA  . LYS A 1 38  ? 3.661   1.932   -12.995 1.00 17.70 ? 22  LYS A CA  1 
ATOM   184  C  C   . LYS A 1 38  ? 3.080   2.629   -11.774 1.00 17.81 ? 22  LYS A C   1 
ATOM   185  O  O   . LYS A 1 38  ? 3.869   3.242   -10.999 1.00 17.20 ? 22  LYS A O   1 
ATOM   186  C  CB  . LYS A 1 38  ? 4.210   3.036   -13.921 1.00 20.40 ? 22  LYS A CB  1 
ATOM   187  C  CG  . LYS A 1 38  ? 4.973   2.524   -15.138 1.00 22.95 ? 22  LYS A CG  1 
ATOM   188  C  CD  . LYS A 1 38  ? 5.543   3.665   -15.990 1.00 27.40 ? 22  LYS A CD  1 
ATOM   189  C  CE  . LYS A 1 38  ? 5.749   3.282   -17.445 1.00 36.18 ? 22  LYS A CE  1 
ATOM   190  N  NZ  . LYS A 1 38  ? 5.972   4.483   -18.301 1.00 38.32 ? 22  LYS A NZ  1 
ATOM   191  N  N   . GLN A 1 39  ? 1.755   2.509   -11.552 1.00 17.20 ? 23  GLN A N   1 
ATOM   192  C  CA  . GLN A 1 39  ? 1.019   3.225   -10.474 1.00 15.86 ? 23  GLN A CA  1 
ATOM   193  C  C   . GLN A 1 39  ? 0.485   2.236   -9.439  1.00 15.45 ? 23  GLN A C   1 
ATOM   194  O  O   . GLN A 1 39  ? 0.064   1.127   -9.838  1.00 15.80 ? 23  GLN A O   1 
ATOM   195  C  CB  . GLN A 1 39  ? -0.134  4.010   -11.046 1.00 15.83 ? 23  GLN A CB  1 
ATOM   196  C  CG  . GLN A 1 39  ? 0.303   5.073   -12.061 1.00 17.88 ? 23  GLN A CG  1 
ATOM   197  C  CD  . GLN A 1 39  ? -0.882  5.707   -12.725 1.00 18.65 ? 23  GLN A CD  1 
ATOM   198  O  OE1 . GLN A 1 39  ? -1.522  5.110   -13.580 1.00 20.29 ? 23  GLN A OE1 1 
ATOM   199  N  NE2 . GLN A 1 39  ? -1.230  6.918   -12.358 1.00 20.68 ? 23  GLN A NE2 1 
ATOM   200  N  N   . LEU A 1 40  ? 0.566   2.631   -8.175  1.00 14.87 ? 24  LEU A N   1 
ATOM   201  C  CA  . LEU A 1 40  ? -0.135  1.966   -7.050  1.00 14.43 ? 24  LEU A CA  1 
ATOM   202  C  C   . LEU A 1 40  ? -1.187  2.979   -6.625  1.00 14.76 ? 24  LEU A C   1 
ATOM   203  O  O   . LEU A 1 40  ? -0.922  3.852   -5.770  1.00 13.71 ? 24  LEU A O   1 
ATOM   204  C  CB  . LEU A 1 40  ? 0.824   1.614   -5.921  1.00 14.30 ? 24  LEU A CB  1 
ATOM   205  C  CG  . LEU A 1 40  ? 2.009   0.765   -6.353  1.00 14.18 ? 24  LEU A CG  1 
ATOM   206  C  CD1 . LEU A 1 40  ? 3.033   0.703   -5.241  1.00 16.50 ? 24  LEU A CD1 1 
ATOM   207  C  CD2 . LEU A 1 40  ? 1.549   -0.639  -6.737  1.00 15.03 ? 24  LEU A CD2 1 
ATOM   208  N  N   . LYS A 1 41  ? -2.354  2.957   -7.259  1.00 13.69 ? 25  LYS A N   1 
ATOM   209  C  CA  . LYS A 1 41  ? -3.350  3.998   -7.071  1.00 14.06 ? 25  LYS A CA  1 
ATOM   210  C  C   . LYS A 1 41  ? -4.033  3.905   -5.701  1.00 14.30 ? 25  LYS A C   1 
ATOM   211  O  O   . LYS A 1 41  ? -4.204  2.813   -5.136  1.00 13.52 ? 25  LYS A O   1 
ATOM   212  C  CB  . LYS A 1 41  ? -4.452  3.992   -8.143  1.00 14.73 ? 25  LYS A CB  1 
ATOM   213  C  CG  . LYS A 1 41  ? -3.928  4.212   -9.563  1.00 14.97 ? 25  LYS A CG  1 
ATOM   214  C  CD  . LYS A 1 41  ? -5.006  4.348   -10.548 1.00 15.81 ? 25  LYS A CD  1 
ATOM   215  C  CE  . LYS A 1 41  ? -4.457  4.585   -11.949 1.00 16.63 ? 25  LYS A CE  1 
ATOM   216  N  NZ  . LYS A 1 41  ? -5.564  4.837   -12.894 1.00 19.94 ? 25  LYS A NZ  1 
ATOM   217  N  N   . PHE A 1 42  ? -4.487  5.019   -5.166  1.00 12.98 ? 26  PHE A N   1 
ATOM   218  C  CA  . PHE A 1 42  ? -5.346  5.108   -3.978  1.00 13.32 ? 26  PHE A CA  1 
ATOM   219  C  C   . PHE A 1 42  ? -6.445  6.123   -4.213  1.00 15.16 ? 26  PHE A C   1 
ATOM   220  O  O   . PHE A 1 42  ? -6.277  7.153   -4.895  1.00 14.69 ? 26  PHE A O   1 
ATOM   221  C  CB  . PHE A 1 42  ? -4.565  5.420   -2.691  1.00 13.99 ? 26  PHE A CB  1 
ATOM   222  C  CG  . PHE A 1 42  ? -3.787  6.719   -2.684  1.00 14.75 ? 26  PHE A CG  1 
ATOM   223  C  CD1 . PHE A 1 42  ? -4.439  7.927   -2.548  1.00 15.27 ? 26  PHE A CD1 1 
ATOM   224  C  CD2 . PHE A 1 42  ? -2.423  6.689   -2.927  1.00 14.92 ? 26  PHE A CD2 1 
ATOM   225  C  CE1 . PHE A 1 42  ? -3.697  9.099   -2.557  1.00 15.54 ? 26  PHE A CE1 1 
ATOM   226  C  CE2 . PHE A 1 42  ? -1.687  7.870   -2.940  1.00 15.50 ? 26  PHE A CE2 1 
ATOM   227  C  CZ  . PHE A 1 42  ? -2.364  9.060   -2.822  1.00 15.78 ? 26  PHE A CZ  1 
ATOM   228  N  N   . LYS A 1 43  ? -7.584  5.869   -3.604  1.00 13.81 ? 27  LYS A N   1 
ATOM   229  C  CA  . LYS A 1 43  ? -8.683  6.850   -3.498  1.00 14.88 ? 27  LYS A CA  1 
ATOM   230  C  C   . LYS A 1 43  ? -9.645  6.315   -2.457  1.00 14.23 ? 27  LYS A C   1 
ATOM   231  O  O   . LYS A 1 43  ? -9.886  5.068   -2.407  1.00 13.67 ? 27  LYS A O   1 
ATOM   232  C  CB  . LYS A 1 43  ? -9.392  7.100   -4.821  1.00 15.26 ? 27  LYS A CB  1 
ATOM   233  C  CG  . LYS A 1 43  ? -10.253 8.360   -4.787  1.00 15.65 ? 27  LYS A CG  1 
ATOM   234  C  CD  . LYS A 1 43  ? -10.931 8.688   -6.094  1.00 16.90 ? 27  LYS A CD  1 
ATOM   235  C  CE  . LYS A 1 43  ? -11.446 10.105  -6.129  1.00 18.29 ? 27  LYS A CE  1 
ATOM   236  N  NZ  . LYS A 1 43  ? -12.225 10.335  -7.365  1.00 21.37 ? 27  LYS A NZ  1 
ATOM   237  N  N   . GLY A 1 44  ? -10.211 7.141   -1.618  1.00 14.37 ? 28  GLY A N   1 
ATOM   238  C  CA  . GLY A 1 44  ? -11.271 6.778   -0.672  1.00 14.78 ? 28  GLY A CA  1 
ATOM   239  C  C   . GLY A 1 44  ? -12.388 7.781   -0.776  1.00 17.03 ? 28  GLY A C   1 
ATOM   240  O  O   . GLY A 1 44  ? -12.186 8.959   -0.401  1.00 17.91 ? 28  GLY A O   1 
ATOM   241  N  N   . THR A 1 45  ? -13.536 7.397   -1.293  1.00 16.31 ? 29  THR A N   1 
ATOM   242  C  CA  . THR A 1 45  ? -14.702 8.274   -1.516  1.00 16.59 ? 29  THR A CA  1 
ATOM   243  C  C   . THR A 1 45  ? -15.729 8.018   -0.411  1.00 18.94 ? 29  THR A C   1 
ATOM   244  O  O   . THR A 1 45  ? -15.668 7.053   0.312   1.00 20.37 ? 29  THR A O   1 
ATOM   245  C  CB  . THR A 1 45  ? -15.297 8.072   -2.907  1.00 17.65 ? 29  THR A CB  1 
ATOM   246  O  OG1 . THR A 1 45  ? -15.911 6.771   -2.913  1.00 18.24 ? 29  THR A OG1 1 
ATOM   247  C  CG2 . THR A 1 45  ? -14.255 8.147   -3.996  1.00 17.42 ? 29  THR A CG2 1 
ATOM   248  N  N   . SER A 1 46  ? -16.709 8.917   -0.303  1.00 23.83 ? 30  SER A N   1 
ATOM   249  C  CA  . SER A 1 46  ? -17.787 8.788   0.709   1.00 23.32 ? 30  SER A CA  1 
ATOM   250  C  C   . SER A 1 46  ? -18.506 7.452   0.569   1.00 24.52 ? 30  SER A C   1 
ATOM   251  O  O   . SER A 1 46  ? -18.761 6.809   1.582   1.00 25.54 ? 30  SER A O   1 
ATOM   252  C  CB  . SER A 1 46  ? -18.795 9.925   0.575   1.00 26.11 ? 30  SER A CB  1 
ATOM   253  O  OG  . SER A 1 46  ? -18.113 11.141  0.793   1.00 34.99 ? 30  SER A OG  1 
ATOM   254  N  N   . LYS A 1 47  ? -18.828 7.095   -0.665  1.00 24.08 ? 31  LYS A N   1 
ATOM   255  C  CA  . LYS A 1 47  ? -19.704 5.941   -0.973  1.00 25.04 ? 31  LYS A CA  1 
ATOM   256  C  C   . LYS A 1 47  ? -18.886 4.665   -1.217  1.00 23.64 ? 31  LYS A C   1 
ATOM   257  O  O   . LYS A 1 47  ? -19.481 3.595   -1.124  1.00 24.66 ? 31  LYS A O   1 
ATOM   258  C  CB  . LYS A 1 47  ? -20.535 6.225   -2.228  1.00 30.43 ? 31  LYS A CB  1 
ATOM   259  C  CG  . LYS A 1 47  ? -21.525 7.388   -2.108  1.00 39.17 ? 31  LYS A CG  1 
ATOM   260  C  CD  . LYS A 1 47  ? -21.879 8.021   -3.447  1.00 45.35 ? 31  LYS A CD  1 
ATOM   261  C  CE  . LYS A 1 47  ? -23.080 7.385   -4.114  1.00 53.45 ? 31  LYS A CE  1 
ATOM   262  N  NZ  . LYS A 1 47  ? -24.318 8.154   -3.823  1.00 62.72 ? 31  LYS A NZ  1 
ATOM   263  N  N   . GLY A 1 48  ? -17.598 4.785   -1.603  1.00 18.37 ? 32  GLY A N   1 
ATOM   264  C  CA  . GLY A 1 48  ? -16.719 3.643   -1.882  1.00 16.81 ? 32  GLY A CA  1 
ATOM   265  C  C   . GLY A 1 48  ? -16.562 3.354   -3.353  1.00 14.83 ? 32  GLY A C   1 
ATOM   266  O  O   . GLY A 1 48  ? -15.623 2.704   -3.765  1.00 15.28 ? 32  GLY A O   1 
ATOM   267  N  N   . SER A 1 49  ? -17.477 3.817   -4.202  1.00 16.97 ? 33  SER A N   1 
ATOM   268  C  CA  . SER A 1 49  ? -17.293 3.725   -5.665  1.00 16.94 ? 33  SER A CA  1 
ATOM   269  C  C   . SER A 1 49  ? -16.011 4.476   -5.998  1.00 17.17 ? 33  SER A C   1 
ATOM   270  O  O   . SER A 1 49  ? -15.749 5.557   -5.450  1.00 18.15 ? 33  SER A O   1 
ATOM   271  C  CB  . SER A 1 49  ? -18.497 4.281   -6.418  1.00 22.19 ? 33  SER A CB  1 
ATOM   272  O  OG  . SER A 1 49  ? -18.855 5.514   -5.862  1.00 29.98 ? 33  SER A OG  1 
ATOM   273  N  N   . ASP A 1 50  ? -15.257 3.953   -6.924  1.00 15.15 ? 34  ASP A N   1 
ATOM   274  C  CA  . ASP A 1 50  ? -13.991 4.523   -7.410  1.00 15.42 ? 34  ASP A CA  1 
ATOM   275  C  C   . ASP A 1 50  ? -12.890 4.469   -6.363  1.00 15.13 ? 34  ASP A C   1 
ATOM   276  O  O   . ASP A 1 50  ? -11.820 5.070   -6.571  1.00 15.34 ? 34  ASP A O   1 
ATOM   277  C  CB  . ASP A 1 50  ? -14.188 5.953   -7.909  1.00 18.08 ? 34  ASP A CB  1 
ATOM   278  C  CG  . ASP A 1 50  ? -15.290 6.095   -8.918  1.00 21.17 ? 34  ASP A CG  1 
ATOM   279  O  OD1 . ASP A 1 50  ? -15.459 5.228   -9.766  1.00 22.79 ? 34  ASP A OD1 1 
ATOM   280  O  OD2 . ASP A 1 50  ? -15.977 7.134   -8.804  1.00 27.81 ? 34  ASP A OD2 1 
ATOM   281  N  N   . ASP A 1 51  ? -13.055 3.720   -5.284  1.00 13.79 ? 35  ASP A N   1 
ATOM   282  C  CA  . ASP A 1 51  ? -11.915 3.499   -4.369  1.00 13.70 ? 35  ASP A CA  1 
ATOM   283  C  C   . ASP A 1 51  ? -10.842 2.708   -5.086  1.00 12.09 ? 35  ASP A C   1 
ATOM   284  O  O   . ASP A 1 51  ? -11.089 1.881   -5.956  1.00 13.61 ? 35  ASP A O   1 
ATOM   285  C  CB  . ASP A 1 51  ? -12.375 2.833   -3.079  1.00 13.44 ? 35  ASP A CB  1 
ATOM   286  C  CG  . ASP A 1 51  ? -13.093 3.760   -2.118  1.00 13.53 ? 35  ASP A CG  1 
ATOM   287  O  OD1 . ASP A 1 51  ? -13.391 4.916   -2.515  1.00 14.85 ? 35  ASP A OD1 1 
ATOM   288  O  OD2 . ASP A 1 51  ? -13.380 3.335   -0.995  1.00 14.82 ? 35  ASP A OD2 1 
ATOM   289  N  N   . ARG A 1 52  ? -9.610  2.955   -4.656  1.00 12.54 ? 36  ARG A N   1 
ATOM   290  C  CA  . ARG A 1 52  ? -8.438  2.170   -5.058  1.00 12.45 ? 36  ARG A CA  1 
ATOM   291  C  C   . ARG A 1 52  ? -7.630  1.849   -3.805  1.00 12.81 ? 36  ARG A C   1 
ATOM   292  O  O   . ARG A 1 52  ? -7.485  2.739   -2.950  1.00 12.83 ? 36  ARG A O   1 
ATOM   293  C  CB  . ARG A 1 52  ? -7.515  2.874   -6.063  1.00 14.04 ? 36  ARG A CB  1 
ATOM   294  C  CG  . ARG A 1 52  ? -8.062  2.951   -7.473  1.00 13.79 ? 36  ARG A CG  1 
ATOM   295  C  CD  . ARG A 1 52  ? -8.950  4.135   -7.723  1.00 15.93 ? 36  ARG A CD  1 
ATOM   296  N  NE  . ARG A 1 52  ? -9.154  4.382   -9.125  1.00 14.70 ? 36  ARG A NE  1 
ATOM   297  C  CZ  . ARG A 1 52  ? -9.789  5.455   -9.579  1.00 17.37 ? 36  ARG A CZ  1 
ATOM   298  N  NH1 . ARG A 1 52  ? -10.384 6.294   -8.757  1.00 18.27 ? 36  ARG A NH1 1 
ATOM   299  N  NH2 . ARG A 1 52  ? -9.869  5.657   -10.889 1.00 19.96 ? 36  ARG A NH2 1 
ATOM   300  N  N   . ILE A 1 53  ? -7.069  0.666   -3.694  1.00 11.65 ? 37  ILE A N   1 
ATOM   301  C  CA  . ILE A 1 53  ? -6.229  0.197   -2.591  1.00 12.33 ? 37  ILE A CA  1 
ATOM   302  C  C   . ILE A 1 53  ? -4.950  -0.367  -3.189  1.00 12.58 ? 37  ILE A C   1 
ATOM   303  O  O   . ILE A 1 53  ? -5.027  -1.150  -4.127  1.00 11.84 ? 37  ILE A O   1 
ATOM   304  C  CB  . ILE A 1 53  ? -6.956  -0.895  -1.805  1.00 11.77 ? 37  ILE A CB  1 
ATOM   305  C  CG1 . ILE A 1 53  ? -8.308  -0.439  -1.256  1.00 13.06 ? 37  ILE A CG1 1 
ATOM   306  C  CG2 . ILE A 1 53  ? -6.062  -1.413  -0.727  1.00 12.08 ? 37  ILE A CG2 1 
ATOM   307  C  CD1 . ILE A 1 53  ? -9.085  -1.609  -0.693  1.00 15.32 ? 37  ILE A CD1 1 
ATOM   308  N  N   . GLY A 1 54  ? -3.811  -0.057  -2.597  1.00 11.42 ? 38  GLY A N   1 
ATOM   309  C  CA  . GLY A 1 54  ? -2.564  -0.681  -3.001  1.00 11.53 ? 38  GLY A CA  1 
ATOM   310  C  C   . GLY A 1 54  ? -2.133  -1.766  -2.063  1.00 11.21 ? 38  GLY A C   1 
ATOM   311  O  O   . GLY A 1 54  ? -2.519  -1.780  -0.891  1.00 11.80 ? 38  GLY A O   1 
ATOM   312  N  N   . TYR A 1 55  ? -1.330  -2.679  -2.578  1.00 11.78 ? 39  TYR A N   1 
ATOM   313  C  CA  . TYR A 1 55  ? -0.797  -3.800  -1.829  1.00 12.63 ? 39  TYR A CA  1 
ATOM   314  C  C   . TYR A 1 55  ? 0.653   -4.055  -2.189  1.00 12.37 ? 39  TYR A C   1 
ATOM   315  O  O   . TYR A 1 55  ? 1.023   -3.970  -3.389  1.00 12.52 ? 39  TYR A O   1 
ATOM   316  C  CB  . TYR A 1 55  ? -1.599  -5.062  -2.157  1.00 12.43 ? 39  TYR A CB  1 
ATOM   317  C  CG  . TYR A 1 55  ? -3.033  -5.092  -1.668  1.00 11.80 ? 39  TYR A CG  1 
ATOM   318  C  CD1 . TYR A 1 55  ? -3.332  -5.521  -0.378  1.00 12.17 ? 39  TYR A CD1 1 
ATOM   319  C  CD2 . TYR A 1 55  ? -4.079  -4.682  -2.473  1.00 11.50 ? 39  TYR A CD2 1 
ATOM   320  C  CE1 . TYR A 1 55  ? -4.657  -5.603  0.042   1.00 12.66 ? 39  TYR A CE1 1 
ATOM   321  C  CE2 . TYR A 1 55  ? -5.399  -4.764  -2.068  1.00 12.32 ? 39  TYR A CE2 1 
ATOM   322  C  CZ  . TYR A 1 55  ? -5.687  -5.204  -0.803  1.00 11.65 ? 39  TYR A CZ  1 
ATOM   323  O  OH  . TYR A 1 55  ? -7.015  -5.272  -0.436  1.00 12.43 ? 39  TYR A OH  1 
ATOM   324  N  N   . LEU A 1 56  ? 1.421   -4.403  -1.165  1.00 12.72 ? 40  LEU A N   1 
ATOM   325  C  CA  . LEU A 1 56  ? 2.868   -4.692  -1.289  1.00 12.76 ? 40  LEU A CA  1 
ATOM   326  C  C   . LEU A 1 56  ? 3.171   -6.004  -0.616  1.00 13.32 ? 40  LEU A C   1 
ATOM   327  O  O   . LEU A 1 56  ? 2.622   -6.306  0.467   1.00 13.79 ? 40  LEU A O   1 
ATOM   328  C  CB  . LEU A 1 56  ? 3.739   -3.639  -0.612  1.00 14.08 ? 40  LEU A CB  1 
ATOM   329  C  CG  . LEU A 1 56  ? 3.520   -2.196  -0.985  1.00 14.27 ? 40  LEU A CG  1 
ATOM   330  C  CD1 . LEU A 1 56  ? 4.378   -1.257  -0.134  1.00 14.91 ? 40  LEU A CD1 1 
ATOM   331  C  CD2 . LEU A 1 56  ? 3.722   -1.962  -2.464  1.00 15.44 ? 40  LEU A CD2 1 
ATOM   332  N  N   . LYS A 1 57  ? 4.141   -6.740  -1.141  1.00 14.54 ? 41  LYS A N   1 
ATOM   333  C  CA  . LYS A 1 57  ? 4.749   -7.854  -0.387  1.00 14.02 ? 41  LYS A CA  1 
ATOM   334  C  C   . LYS A 1 57  ? 6.267   -7.710  -0.478  1.00 15.41 ? 41  LYS A C   1 
ATOM   335  O  O   . LYS A 1 57  ? 6.769   -7.316  -1.554  1.00 15.66 ? 41  LYS A O   1 
ATOM   336  C  CB  . LYS A 1 57  ? 4.400   -9.254  -0.885  1.00 17.49 ? 41  LYS A CB  1 
ATOM   337  C  CG  . LYS A 1 57  ? 3.016   -9.782  -0.560  1.00 21.04 ? 41  LYS A CG  1 
ATOM   338  C  CD  . LYS A 1 57  ? 2.698   -11.091 -1.218  1.00 21.88 ? 41  LYS A CD  1 
ATOM   339  C  CE  . LYS A 1 57  ? 3.504   -12.242 -0.707  1.00 22.80 ? 41  LYS A CE  1 
ATOM   340  N  NZ  . LYS A 1 57  ? 3.040   -13.493 -1.364  1.00 19.98 ? 41  LYS A NZ  1 
ATOM   341  N  N   . PHE A 1 58  ? 6.937   -8.061  0.599   1.00 14.98 ? 42  PHE A N   1 
ATOM   342  C  CA  . PHE A 1 58  ? 8.419   -8.125  0.660   1.00 15.11 ? 42  PHE A CA  1 
ATOM   343  C  C   . PHE A 1 58  ? 8.781   -9.461  1.260   1.00 15.99 ? 42  PHE A C   1 
ATOM   344  O  O   . PHE A 1 58  ? 8.019   -10.108 1.969   1.00 17.36 ? 42  PHE A O   1 
ATOM   345  C  CB  . PHE A 1 58  ? 9.000   -7.019  1.537   1.00 14.74 ? 42  PHE A CB  1 
ATOM   346  C  CG  . PHE A 1 58  ? 8.688   -5.625  1.115   1.00 17.25 ? 42  PHE A CG  1 
ATOM   347  C  CD1 . PHE A 1 58  ? 9.539   -4.937  0.283   1.00 17.48 ? 42  PHE A CD1 1 
ATOM   348  C  CD2 . PHE A 1 58  ? 7.521   -4.994  1.525   1.00 17.45 ? 42  PHE A CD2 1 
ATOM   349  C  CE1 . PHE A 1 58  ? 9.272   -3.646  -0.087  1.00 16.61 ? 42  PHE A CE1 1 
ATOM   350  C  CE2 . PHE A 1 58  ? 7.236   -3.705  1.108   1.00 16.63 ? 42  PHE A CE2 1 
ATOM   351  C  CZ  . PHE A 1 58  ? 8.116   -3.031  0.312   1.00 17.92 ? 42  PHE A CZ  1 
ATOM   352  N  N   . ASP A 1 59  ? 10.019  -9.880  0.991   1.00 18.52 ? 43  ASP A N   1 
ATOM   353  C  CA  . ASP A 1 59  ? 10.609  -11.126 1.520   1.00 18.66 ? 43  ASP A CA  1 
ATOM   354  C  C   . ASP A 1 59  ? 11.865  -10.751 2.309   1.00 19.26 ? 43  ASP A C   1 
ATOM   355  O  O   . ASP A 1 59  ? 12.849  -10.257 1.686   1.00 20.59 ? 43  ASP A O   1 
ATOM   356  C  CB  . ASP A 1 59  ? 10.910  -12.118 0.394   1.00 21.54 ? 43  ASP A CB  1 
ATOM   357  C  CG  . ASP A 1 59  ? 11.474  -13.440 0.901   1.00 22.14 ? 43  ASP A CG  1 
ATOM   358  O  OD1 . ASP A 1 59  ? 11.858  -13.483 2.058   1.00 23.08 ? 43  ASP A OD1 1 
ATOM   359  O  OD2 . ASP A 1 59  ? 11.377  -14.443 0.173   1.00 26.41 ? 43  ASP A OD2 1 
ATOM   360  N  N   . ILE A 1 60  ? 11.800  -10.818 3.614   1.00 19.00 ? 44  ILE A N   1 
ATOM   361  C  CA  . ILE A 1 60  ? 12.898  -10.395 4.529   1.00 20.79 ? 44  ILE A CA  1 
ATOM   362  C  C   . ILE A 1 60  ? 13.624  -11.643 5.028   1.00 24.77 ? 44  ILE A C   1 
ATOM   363  O  O   . ILE A 1 60  ? 14.495  -11.461 5.893   1.00 27.35 ? 44  ILE A O   1 
ATOM   364  C  CB  . ILE A 1 60  ? 12.370  -9.533  5.694   1.00 20.99 ? 44  ILE A CB  1 
ATOM   365  C  CG1 . ILE A 1 60  ? 11.394  -10.290 6.615   1.00 20.34 ? 44  ILE A CG1 1 
ATOM   366  C  CG2 . ILE A 1 60  ? 11.778  -8.220  5.176   1.00 22.63 ? 44  ILE A CG2 1 
ATOM   367  C  CD1 . ILE A 1 60  ? 11.022  -9.523  7.871   1.00 22.15 ? 44  ILE A CD1 1 
ATOM   368  N  N   . SER A 1 61  ? 13.285  -12.825 4.536   1.00 22.73 ? 45  SER A N   1 
ATOM   369  C  CA  . SER A 1 61  ? 13.811  -14.104 5.087   1.00 27.00 ? 45  SER A CA  1 
ATOM   370  C  C   . SER A 1 61  ? 15.341  -14.166 4.901   1.00 32.28 ? 45  SER A C   1 
ATOM   371  O  O   . SER A 1 61  ? 15.951  -14.850 5.704   1.00 36.70 ? 45  SER A O   1 
ATOM   372  C  CB  . SER A 1 61  ? 13.112  -15.277 4.507   1.00 28.61 ? 45  SER A CB  1 
ATOM   373  O  OG  . SER A 1 61  ? 13.362  -15.372 3.131   1.00 28.97 ? 45  SER A OG  1 
ATOM   374  N  N   . ASN A 1 62  ? 15.935  -13.446 3.944   1.00 33.20 ? 46  ASN A N   1 
ATOM   375  C  CA  . ASN A 1 62  ? 17.392  -13.511 3.630   1.00 39.32 ? 46  ASN A CA  1 
ATOM   376  C  C   . ASN A 1 62  ? 18.155  -12.457 4.421   1.00 42.01 ? 46  ASN A C   1 
ATOM   377  O  O   . ASN A 1 62  ? 19.390  -12.458 4.334   1.00 45.22 ? 46  ASN A O   1 
ATOM   378  C  CB  . ASN A 1 62  ? 17.712  -13.269 2.155   1.00 43.09 ? 46  ASN A CB  1 
ATOM   379  C  CG  . ASN A 1 62  ? 17.056  -14.268 1.229   1.00 49.37 ? 46  ASN A CG  1 
ATOM   380  O  OD1 . ASN A 1 62  ? 16.915  -15.445 1.567   1.00 52.74 ? 46  ASN A OD1 1 
ATOM   381  N  ND2 . ASN A 1 62  ? 16.632  -13.802 0.065   1.00 56.68 ? 46  ASN A ND2 1 
ATOM   382  N  N   . PHE A 1 63  ? 17.472  -11.571 5.143   1.00 36.54 ? 47  PHE A N   1 
ATOM   383  C  CA  . PHE A 1 63  ? 18.146  -10.571 5.996   1.00 40.98 ? 47  PHE A CA  1 
ATOM   384  C  C   . PHE A 1 63  ? 18.940  -11.324 7.067   1.00 48.00 ? 47  PHE A C   1 
ATOM   385  O  O   . PHE A 1 63  ? 18.350  -11.906 8.016   1.00 41.23 ? 47  PHE A O   1 
ATOM   386  C  CB  . PHE A 1 63  ? 17.189  -9.551  6.600   1.00 38.39 ? 47  PHE A CB  1 
ATOM   387  C  CG  . PHE A 1 63  ? 17.928  -8.401  7.235   1.00 39.34 ? 47  PHE A CG  1 
ATOM   388  C  CD1 . PHE A 1 63  ? 18.063  -8.310  8.611   1.00 38.41 ? 47  PHE A CD1 1 
ATOM   389  C  CD2 . PHE A 1 63  ? 18.526  -7.430  6.447   1.00 37.46 ? 47  PHE A CD2 1 
ATOM   390  C  CE1 . PHE A 1 63  ? 18.760  -7.255  9.185   1.00 41.05 ? 47  PHE A CE1 1 
ATOM   391  C  CE2 . PHE A 1 63  ? 19.200  -6.368  7.022   1.00 37.02 ? 47  PHE A CE2 1 
ATOM   392  C  CZ  . PHE A 1 63  ? 19.324  -6.287  8.388   1.00 37.06 ? 47  PHE A CZ  1 
ATOM   393  N  N   . LYS A 1 64  ? 20.250  -11.371 6.821   1.00 57.06 ? 48  LYS A N   1 
ATOM   394  C  CA  . LYS A 1 64  ? 21.311  -11.788 7.773   1.00 58.92 ? 48  LYS A CA  1 
ATOM   395  C  C   . LYS A 1 64  ? 21.333  -10.790 8.940   1.00 58.99 ? 48  LYS A C   1 
ATOM   396  O  O   . LYS A 1 64  ? 21.548  -9.581  8.690   1.00 54.30 ? 48  LYS A O   1 
ATOM   397  C  CB  . LYS A 1 64  ? 22.656  -11.874 7.039   1.00 66.87 ? 48  LYS A CB  1 
ATOM   398  C  CG  . LYS A 1 64  ? 22.888  -10.824 5.952   1.00 71.50 ? 48  LYS A CG  1 
ATOM   399  C  CD  . LYS A 1 64  ? 24.350  -10.510 5.687   1.00 77.57 ? 48  LYS A CD  1 
ATOM   400  C  CE  . LYS A 1 64  ? 25.103  -11.652 5.037   1.00 78.47 ? 48  LYS A CE  1 
ATOM   401  N  NZ  . LYS A 1 64  ? 26.566  -11.525 5.239   1.00 80.13 ? 48  LYS A NZ  1 
ATOM   402  N  N   . GLY A 1 65  ? 21.068  -11.277 10.156  1.00 58.42 ? 49  GLY A N   1 
ATOM   403  C  CA  . GLY A 1 65  ? 21.255  -10.532 11.416  1.00 60.18 ? 49  GLY A CA  1 
ATOM   404  C  C   . GLY A 1 65  ? 19.941  -10.221 12.107  1.00 58.99 ? 49  GLY A C   1 
ATOM   405  O  O   . GLY A 1 65  ? 18.898  -10.658 11.613  1.00 64.32 ? 49  GLY A O   1 
ATOM   406  N  N   . GLU A 1 66  ? 20.014  -9.495  13.225  1.00 64.17 ? 50  GLU A N   1 
ATOM   407  C  CA  . GLU A 1 66  ? 18.867  -9.017  14.048  1.00 63.61 ? 50  GLU A CA  1 
ATOM   408  C  C   . GLU A 1 66  ? 18.416  -7.650  13.525  1.00 62.21 ? 50  GLU A C   1 
ATOM   409  O  O   . GLU A 1 66  ? 19.249  -6.732  13.536  1.00 53.96 ? 50  GLU A O   1 
ATOM   410  C  CB  . GLU A 1 66  ? 19.296  -8.854  15.509  1.00 67.45 ? 50  GLU A CB  1 
ATOM   411  C  CG  . GLU A 1 66  ? 19.381  -10.157 16.276  1.00 67.42 ? 50  GLU A CG  1 
ATOM   412  C  CD  . GLU A 1 66  ? 18.040  -10.630 16.795  1.00 70.52 ? 50  GLU A CD  1 
ATOM   413  O  OE1 . GLU A 1 66  ? 17.854  -11.860 16.922  1.00 70.93 ? 50  GLU A OE1 1 
ATOM   414  O  OE2 . GLU A 1 66  ? 17.186  -9.767  17.078  1.00 69.50 ? 50  GLU A OE2 1 
ATOM   415  N  N   . ILE A 1 67  ? 17.158  -7.514  13.088  1.00 62.25 ? 51  ILE A N   1 
ATOM   416  C  CA  . ILE A 1 67  ? 16.613  -6.209  12.598  1.00 56.28 ? 51  ILE A CA  1 
ATOM   417  C  C   . ILE A 1 67  ? 16.525  -5.262  13.798  1.00 52.35 ? 51  ILE A C   1 
ATOM   418  O  O   . ILE A 1 67  ? 15.932  -5.655  14.815  1.00 60.88 ? 51  ILE A O   1 
ATOM   419  C  CB  . ILE A 1 67  ? 15.256  -6.371  11.878  1.00 55.16 ? 51  ILE A CB  1 
ATOM   420  C  CG1 . ILE A 1 67  ? 15.439  -6.996  10.493  1.00 52.94 ? 51  ILE A CG1 1 
ATOM   421  C  CG2 . ILE A 1 67  ? 14.520  -5.035  11.798  1.00 55.20 ? 51  ILE A CG2 1 
ATOM   422  C  CD1 . ILE A 1 67  ? 14.214  -7.700  9.964   1.00 49.99 ? 51  ILE A CD1 1 
ATOM   423  N  N   . ASP A 1 68  ? 17.118  -4.074  13.675  1.00 46.00 ? 52  ASP A N   1 
ATOM   424  C  CA  . ASP A 1 68  ? 17.124  -3.023  14.721  1.00 44.84 ? 52  ASP A CA  1 
ATOM   425  C  C   . ASP A 1 68  ? 16.070  -1.946  14.422  1.00 39.00 ? 52  ASP A C   1 
ATOM   426  O  O   . ASP A 1 68  ? 15.372  -1.518  15.352  1.00 36.61 ? 52  ASP A O   1 
ATOM   427  C  CB  . ASP A 1 68  ? 18.490  -2.347  14.818  1.00 46.51 ? 52  ASP A CB  1 
ATOM   428  C  CG  . ASP A 1 68  ? 18.581  -1.506  16.075  1.00 48.49 ? 52  ASP A CG  1 
ATOM   429  O  OD1 . ASP A 1 68  ? 18.194  -2.029  17.142  1.00 56.93 ? 52  ASP A OD1 1 
ATOM   430  O  OD2 . ASP A 1 68  ? 18.971  -0.335  15.970  1.00 46.50 ? 52  ASP A OD2 1 
ATOM   431  N  N   . LYS A 1 69  ? 16.058  -1.427  13.198  1.00 37.20 ? 53  LYS A N   1 
ATOM   432  C  CA  . LYS A 1 69  ? 15.016  -0.479  12.718  1.00 32.92 ? 53  LYS A CA  1 
ATOM   433  C  C   . LYS A 1 69  ? 14.489  -1.010  11.384  1.00 25.42 ? 53  LYS A C   1 
ATOM   434  O  O   . LYS A 1 69  ? 15.213  -1.698  10.653  1.00 26.73 ? 53  LYS A O   1 
ATOM   435  C  CB  . LYS A 1 69  ? 15.551  0.946   12.567  1.00 34.82 ? 53  LYS A CB  1 
ATOM   436  C  CG  . LYS A 1 69  ? 16.187  1.531   13.830  1.00 39.30 ? 53  LYS A CG  1 
ATOM   437  C  CD  . LYS A 1 69  ? 15.171  1.937   14.869  1.00 42.58 ? 53  LYS A CD  1 
ATOM   438  C  CE  . LYS A 1 69  ? 14.411  3.192   14.492  1.00 46.70 ? 53  LYS A CE  1 
ATOM   439  N  NZ  . LYS A 1 69  ? 13.111  3.292   15.204  1.00 50.48 ? 53  LYS A NZ  1 
ATOM   440  N  N   . ALA A 1 70  ? 13.216  -0.712  11.094  1.00 24.46 ? 54  ALA A N   1 
ATOM   441  C  CA  . ALA A 1 70  ? 12.632  -0.968  9.759   1.00 22.55 ? 54  ALA A CA  1 
ATOM   442  C  C   . ALA A 1 70  ? 11.749  0.206   9.365   1.00 19.91 ? 54  ALA A C   1 
ATOM   443  O  O   . ALA A 1 70  ? 10.993  0.707   10.194  1.00 20.63 ? 54  ALA A O   1 
ATOM   444  C  CB  . ALA A 1 70  ? 11.851  -2.254  9.760   1.00 20.60 ? 54  ALA A CB  1 
ATOM   445  N  N   . TYR A 1 71  ? 11.848  0.567   8.101   1.00 19.55 ? 55  TYR A N   1 
ATOM   446  C  CA  . TYR A 1 71  ? 11.101  1.681   7.473   1.00 19.90 ? 55  TYR A CA  1 
ATOM   447  C  C   . TYR A 1 71  ? 10.498  1.205   6.157   1.00 19.90 ? 55  TYR A C   1 
ATOM   448  O  O   . TYR A 1 71  ? 11.153  0.500   5.391   1.00 20.54 ? 55  TYR A O   1 
ATOM   449  C  CB  . TYR A 1 71  ? 12.009  2.886   7.186   1.00 23.85 ? 55  TYR A CB  1 
ATOM   450  C  CG  . TYR A 1 71  ? 12.791  3.346   8.390   1.00 26.50 ? 55  TYR A CG  1 
ATOM   451  C  CD1 . TYR A 1 71  ? 12.268  4.295   9.248   1.00 27.96 ? 55  TYR A CD1 1 
ATOM   452  C  CD2 . TYR A 1 71  ? 14.034  2.809   8.682   1.00 27.58 ? 55  TYR A CD2 1 
ATOM   453  C  CE1 . TYR A 1 71  ? 12.974  4.715   10.368  1.00 30.56 ? 55  TYR A CE1 1 
ATOM   454  C  CE2 . TYR A 1 71  ? 14.763  3.226   9.787   1.00 28.77 ? 55  TYR A CE2 1 
ATOM   455  C  CZ  . TYR A 1 71  ? 14.219  4.173   10.628  1.00 32.18 ? 55  TYR A CZ  1 
ATOM   456  O  OH  . TYR A 1 71  ? 14.914  4.582   11.726  1.00 39.43 ? 55  TYR A OH  1 
ATOM   457  N  N   . ILE A 1 72  ? 9.293   1.713   5.863   1.00 19.64 ? 56  ILE A N   1 
ATOM   458  C  CA  . ILE A 1 72  ? 8.711   1.651   4.494   1.00 19.29 ? 56  ILE A CA  1 
ATOM   459  C  C   . ILE A 1 72  ? 8.825   3.035   3.870   1.00 18.90 ? 56  ILE A C   1 
ATOM   460  O  O   . ILE A 1 72  ? 8.335   3.992   4.486   1.00 19.54 ? 56  ILE A O   1 
ATOM   461  C  CB  . ILE A 1 72  ? 7.255   1.075   4.477   1.00 19.32 ? 56  ILE A CB  1 
ATOM   462  C  CG1 . ILE A 1 72  ? 6.741   1.060   3.035   1.00 18.86 ? 56  ILE A CG1 1 
ATOM   463  C  CG2 . ILE A 1 72  ? 6.278   1.807   5.410   1.00 20.01 ? 56  ILE A CG2 1 
ATOM   464  C  CD1 . ILE A 1 72  ? 7.394   0.078   2.146   1.00 19.82 ? 56  ILE A CD1 1 
ATOM   465  N  N   . GLU A 1 73  ? 9.428   3.131   2.686   1.00 17.82 ? 57  GLU A N   1 
ATOM   466  C  CA  . GLU A 1 73  ? 9.547   4.369   1.905   1.00 19.32 ? 57  GLU A CA  1 
ATOM   467  C  C   . GLU A 1 73  ? 8.753   4.184   0.614   1.00 18.60 ? 57  GLU A C   1 
ATOM   468  O  O   . GLU A 1 73  ? 8.863   3.105   -0.023  1.00 18.90 ? 57  GLU A O   1 
ATOM   469  C  CB  . GLU A 1 73  ? 11.000  4.677   1.563   1.00 21.99 ? 57  GLU A CB  1 
ATOM   470  C  CG  . GLU A 1 73  ? 11.172  6.008   0.908   1.00 22.67 ? 57  GLU A CG  1 
ATOM   471  C  CD  . GLU A 1 73  ? 12.524  6.097   0.262   1.00 27.91 ? 57  GLU A CD  1 
ATOM   472  O  OE1 . GLU A 1 73  ? 13.358  6.885   0.792   1.00 30.76 ? 57  GLU A OE1 1 
ATOM   473  O  OE2 . GLU A 1 73  ? 12.722  5.398   -0.753  1.00 25.43 ? 57  GLU A OE2 1 
ATOM   474  N  N   . LEU A 1 74  ? 7.967   5.188   0.278   1.00 18.03 ? 58  LEU A N   1 
ATOM   475  C  CA  . LEU A 1 74  ? 7.216   5.223   -0.991  1.00 18.56 ? 58  LEU A CA  1 
ATOM   476  C  C   . LEU A 1 74  ? 7.472   6.543   -1.673  1.00 18.09 ? 58  LEU A C   1 
ATOM   477  O  O   . LEU A 1 74  ? 7.880   7.519   -0.982  1.00 18.49 ? 58  LEU A O   1 
ATOM   478  C  CB  . LEU A 1 74  ? 5.708   5.053   -0.714  1.00 18.27 ? 58  LEU A CB  1 
ATOM   479  C  CG  . LEU A 1 74  ? 5.308   3.848   0.104   1.00 19.55 ? 58  LEU A CG  1 
ATOM   480  C  CD1 . LEU A 1 74  ? 3.854   4.001   0.501   1.00 19.76 ? 58  LEU A CD1 1 
ATOM   481  C  CD2 . LEU A 1 74  ? 5.525   2.556   -0.651  1.00 23.53 ? 58  LEU A CD2 1 
ATOM   482  N  N   . GLU A 1 75  ? 7.173   6.622   -2.918  1.00 17.00 ? 59  GLU A N   1 
ATOM   483  C  CA  . GLU A 1 75  ? 7.250   7.867   -3.695  1.00 18.11 ? 59  GLU A CA  1 
ATOM   484  C  C   . GLU A 1 75  ? 5.877   8.094   -4.319  1.00 17.51 ? 59  GLU A C   1 
ATOM   485  O  O   . GLU A 1 75  ? 5.401   7.156   -5.025  1.00 17.16 ? 59  GLU A O   1 
ATOM   486  C  CB  . GLU A 1 75  ? 8.328   7.774   -4.781  1.00 19.83 ? 59  GLU A CB  1 
ATOM   487  C  CG  . GLU A 1 75  ? 8.512   9.081   -5.527  1.00 20.20 ? 59  GLU A CG  1 
ATOM   488  C  CD  . GLU A 1 75  ? 9.717   9.182   -6.425  1.00 20.56 ? 59  GLU A CD  1 
ATOM   489  O  OE1 . GLU A 1 75  ? 10.710  8.552   -6.102  1.00 23.46 ? 59  GLU A OE1 1 
ATOM   490  O  OE2 . GLU A 1 75  ? 9.574   9.837   -7.468  1.00 23.36 ? 59  GLU A OE2 1 
ATOM   491  N  N   . GLY A 1 76  ? 5.238   9.222   -4.092  1.00 18.52 ? 60  GLY A N   1 
ATOM   492  C  CA  . GLY A 1 76  ? 3.911   9.423   -4.667  1.00 18.64 ? 60  GLY A CA  1 
ATOM   493  C  C   . GLY A 1 76  ? 3.458   10.838  -4.665  1.00 19.79 ? 60  GLY A C   1 
ATOM   494  O  O   . GLY A 1 76  ? 4.262   11.782  -4.382  1.00 19.46 ? 60  GLY A O   1 
ATOM   495  N  N   . LYS A 1 77  ? 2.234   11.044  -5.035  1.00 18.62 ? 61  LYS A N   1 
ATOM   496  C  CA  . LYS A 1 77  ? 1.601   12.360  -5.116  1.00 18.34 ? 61  LYS A CA  1 
ATOM   497  C  C   . LYS A 1 77  ? 0.106   12.190  -5.192  1.00 18.80 ? 61  LYS A C   1 
ATOM   498  O  O   . LYS A 1 77  ? -0.363  11.063  -5.561  1.00 18.09 ? 61  LYS A O   1 
ATOM   499  C  CB  . LYS A 1 77  ? 2.073   13.100  -6.361  1.00 20.18 ? 61  LYS A CB  1 
ATOM   500  C  CG  . LYS A 1 77  ? 1.768   12.430  -7.698  1.00 21.66 ? 61  LYS A CG  1 
ATOM   501  C  CD  . LYS A 1 77  ? 1.883   13.435  -8.846  1.00 28.01 ? 61  LYS A CD  1 
ATOM   502  C  CE  . LYS A 1 77  ? 2.307   12.832  -10.158 1.00 33.83 ? 61  LYS A CE  1 
ATOM   503  N  NZ  . LYS A 1 77  ? 2.969   13.862  -10.997 1.00 37.14 ? 61  LYS A NZ  1 
ATOM   504  N  N   . THR A 1 78  ? -0.635  13.228  -4.924  1.00 18.44 ? 62  THR A N   1 
ATOM   505  C  CA  . THR A 1 78  ? -2.053  13.344  -5.338  1.00 17.49 ? 62  THR A CA  1 
ATOM   506  C  C   . THR A 1 78  ? -2.129  14.143  -6.629  1.00 19.96 ? 62  THR A C   1 
ATOM   507  O  O   . THR A 1 78  ? -1.160  14.872  -6.969  1.00 20.28 ? 62  THR A O   1 
ATOM   508  C  CB  . THR A 1 78  ? -2.943  13.874  -4.225  1.00 18.42 ? 62  THR A CB  1 
ATOM   509  O  OG1 . THR A 1 78  ? -2.495  15.236  -4.022  1.00 20.92 ? 62  THR A OG1 1 
ATOM   510  C  CG2 . THR A 1 78  ? -2.789  13.053  -2.966  1.00 19.73 ? 62  THR A CG2 1 
ATOM   511  N  N   . SER A 1 79  ? -3.223  14.016  -7.332  1.00 21.25 ? 63  SER A N   1 
ATOM   512  C  CA  . SER A 1 79  ? -3.342  14.514  -8.714  1.00 22.89 ? 63  SER A CA  1 
ATOM   513  C  C   . SER A 1 79  ? -4.790  14.843  -9.038  1.00 24.05 ? 63  SER A C   1 
ATOM   514  O  O   . SER A 1 79  ? -5.672  14.010  -8.847  1.00 24.26 ? 63  SER A O   1 
ATOM   515  C  CB  . SER A 1 79  ? -2.790  13.494  -9.643  1.00 26.39 ? 63  SER A CB  1 
ATOM   516  O  OG  . SER A 1 79  ? -2.708  14.031  -10.942 1.00 29.85 ? 63  SER A OG  1 
ATOM   517  N  N   . SER A 1 80  ? -5.010  16.031  -9.580  1.00 24.34 ? 64  SER A N   1 
ATOM   518  C  CA  . SER A 1 80  ? -6.318  16.503  -10.076 1.00 27.00 ? 64  SER A CA  1 
ATOM   519  C  C   . SER A 1 80  ? -6.057  17.593  -11.111 1.00 32.75 ? 64  SER A C   1 
ATOM   520  O  O   . SER A 1 80  ? -5.094  18.384  -10.945 1.00 32.33 ? 64  SER A O   1 
ATOM   521  C  CB  . SER A 1 80  ? -7.196  16.991  -8.949  1.00 29.90 ? 64  SER A CB  1 
ATOM   522  O  OG  . SER A 1 80  ? -8.366  17.651  -9.428  1.00 29.17 ? 64  SER A OG  1 
ATOM   523  N  N   . SER A 1 81  ? -6.878  17.631  -12.155 1.00 34.60 ? 65  SER A N   1 
ATOM   524  C  CA  . SER A 1 81  ? -6.826  18.722  -13.164 1.00 36.72 ? 65  SER A CA  1 
ATOM   525  C  C   . SER A 1 81  ? -7.732  19.881  -12.718 1.00 38.39 ? 65  SER A C   1 
ATOM   526  O  O   . SER A 1 81  ? -7.674  20.942  -13.356 1.00 43.33 ? 65  SER A O   1 
ATOM   527  C  CB  . SER A 1 81  ? -7.201  18.194  -14.526 1.00 36.83 ? 65  SER A CB  1 
ATOM   528  O  OG  . SER A 1 81  ? -8.478  17.588  -14.453 1.00 42.41 ? 65  SER A OG  1 
ATOM   529  N  N   . SER A 1 82  ? -8.561  19.701  -11.683 1.00 33.94 ? 66  SER A N   1 
ATOM   530  C  CA  . SER A 1 82  ? -9.654  20.649  -11.364 1.00 35.43 ? 66  SER A CA  1 
ATOM   531  C  C   . SER A 1 82  ? -9.493  21.302  -9.983  1.00 37.56 ? 66  SER A C   1 
ATOM   532  O  O   . SER A 1 82  ? -10.193 22.284  -9.749  1.00 34.96 ? 66  SER A O   1 
ATOM   533  C  CB  . SER A 1 82  ? -10.986 19.967  -11.490 1.00 38.04 ? 66  SER A CB  1 
ATOM   534  O  OG  . SER A 1 82  ? -11.093 18.893  -10.573 1.00 39.08 ? 66  SER A OG  1 
ATOM   535  N  N   . GLU A 1 83  ? -8.653  20.788  -9.077  1.00 32.22 ? 67  GLU A N   1 
ATOM   536  C  CA  . GLU A 1 83  ? -8.472  21.442  -7.753  1.00 32.75 ? 67  GLU A CA  1 
ATOM   537  C  C   . GLU A 1 83  ? -7.097  21.091  -7.207  1.00 28.42 ? 67  GLU A C   1 
ATOM   538  O  O   . GLU A 1 83  ? -6.503  20.095  -7.644  1.00 30.18 ? 67  GLU A O   1 
ATOM   539  C  CB  . GLU A 1 83  ? -9.556  21.030  -6.760  1.00 36.55 ? 67  GLU A CB  1 
ATOM   540  C  CG  . GLU A 1 83  ? -9.453  19.589  -6.271  1.00 35.43 ? 67  GLU A CG  1 
ATOM   541  C  CD  . GLU A 1 83  ? -10.606 19.171  -5.370  1.00 38.74 ? 67  GLU A CD  1 
ATOM   542  O  OE1 . GLU A 1 83  ? -11.416 18.323  -5.792  1.00 44.35 ? 67  GLU A OE1 1 
ATOM   543  O  OE2 . GLU A 1 83  ? -10.669 19.660  -4.232  1.00 44.30 ? 67  GLU A OE2 1 
ATOM   544  N  N   . VAL A 1 84  ? -6.633  21.901  -6.274  1.00 26.33 ? 68  VAL A N   1 
ATOM   545  C  CA  . VAL A 1 84  ? -5.407  21.624  -5.489  1.00 24.49 ? 68  VAL A CA  1 
ATOM   546  C  C   . VAL A 1 84  ? -5.815  20.945  -4.195  1.00 25.42 ? 68  VAL A C   1 
ATOM   547  O  O   . VAL A 1 84  ? -6.483  21.541  -3.342  1.00 25.31 ? 68  VAL A O   1 
ATOM   548  C  CB  . VAL A 1 84  ? -4.633  22.920  -5.216  1.00 24.34 ? 68  VAL A CB  1 
ATOM   549  C  CG1 . VAL A 1 84  ? -3.477  22.652  -4.269  1.00 23.83 ? 68  VAL A CG1 1 
ATOM   550  C  CG2 . VAL A 1 84  ? -4.185  23.550  -6.531  1.00 25.29 ? 68  VAL A CG2 1 
ATOM   551  N  N   . TYR A 1 85  ? -5.437  19.683  -4.046  1.00 24.82 ? 69  TYR A N   1 
ATOM   552  C  CA  . TYR A 1 85  ? -5.723  18.968  -2.794  1.00 23.93 ? 69  TYR A CA  1 
ATOM   553  C  C   . TYR A 1 85  ? -4.820  19.501  -1.693  1.00 23.29 ? 69  TYR A C   1 
ATOM   554  O  O   . TYR A 1 85  ? -3.634  19.803  -1.925  1.00 23.53 ? 69  TYR A O   1 
ATOM   555  C  CB  . TYR A 1 85  ? -5.486  17.469  -2.961  1.00 23.72 ? 69  TYR A CB  1 
ATOM   556  C  CG  . TYR A 1 85  ? -6.362  16.721  -3.934  1.00 21.82 ? 69  TYR A CG  1 
ATOM   557  C  CD1 . TYR A 1 85  ? -7.739  16.859  -3.951  1.00 23.88 ? 69  TYR A CD1 1 
ATOM   558  C  CD2 . TYR A 1 85  ? -5.790  15.836  -4.823  1.00 23.72 ? 69  TYR A CD2 1 
ATOM   559  C  CE1 . TYR A 1 85  ? -8.520  16.113  -4.821  1.00 22.19 ? 69  TYR A CE1 1 
ATOM   560  C  CE2 . TYR A 1 85  ? -6.558  15.063  -5.681  1.00 23.02 ? 69  TYR A CE2 1 
ATOM   561  C  CZ  . TYR A 1 85  ? -7.922  15.216  -5.695  1.00 23.68 ? 69  TYR A CZ  1 
ATOM   562  O  OH  . TYR A 1 85  ? -8.675  14.427  -6.523  1.00 23.30 ? 69  TYR A OH  1 
ATOM   563  N  N   . PRO A 1 86  ? -5.344  19.549  -0.449  1.00 24.80 ? 70  PRO A N   1 
ATOM   564  C  CA  . PRO A 1 86  ? -4.507  19.707  0.730   1.00 25.24 ? 70  PRO A CA  1 
ATOM   565  C  C   . PRO A 1 86  ? -3.716  18.418  0.883   1.00 23.15 ? 70  PRO A C   1 
ATOM   566  O  O   . PRO A 1 86  ? -4.008  17.438  0.193   1.00 22.27 ? 70  PRO A O   1 
ATOM   567  C  CB  . PRO A 1 86  ? -5.499  19.874  1.885   1.00 29.51 ? 70  PRO A CB  1 
ATOM   568  C  CG  . PRO A 1 86  ? -6.710  19.100  1.415   1.00 30.41 ? 70  PRO A CG  1 
ATOM   569  C  CD  . PRO A 1 86  ? -6.748  19.292  -0.094  1.00 27.46 ? 70  PRO A CD  1 
ATOM   570  N  N   . PRO A 1 87  ? -2.732  18.371  1.796   1.00 22.60 ? 71  PRO A N   1 
ATOM   571  C  CA  . PRO A 1 87  ? -2.013  17.147  2.091   1.00 23.08 ? 71  PRO A CA  1 
ATOM   572  C  C   . PRO A 1 87  ? -3.050  16.115  2.544   1.00 22.71 ? 71  PRO A C   1 
ATOM   573  O  O   . PRO A 1 87  ? -3.962  16.449  3.277   1.00 23.28 ? 71  PRO A O   1 
ATOM   574  C  CB  . PRO A 1 87  ? -1.033  17.539  3.215   1.00 21.79 ? 71  PRO A CB  1 
ATOM   575  C  CG  . PRO A 1 87  ? -0.831  19.039  2.934   1.00 23.74 ? 71  PRO A CG  1 
ATOM   576  C  CD  . PRO A 1 87  ? -2.204  19.529  2.560   1.00 24.64 ? 71  PRO A CD  1 
ATOM   577  N  N   . ILE A 1 88  ? -2.865  14.873  2.071   1.00 20.94 ? 72  ILE A N   1 
ATOM   578  C  CA  . ILE A 1 88  ? -3.803  13.718  2.310   1.00 21.91 ? 72  ILE A CA  1 
ATOM   579  C  C   . ILE A 1 88  ? -3.061  12.674  3.136   1.00 19.22 ? 72  ILE A C   1 
ATOM   580  O  O   . ILE A 1 88  ? -1.993  12.214  2.675   1.00 20.92 ? 72  ILE A O   1 
ATOM   581  C  CB  . ILE A 1 88  ? -4.282  13.135  0.961   1.00 23.20 ? 72  ILE A CB  1 
ATOM   582  C  CG1 . ILE A 1 88  ? -4.996  14.165  0.087   1.00 24.88 ? 72  ILE A CG1 1 
ATOM   583  C  CG2 . ILE A 1 88  ? -5.180  11.927  1.167   1.00 25.12 ? 72  ILE A CG2 1 
ATOM   584  C  CD1 . ILE A 1 88  ? -6.184  14.777  0.761   1.00 23.72 ? 72  ILE A CD1 1 
ATOM   585  N  N   . ASP A 1 89  ? -3.628  12.242  4.260   1.00 18.96 ? 73  ASP A N   1 
ATOM   586  C  CA  . ASP A 1 89  ? -3.035  11.165  5.083   1.00 20.40 ? 73  ASP A CA  1 
ATOM   587  C  C   . ASP A 1 89  ? -3.544  9.783   4.618   1.00 16.97 ? 73  ASP A C   1 
ATOM   588  O  O   . ASP A 1 89  ? -4.760  9.479   4.751   1.00 18.59 ? 73  ASP A O   1 
ATOM   589  C  CB  . ASP A 1 89  ? -3.296  11.376  6.584   1.00 21.96 ? 73  ASP A CB  1 
ATOM   590  C  CG  . ASP A 1 89  ? -2.600  12.587  7.202   1.00 26.31 ? 73  ASP A CG  1 
ATOM   591  O  OD1 . ASP A 1 89  ? -1.809  13.194  6.505   1.00 24.19 ? 73  ASP A OD1 1 
ATOM   592  O  OD2 . ASP A 1 89  ? -2.858  12.832  8.381   1.00 29.08 ? 73  ASP A OD2 1 
ATOM   593  N  N   . ILE A 1 90  ? -2.607  9.007   4.119   1.00 16.14 ? 74  ILE A N   1 
ATOM   594  C  CA  . ILE A 1 90  ? -2.863  7.651   3.554   1.00 15.85 ? 74  ILE A CA  1 
ATOM   595  C  C   . ILE A 1 90  ? -2.387  6.628   4.574   1.00 16.02 ? 74  ILE A C   1 
ATOM   596  O  O   . ILE A 1 90  ? -1.271  6.635   5.068   1.00 16.68 ? 74  ILE A O   1 
ATOM   597  C  CB  . ILE A 1 90  ? -2.179  7.509   2.196   1.00 16.09 ? 74  ILE A CB  1 
ATOM   598  C  CG1 . ILE A 1 90  ? -2.770  8.468   1.163   1.00 16.41 ? 74  ILE A CG1 1 
ATOM   599  C  CG2 . ILE A 1 90  ? -2.214  6.060   1.723   1.00 16.41 ? 74  ILE A CG2 1 
ATOM   600  C  CD1 . ILE A 1 90  ? -4.309  8.366   0.935   1.00 16.80 ? 74  ILE A CD1 1 
ATOM   601  N  N   . SER A 1 91  ? -3.239  5.667   4.894   1.00 15.04 ? 75  SER A N   1 
ATOM   602  C  CA  . SER A 1 91  ? -2.997  4.636   5.901   1.00 14.56 ? 75  SER A CA  1 
ATOM   603  C  C   . SER A 1 91  ? -2.188  3.480   5.370   1.00 15.11 ? 75  SER A C   1 
ATOM   604  O  O   . SER A 1 91  ? -2.434  3.042   4.223   1.00 14.68 ? 75  SER A O   1 
ATOM   605  C  CB  . SER A 1 91  ? -4.301  4.111   6.433   1.00 14.92 ? 75  SER A CB  1 
ATOM   606  O  OG  . SER A 1 91  ? -4.979  5.111   7.196   1.00 15.67 ? 75  SER A OG  1 
ATOM   607  N  N   . ILE A 1 92  ? -1.289  2.956   6.180   1.00 14.17 ? 76  ILE A N   1 
ATOM   608  C  CA  . ILE A 1 92  ? -0.531  1.715   5.894   1.00 14.69 ? 76  ILE A CA  1 
ATOM   609  C  C   . ILE A 1 92  ? -0.922  0.694   6.913   1.00 15.12 ? 76  ILE A C   1 
ATOM   610  O  O   . ILE A 1 92  ? -0.829  1.005   8.130   1.00 15.49 ? 76  ILE A O   1 
ATOM   611  C  CB  . ILE A 1 92  ? 0.993   1.961   5.920   1.00 16.39 ? 76  ILE A CB  1 
ATOM   612  C  CG1 . ILE A 1 92  ? 1.342   3.178   5.079   1.00 18.33 ? 76  ILE A CG1 1 
ATOM   613  C  CG2 . ILE A 1 92  ? 1.735   0.697   5.521   1.00 17.54 ? 76  ILE A CG2 1 
ATOM   614  C  CD1 . ILE A 1 92  ? 1.093   3.032   3.636   1.00 22.30 ? 76  ILE A CD1 1 
ATOM   615  N  N   . HIS A 1 93  ? -1.383  -0.472  6.500   1.00 13.61 ? 77  HIS A N   1 
ATOM   616  C  CA  . HIS A 1 93  ? -1.682  -1.589  7.395   1.00 13.70 ? 77  HIS A CA  1 
ATOM   617  C  C   . HIS A 1 93  ? -0.712  -2.731  7.102   1.00 13.53 ? 77  HIS A C   1 
ATOM   618  O  O   . HIS A 1 93  ? -0.421  -2.986  5.890   1.00 14.79 ? 77  HIS A O   1 
ATOM   619  C  CB  . HIS A 1 93  ? -3.121  -2.097  7.268   1.00 13.85 ? 77  HIS A CB  1 
ATOM   620  C  CG  . HIS A 1 93  ? -4.158  -1.143  7.668   1.00 13.36 ? 77  HIS A CG  1 
ATOM   621  N  ND1 . HIS A 1 93  ? -4.589  -0.166  6.829   1.00 15.07 ? 77  HIS A ND1 1 
ATOM   622  C  CD2 . HIS A 1 93  ? -4.804  -1.002  8.862   1.00 14.48 ? 77  HIS A CD2 1 
ATOM   623  C  CE1 . HIS A 1 93  ? -5.515  0.546   7.496   1.00 14.86 ? 77  HIS A CE1 1 
ATOM   624  N  NE2 . HIS A 1 93  ? -5.675  0.025   8.723   1.00 15.90 ? 77  HIS A NE2 1 
ATOM   625  N  N   . GLY A 1 94  ? -0.284  -3.435  8.111   1.00 14.41 ? 78  GLY A N   1 
ATOM   626  C  CA  . GLY A 1 94  ? 0.356   -4.747  7.946   1.00 13.66 ? 78  GLY A CA  1 
ATOM   627  C  C   . GLY A 1 94  ? -0.718  -5.803  7.901   1.00 14.07 ? 78  GLY A C   1 
ATOM   628  O  O   . GLY A 1 94  ? -1.652  -5.753  8.730   1.00 15.37 ? 78  GLY A O   1 
ATOM   629  N  N   . LEU A 1 95  ? -0.630  -6.760  6.989   1.00 12.95 ? 79  LEU A N   1 
ATOM   630  C  CA  . LEU A 1 95  ? -1.656  -7.805  6.847   1.00 12.33 ? 79  LEU A CA  1 
ATOM   631  C  C   . LEU A 1 95  ? -1.116  -9.157  7.218   1.00 12.96 ? 79  LEU A C   1 
ATOM   632  O  O   . LEU A 1 95  ? -0.049  -9.564  6.701   1.00 14.20 ? 79  LEU A O   1 
ATOM   633  C  CB  . LEU A 1 95  ? -2.109  -7.837  5.388   1.00 13.96 ? 79  LEU A CB  1 
ATOM   634  C  CG  . LEU A 1 95  ? -2.752  -6.575  4.837   1.00 13.68 ? 79  LEU A CG  1 
ATOM   635  C  CD1 . LEU A 1 95  ? -3.426  -6.879  3.496   1.00 14.17 ? 79  LEU A CD1 1 
ATOM   636  C  CD2 . LEU A 1 95  ? -3.752  -5.924  5.761   1.00 14.52 ? 79  LEU A CD2 1 
ATOM   637  N  N   . THR A 1 96  ? -1.899  -9.915  7.922   1.00 13.36 ? 80  THR A N   1 
ATOM   638  C  CA  . THR A 1 96  ? -1.623  -11.329 8.136   1.00 13.97 ? 80  THR A CA  1 
ATOM   639  C  C   . THR A 1 96  ? -1.617  -12.043 6.785   1.00 14.57 ? 80  THR A C   1 
ATOM   640  O  O   . THR A 1 96  ? -0.847  -12.990 6.569   1.00 14.00 ? 80  THR A O   1 
ATOM   641  C  CB  . THR A 1 96  ? -2.619  -11.923 9.126   1.00 14.05 ? 80  THR A CB  1 
ATOM   642  O  OG1 . THR A 1 96  ? -2.641  -11.129 10.316  1.00 14.74 ? 80  THR A OG1 1 
ATOM   643  C  CG2 . THR A 1 96  ? -2.233  -13.353 9.414   1.00 15.18 ? 80  THR A CG2 1 
ATOM   644  N  N   . ASP A 1 97  ? -2.577  -11.705 5.913   1.00 12.88 ? 81  ASP A N   1 
ATOM   645  C  CA  . ASP A 1 97  ? -2.750  -12.426 4.615   1.00 13.53 ? 81  ASP A CA  1 
ATOM   646  C  C   . ASP A 1 97  ? -1.627  -12.094 3.641   1.00 12.71 ? 81  ASP A C   1 
ATOM   647  O  O   . ASP A 1 97  ? -1.590  -10.999 3.123   1.00 14.35 ? 81  ASP A O   1 
ATOM   648  C  CB  . ASP A 1 97  ? -4.098  -12.081 3.998   1.00 13.94 ? 81  ASP A CB  1 
ATOM   649  C  CG  . ASP A 1 97  ? -4.452  -12.914 2.797   1.00 14.47 ? 81  ASP A CG  1 
ATOM   650  O  OD1 . ASP A 1 97  ? -3.548  -13.631 2.316   1.00 14.75 ? 81  ASP A OD1 1 
ATOM   651  O  OD2 . ASP A 1 97  ? -5.637  -12.856 2.384   1.00 15.52 ? 81  ASP A OD2 1 
ATOM   652  N  N   . ASP A 1 98  ? -0.704  -13.034 3.481   1.00 12.94 ? 82  ASP A N   1 
ATOM   653  C  CA  . ASP A 1 98  ? 0.408   -12.953 2.499   1.00 13.20 ? 82  ASP A CA  1 
ATOM   654  C  C   . ASP A 1 98  ? 0.266   -14.078 1.471   1.00 14.46 ? 82  ASP A C   1 
ATOM   655  O  O   . ASP A 1 98  ? 1.273   -14.492 0.857   1.00 15.71 ? 82  ASP A O   1 
ATOM   656  C  CB  . ASP A 1 98  ? 1.776   -13.025 3.186   1.00 14.06 ? 82  ASP A CB  1 
ATOM   657  C  CG  . ASP A 1 98  ? 1.955   -14.212 4.107   1.00 12.80 ? 82  ASP A CG  1 
ATOM   658  O  OD1 . ASP A 1 98  ? 1.180   -15.172 4.001   1.00 13.96 ? 82  ASP A OD1 1 
ATOM   659  O  OD2 . ASP A 1 98  ? 2.846   -14.128 4.994   1.00 13.32 ? 82  ASP A OD2 1 
ATOM   660  N  N   . THR A 1 99  ? -0.934  -14.624 1.339   1.00 14.07 ? 83  THR A N   1 
ATOM   661  C  CA  . THR A 1 99  ? -1.221  -15.834 0.529   1.00 14.83 ? 83  THR A CA  1 
ATOM   662  C  C   . THR A 1 99  ? -1.340  -15.525 -0.965  1.00 15.79 ? 83  THR A C   1 
ATOM   663  O  O   . THR A 1 99  ? -1.383  -16.465 -1.770  1.00 17.65 ? 83  THR A O   1 
ATOM   664  C  CB  . THR A 1 99  ? -2.463  -16.576 1.013   1.00 14.48 ? 83  THR A CB  1 
ATOM   665  O  OG1 . THR A 1 99  ? -3.625  -15.797 0.732   1.00 15.72 ? 83  THR A OG1 1 
ATOM   666  C  CG2 . THR A 1 99  ? -2.436  -16.886 2.498   1.00 16.14 ? 83  THR A CG2 1 
ATOM   667  N  N   . TRP A 1 100 ? -1.376  -14.261 -1.308  1.00 15.50 ? 84  TRP A N   1 
ATOM   668  C  CA  . TRP A 1 100 ? -1.654  -13.756 -2.673  1.00 15.92 ? 84  TRP A CA  1 
ATOM   669  C  C   . TRP A 1 100 ? -0.345  -13.360 -3.334  1.00 16.01 ? 84  TRP A C   1 
ATOM   670  O  O   . TRP A 1 100 ? 0.643   -13.078 -2.686  1.00 16.76 ? 84  TRP A O   1 
ATOM   671  C  CB  . TRP A 1 100 ? -2.601  -12.563 -2.555  1.00 16.08 ? 84  TRP A CB  1 
ATOM   672  C  CG  . TRP A 1 100 ? -2.110  -11.508 -1.604  1.00 14.84 ? 84  TRP A CG  1 
ATOM   673  C  CD1 . TRP A 1 100 ? -2.360  -11.415 -0.270  1.00 16.10 ? 84  TRP A CD1 1 
ATOM   674  C  CD2 . TRP A 1 100 ? -1.217  -10.422 -1.899  1.00 14.33 ? 84  TRP A CD2 1 
ATOM   675  N  NE1 . TRP A 1 100 ? -1.705  -10.325 0.263   1.00 16.06 ? 84  TRP A NE1 1 
ATOM   676  C  CE2 . TRP A 1 100 ? -1.021  -9.662  -0.713  1.00 15.22 ? 84  TRP A CE2 1 
ATOM   677  C  CE3 . TRP A 1 100 ? -0.640  -9.957  -3.068  1.00 14.66 ? 84  TRP A CE3 1 
ATOM   678  C  CZ2 . TRP A 1 100 ? -0.217  -8.517  -0.677  1.00 16.39 ? 84  TRP A CZ2 1 
ATOM   679  C  CZ3 . TRP A 1 100 ? 0.161   -8.845  -3.023  1.00 15.78 ? 84  TRP A CZ3 1 
ATOM   680  C  CH2 . TRP A 1 100 ? 0.332   -8.103  -1.853  1.00 16.19 ? 84  TRP A CH2 1 
ATOM   681  N  N   . SER A 1 101 ? -0.349  -13.371 -4.654  1.00 18.77 ? 85  SER A N   1 
ATOM   682  C  CA  . SER A 1 101 ? 0.694   -12.746 -5.491  1.00 17.68 ? 85  SER A CA  1 
ATOM   683  C  C   . SER A 1 101 ? 0.101   -11.534 -6.202  1.00 16.29 ? 85  SER A C   1 
ATOM   684  O  O   . SER A 1 101 ? -1.121  -11.394 -6.313  1.00 15.94 ? 85  SER A O   1 
ATOM   685  C  CB  . SER A 1 101 ? 1.213   -13.732 -6.472  1.00 22.91 ? 85  SER A CB  1 
ATOM   686  O  OG  . SER A 1 101 ? 0.260   -13.856 -7.502  1.00 29.50 ? 85  SER A OG  1 
ATOM   687  N  N   . GLU A 1 102 ? 0.974   -10.670 -6.698  1.00 15.66 ? 86  GLU A N   1 
ATOM   688  C  CA  . GLU A 1 102 ? 0.532   -9.426  -7.326  1.00 14.70 ? 86  GLU A CA  1 
ATOM   689  C  C   . GLU A 1 102 ? -0.462  -9.732  -8.431  1.00 15.12 ? 86  GLU A C   1 
ATOM   690  O  O   . GLU A 1 102 ? -1.290  -8.845  -8.720  1.00 16.59 ? 86  GLU A O   1 
ATOM   691  C  CB  . GLU A 1 102 ? 1.698   -8.570  -7.848  1.00 15.70 ? 86  GLU A CB  1 
ATOM   692  C  CG  . GLU A 1 102 ? 2.642   -9.282  -8.810  1.00 16.15 ? 86  GLU A CG  1 
ATOM   693  C  CD  . GLU A 1 102 ? 3.793   -8.444  -9.265  1.00 19.06 ? 86  GLU A CD  1 
ATOM   694  O  OE1 . GLU A 1 102 ? 4.108   -7.444  -8.630  1.00 16.61 ? 86  GLU A OE1 1 
ATOM   695  O  OE2 . GLU A 1 102 ? 4.405   -8.879  -10.281 1.00 23.38 ? 86  GLU A OE2 1 
ATOM   696  N  N   . THR A 1 103 ? -0.289  -10.833 -9.183  1.00 15.34 ? 87  THR A N   1 
ATOM   697  C  CA  . THR A 1 103 ? -1.164  -11.119 -10.353 1.00 15.20 ? 87  THR A CA  1 
ATOM   698  C  C   . THR A 1 103 ? -2.505  -11.723 -9.943  1.00 16.66 ? 87  THR A C   1 
ATOM   699  O  O   . THR A 1 103 ? -3.355  -11.856 -10.810 1.00 18.98 ? 87  THR A O   1 
ATOM   700  C  CB  . THR A 1 103 ? -0.442  -12.030 -11.352 1.00 17.85 ? 87  THR A CB  1 
ATOM   701  O  OG1 . THR A 1 103 ? -0.025  -13.220 -10.701 1.00 21.42 ? 87  THR A OG1 1 
ATOM   702  C  CG2 . THR A 1 103 ? 0.787   -11.357 -11.919 1.00 18.80 ? 87  THR A CG2 1 
ATOM   703  N  N   . ASP A 1 104 ? -2.702  -12.016 -8.664  1.00 14.78 ? 88  ASP A N   1 
ATOM   704  C  CA  . ASP A 1 104 ? -3.968  -12.625 -8.151  1.00 16.21 ? 88  ASP A CA  1 
ATOM   705  C  C   . ASP A 1 104 ? -4.993  -11.535 -7.864  1.00 15.26 ? 88  ASP A C   1 
ATOM   706  O  O   . ASP A 1 104 ? -6.213  -11.795 -7.895  1.00 18.23 ? 88  ASP A O   1 
ATOM   707  C  CB  . ASP A 1 104 ? -3.716  -13.378 -6.824  1.00 17.63 ? 88  ASP A CB  1 
ATOM   708  C  CG  . ASP A 1 104 ? -2.927  -14.669 -6.934  1.00 19.07 ? 88  ASP A CG  1 
ATOM   709  O  OD1 . ASP A 1 104 ? -3.026  -15.332 -8.008  1.00 22.00 ? 88  ASP A OD1 1 
ATOM   710  O  OD2 . ASP A 1 104 ? -2.292  -15.043 -5.967  1.00 21.88 ? 88  ASP A OD2 1 
ATOM   711  N  N   . LEU A 1 105 ? -4.552  -10.384 -7.379  1.00 13.62 ? 89  LEU A N   1 
ATOM   712  C  CA  . LEU A 1 105 ? -5.475  -9.476  -6.675  1.00 12.54 ? 89  LEU A CA  1 
ATOM   713  C  C   . LEU A 1 105 ? -6.350  -8.699  -7.633  1.00 12.92 ? 89  LEU A C   1 
ATOM   714  O  O   . LEU A 1 105 ? -5.887  -8.130  -8.641  1.00 13.13 ? 89  LEU A O   1 
ATOM   715  C  CB  . LEU A 1 105 ? -4.710  -8.492  -5.813  1.00 13.73 ? 89  LEU A CB  1 
ATOM   716  C  CG  . LEU A 1 105 ? -3.948  -9.063  -4.627  1.00 13.56 ? 89  LEU A CG  1 
ATOM   717  C  CD1 . LEU A 1 105 ? -3.486  -7.917  -3.778  1.00 15.12 ? 89  LEU A CD1 1 
ATOM   718  C  CD2 . LEU A 1 105 ? -4.817  -9.968  -3.790  1.00 15.43 ? 89  LEU A CD2 1 
ATOM   719  N  N   . THR A 1 106 ? -7.632  -8.650  -7.307  1.00 11.64 ? 90  THR A N   1 
ATOM   720  C  CA  . THR A 1 106 ? -8.624  -7.782  -7.953  1.00 12.07 ? 90  THR A CA  1 
ATOM   721  C  C   . THR A 1 106 ? -9.443  -7.131  -6.842  1.00 11.09 ? 90  THR A C   1 
ATOM   722  O  O   . THR A 1 106 ? -9.428  -7.647  -5.700  1.00 11.61 ? 90  THR A O   1 
ATOM   723  C  CB  . THR A 1 106 ? -9.538  -8.570  -8.896  1.00 12.47 ? 90  THR A CB  1 
ATOM   724  O  OG1 . THR A 1 106 ? -10.398 -9.383  -8.066  1.00 13.28 ? 90  THR A OG1 1 
ATOM   725  C  CG2 . THR A 1 106 ? -8.778  -9.421  -9.887  1.00 13.09 ? 90  THR A CG2 1 
ATOM   726  N  N   . TRP A 1 107 ? -10.285 -6.184  -7.160  1.00 10.94 ? 91  TRP A N   1 
ATOM   727  C  CA  . TRP A 1 107 ? -11.172 -5.638  -6.106  1.00 11.49 ? 91  TRP A CA  1 
ATOM   728  C  C   . TRP A 1 107 ? -11.967 -6.753  -5.444  1.00 11.53 ? 91  TRP A C   1 
ATOM   729  O  O   . TRP A 1 107 ? -12.049 -6.825  -4.224  1.00 11.70 ? 91  TRP A O   1 
ATOM   730  C  CB  . TRP A 1 107 ? -12.121 -4.603  -6.687  1.00 11.79 ? 91  TRP A CB  1 
ATOM   731  C  CG  . TRP A 1 107 ? -12.920 -3.980  -5.600  1.00 11.39 ? 91  TRP A CG  1 
ATOM   732  C  CD1 . TRP A 1 107 ? -14.137 -4.410  -5.150  1.00 12.10 ? 91  TRP A CD1 1 
ATOM   733  C  CD2 . TRP A 1 107 ? -12.525 -2.919  -4.728  1.00 11.23 ? 91  TRP A CD2 1 
ATOM   734  N  NE1 . TRP A 1 107 ? -14.510 -3.697  -4.040  1.00 12.70 ? 91  TRP A NE1 1 
ATOM   735  C  CE2 . TRP A 1 107 ? -13.531 -2.769  -3.753  1.00 11.84 ? 91  TRP A CE2 1 
ATOM   736  C  CE3 . TRP A 1 107 ? -11.446 -2.040  -4.706  1.00 12.44 ? 91  TRP A CE3 1 
ATOM   737  C  CZ2 . TRP A 1 107 ? -13.499 -1.785  -2.768  1.00 11.99 ? 91  TRP A CZ2 1 
ATOM   738  C  CZ3 . TRP A 1 107 ? -11.366 -1.105  -3.690  1.00 13.05 ? 91  TRP A CZ3 1 
ATOM   739  C  CH2 . TRP A 1 107 ? -12.381 -0.971  -2.731  1.00 12.60 ? 91  TRP A CH2 1 
ATOM   740  N  N   . ASN A 1 108 ? -12.567 -7.603  -6.277  1.00 11.59 ? 92  ASN A N   1 
ATOM   741  C  CA  . ASN A 1 108 ? -13.458 -8.678  -5.795  1.00 12.00 ? 92  ASN A CA  1 
ATOM   742  C  C   . ASN A 1 108 ? -12.677 -9.741  -5.073  1.00 13.10 ? 92  ASN A C   1 
ATOM   743  O  O   . ASN A 1 108 ? -13.272 -10.409 -4.214  1.00 16.13 ? 92  ASN A O   1 
ATOM   744  C  CB  . ASN A 1 108 ? -14.207 -9.286  -6.959  1.00 12.68 ? 92  ASN A CB  1 
ATOM   745  C  CG  . ASN A 1 108 ? -15.400 -8.470  -7.352  1.00 12.08 ? 92  ASN A CG  1 
ATOM   746  O  OD1 . ASN A 1 108 ? -15.966 -7.686  -6.596  1.00 14.71 ? 92  ASN A OD1 1 
ATOM   747  N  ND2 . ASN A 1 108 ? -15.809 -8.656  -8.591  1.00 13.34 ? 92  ASN A ND2 1 
ATOM   748  N  N   . ASN A 1 109 ? -11.389 -9.917  -5.325  1.00 12.78 ? 93  ASN A N   1 
ATOM   749  C  CA  . ASN A 1 109 ? -10.531 -10.921 -4.691  1.00 14.27 ? 93  ASN A CA  1 
ATOM   750  C  C   . ASN A 1 109 ? -9.298  -10.199 -4.144  1.00 13.85 ? 93  ASN A C   1 
ATOM   751  O  O   . ASN A 1 109 ? -8.194  -10.233 -4.778  1.00 15.32 ? 93  ASN A O   1 
ATOM   752  C  CB  . ASN A 1 109 ? -10.076 -11.970 -5.715  1.00 16.75 ? 93  ASN A CB  1 
ATOM   753  C  CG  . ASN A 1 109 ? -9.122  -12.966 -5.113  1.00 23.95 ? 93  ASN A CG  1 
ATOM   754  O  OD1 . ASN A 1 109 ? -9.307  -13.339 -3.955  1.00 28.16 ? 93  ASN A OD1 1 
ATOM   755  N  ND2 . ASN A 1 109 ? -8.057  -13.292 -5.821  1.00 27.62 ? 93  ASN A ND2 1 
ATOM   756  N  N   . SER A 1 110 ? -9.490  -9.519  -3.052  1.00 12.26 ? 94  SER A N   1 
ATOM   757  C  CA  . SER A 1 110 ? -8.397  -8.814  -2.334  1.00 11.86 ? 94  SER A CA  1 
ATOM   758  C  C   . SER A 1 110 ? -8.761  -8.690  -0.878  1.00 13.17 ? 94  SER A C   1 
ATOM   759  O  O   . SER A 1 110 ? -9.934  -8.555  -0.543  1.00 12.74 ? 94  SER A O   1 
ATOM   760  C  CB  . SER A 1 110 ? -8.103  -7.463  -2.931  1.00 12.26 ? 94  SER A CB  1 
ATOM   761  O  OG  . SER A 1 110 ? -9.256  -6.677  -3.118  1.00 12.13 ? 94  SER A OG  1 
ATOM   762  N  N   . PRO A 1 111 ? -7.778  -8.771  0.026   1.00 12.35 ? 95  PRO A N   1 
ATOM   763  C  CA  . PRO A 1 111 ? -8.076  -8.926  1.447   1.00 11.37 ? 95  PRO A CA  1 
ATOM   764  C  C   . PRO A 1 111 ? -8.244  -7.608  2.187   1.00 11.49 ? 95  PRO A C   1 
ATOM   765  O  O   . PRO A 1 111 ? -7.779  -6.544  1.835   1.00 12.79 ? 95  PRO A O   1 
ATOM   766  C  CB  . PRO A 1 111 ? -6.848  -9.694  1.932   1.00 12.91 ? 95  PRO A CB  1 
ATOM   767  C  CG  . PRO A 1 111 ? -5.743  -9.095  1.123   1.00 13.60 ? 95  PRO A CG  1 
ATOM   768  C  CD  . PRO A 1 111 ? -6.354  -9.014  -0.273  1.00 13.58 ? 95  PRO A CD  1 
ATOM   769  N  N   . ASN A 1 112 ? -8.911  -7.742  3.336   1.00 12.04 ? 96  ASN A N   1 
ATOM   770  C  CA  . ASN A 1 112 ? -8.952  -6.729  4.409   1.00 11.84 ? 96  ASN A CA  1 
ATOM   771  C  C   . ASN A 1 112 ? -9.703  -5.458  4.068   1.00 12.24 ? 96  ASN A C   1 
ATOM   772  O  O   . ASN A 1 112 ? -9.348  -4.397  4.588   1.00 12.49 ? 96  ASN A O   1 
ATOM   773  C  CB  . ASN A 1 112 ? -7.550  -6.455  4.934   1.00 12.40 ? 96  ASN A CB  1 
ATOM   774  C  CG  . ASN A 1 112 ? -7.034  -7.666  5.637   1.00 12.69 ? 96  ASN A CG  1 
ATOM   775  O  OD1 . ASN A 1 112 ? -6.275  -8.481  5.091   1.00 13.23 ? 96  ASN A OD1 1 
ATOM   776  N  ND2 . ASN A 1 112 ? -7.472  -7.838  6.885   1.00 13.89 ? 96  ASN A ND2 1 
ATOM   777  N  N   . HIS A 1 113 ? -10.693 -5.549  3.212   1.00 12.40 ? 97  HIS A N   1 
ATOM   778  C  CA  . HIS A 1 113 ? -11.582 -4.388  3.013   1.00 12.91 ? 97  HIS A CA  1 
ATOM   779  C  C   . HIS A 1 113 ? -13.024 -4.842  2.812   1.00 12.75 ? 97  HIS A C   1 
ATOM   780  O  O   . HIS A 1 113 ? -13.247 -5.973  2.382   1.00 13.03 ? 97  HIS A O   1 
ATOM   781  C  CB  . HIS A 1 113 ? -11.127 -3.475  1.863   1.00 12.38 ? 97  HIS A CB  1 
ATOM   782  C  CG  . HIS A 1 113 ? -11.183 -4.111  0.534   1.00 12.54 ? 97  HIS A CG  1 
ATOM   783  N  ND1 . HIS A 1 113 ? -12.319 -4.131  -0.286  1.00 12.52 ? 97  HIS A ND1 1 
ATOM   784  C  CD2 . HIS A 1 113 ? -10.272 -4.839  -0.130  1.00 12.99 ? 97  HIS A CD2 1 
ATOM   785  C  CE1 . HIS A 1 113 ? -12.052 -4.828  -1.385  1.00 12.85 ? 97  HIS A CE1 1 
ATOM   786  N  NE2 . HIS A 1 113 ? -10.797 -5.288  -1.317  1.00 12.94 ? 97  HIS A NE2 1 
ATOM   787  N  N   . GLU A 1 114 ? -13.937 -3.933  3.084   1.00 12.78 ? 98  GLU A N   1 
ATOM   788  C  CA  . GLU A 1 114 ? -15.367 -4.238  2.843   1.00 13.12 ? 98  GLU A CA  1 
ATOM   789  C  C   . GLU A 1 114 ? -15.642 -4.318  1.355   1.00 12.90 ? 98  GLU A C   1 
ATOM   790  O  O   . GLU A 1 114 ? -14.917 -3.761  0.523   1.00 13.20 ? 98  GLU A O   1 
ATOM   791  C  CB  . GLU A 1 114 ? -16.211 -3.177  3.535   1.00 13.38 ? 98  GLU A CB  1 
ATOM   792  C  CG  . GLU A 1 114 ? -16.115 -3.280  5.054   1.00 14.44 ? 98  GLU A CG  1 
ATOM   793  C  CD  . GLU A 1 114 ? -17.017 -2.359  5.850   1.00 13.93 ? 98  GLU A CD  1 
ATOM   794  O  OE1 . GLU A 1 114 ? -17.664 -1.470  5.253   1.00 14.13 ? 98  GLU A OE1 1 
ATOM   795  O  OE2 . GLU A 1 114 ? -17.114 -2.601  7.097   1.00 16.21 ? 98  GLU A OE2 1 
ATOM   796  N  N   . PRO A 1 115 ? -16.701 -5.031  0.936   1.00 12.98 ? 99  PRO A N   1 
ATOM   797  C  CA  . PRO A 1 115 ? -16.839 -5.273  -0.493  1.00 13.01 ? 99  PRO A CA  1 
ATOM   798  C  C   . PRO A 1 115 ? -17.165 -4.034  -1.293  1.00 12.30 ? 99  PRO A C   1 
ATOM   799  O  O   . PRO A 1 115 ? -16.888 -4.015  -2.508  1.00 14.64 ? 99  PRO A O   1 
ATOM   800  C  CB  . PRO A 1 115 ? -17.932 -6.339  -0.593  1.00 14.70 ? 99  PRO A CB  1 
ATOM   801  C  CG  . PRO A 1 115 ? -17.814 -7.049  0.705   1.00 15.33 ? 99  PRO A CG  1 
ATOM   802  C  CD  . PRO A 1 115 ? -17.557 -5.951  1.727   1.00 14.47 ? 99  PRO A CD  1 
ATOM   803  N  N   . GLY A 1 116 ? -17.729 -3.019  -0.683  1.00 12.24 ? 100 GLY A N   1 
ATOM   804  C  CA  . GLY A 1 116 ? -18.126 -1.810  -1.396  1.00 12.38 ? 100 GLY A CA  1 
ATOM   805  C  C   . GLY A 1 116 ? -17.222 -0.600  -1.223  1.00 12.83 ? 100 GLY A C   1 
ATOM   806  O  O   . GLY A 1 116 ? -17.563 0.467   -1.759  1.00 14.54 ? 100 GLY A O   1 
ATOM   807  N  N   . SER A 1 117 ? -16.155 -0.710  -0.446  1.00 12.86 ? 101 SER A N   1 
ATOM   808  C  CA  . SER A 1 117 ? -15.281 0.454   -0.224  1.00 12.92 ? 101 SER A CA  1 
ATOM   809  C  C   . SER A 1 117 ? -13.953 0.001   0.333   1.00 13.03 ? 101 SER A C   1 
ATOM   810  O  O   . SER A 1 117 ? -13.773 -1.156  0.650   1.00 13.31 ? 101 SER A O   1 
ATOM   811  C  CB  . SER A 1 117 ? -15.909 1.455   0.701   1.00 13.11 ? 101 SER A CB  1 
ATOM   812  O  OG  . SER A 1 117 ? -15.720 1.106   2.070   1.00 13.86 ? 101 SER A OG  1 
ATOM   813  N  N   . ALA A 1 118 ? -13.042 0.960   0.474   1.00 13.28 ? 102 ALA A N   1 
ATOM   814  C  CA  . ALA A 1 118 ? -11.724 0.658   1.033   1.00 12.31 ? 102 ALA A CA  1 
ATOM   815  C  C   . ALA A 1 118 ? -11.759 0.426   2.545   1.00 12.66 ? 102 ALA A C   1 
ATOM   816  O  O   . ALA A 1 118 ? -10.738 0.019   3.111   1.00 13.66 ? 102 ALA A O   1 
ATOM   817  C  CB  . ALA A 1 118 ? -10.754 1.774   0.750   1.00 13.17 ? 102 ALA A CB  1 
ATOM   818  N  N   . LYS A 1 119 ? -12.905 0.597   3.209   1.00 13.19 ? 103 LYS A N   1 
ATOM   819  C  CA  . LYS A 1 119 ? -12.968 0.469   4.680   1.00 13.28 ? 103 LYS A CA  1 
ATOM   820  C  C   . LYS A 1 119 ? -12.321 -0.825  5.117   1.00 13.60 ? 103 LYS A C   1 
ATOM   821  O  O   . LYS A 1 119 ? -12.722 -1.908  4.708   1.00 13.08 ? 103 LYS A O   1 
ATOM   822  C  CB  . LYS A 1 119 ? -14.416 0.592   5.138   1.00 14.26 ? 103 LYS A CB  1 
ATOM   823  C  CG  . LYS A 1 119 ? -14.644 0.449   6.623   1.00 18.27 ? 103 LYS A CG  1 
ATOM   824  C  CD  . LYS A 1 119 ? -16.016 0.925   7.080   1.00 22.36 ? 103 LYS A CD  1 
ATOM   825  C  CE  . LYS A 1 119 ? -16.154 0.926   8.590   1.00 27.56 ? 103 LYS A CE  1 
ATOM   826  N  NZ  . LYS A 1 119 ? -17.581 0.980   9.024   1.00 32.06 ? 103 LYS A NZ  1 
ATOM   827  N  N   . VAL A 1 120 ? -11.396 -0.724  6.054   1.00 13.15 ? 104 VAL A N   1 
ATOM   828  C  CA  . VAL A 1 120 ? -10.584 -1.871  6.447   1.00 13.28 ? 104 VAL A CA  1 
ATOM   829  C  C   . VAL A 1 120 ? -11.432 -2.879  7.207   1.00 15.10 ? 104 VAL A C   1 
ATOM   830  O  O   . VAL A 1 120 ? -12.351 -2.507  7.987   1.00 15.03 ? 104 VAL A O   1 
ATOM   831  C  CB  . VAL A 1 120 ? -9.365  -1.406  7.276   1.00 14.86 ? 104 VAL A CB  1 
ATOM   832  C  CG1 . VAL A 1 120 ? -9.732  -0.767  8.586   1.00 15.88 ? 104 VAL A CG1 1 
ATOM   833  C  CG2 . VAL A 1 120 ? -8.382  -2.529  7.499   1.00 16.12 ? 104 VAL A CG2 1 
ATOM   834  N  N   . VAL A 1 121 ? -11.078 -4.128  7.048   1.00 14.19 ? 105 VAL A N   1 
ATOM   835  C  CA  . VAL A 1 121 ? -11.680 -5.271  7.797   1.00 14.37 ? 105 VAL A CA  1 
ATOM   836  C  C   . VAL A 1 121 ? -10.557 -5.970  8.565   1.00 14.95 ? 105 VAL A C   1 
ATOM   837  O  O   . VAL A 1 121 ? -9.458  -6.113  8.014   1.00 15.15 ? 105 VAL A O   1 
ATOM   838  C  CB  . VAL A 1 121 ? -12.353 -6.261  6.837   1.00 14.40 ? 105 VAL A CB  1 
ATOM   839  C  CG1 . VAL A 1 121 ? -12.729 -7.571  7.518   1.00 16.00 ? 105 VAL A CG1 1 
ATOM   840  C  CG2 . VAL A 1 121 ? -13.568 -5.613  6.168   1.00 16.07 ? 105 VAL A CG2 1 
ATOM   841  N  N   . GLY A 1 122 ? -10.818 -6.356  9.807   1.00 15.39 ? 106 GLY A N   1 
ATOM   842  C  CA  . GLY A 1 122 ? -9.829  -7.120  10.579  1.00 15.64 ? 106 GLY A CA  1 
ATOM   843  C  C   . GLY A 1 122 ? -8.938  -6.289  11.455  1.00 16.30 ? 106 GLY A C   1 
ATOM   844  O  O   . GLY A 1 122 ? -7.945  -6.858  11.924  1.00 15.95 ? 106 GLY A O   1 
ATOM   845  N  N   . LEU A 1 123 ? -9.190  -5.013  11.685  1.00 17.46 ? 107 LEU A N   1 
ATOM   846  C  CA  . LEU A 1 123 ? -8.284  -4.156  12.473  1.00 19.52 ? 107 LEU A CA  1 
ATOM   847  C  C   . LEU A 1 123 ? -7.984  -4.767  13.830  1.00 21.84 ? 107 LEU A C   1 
ATOM   848  O  O   . LEU A 1 123 ? -8.891  -5.174  14.526  1.00 22.57 ? 107 LEU A O   1 
ATOM   849  C  CB  . LEU A 1 123 ? -8.856  -2.743  12.638  1.00 21.48 ? 107 LEU A CB  1 
ATOM   850  C  CG  . LEU A 1 123 ? -7.901  -1.706  13.214  1.00 25.86 ? 107 LEU A CG  1 
ATOM   851  C  CD1 . LEU A 1 123 ? -6.825  -1.380  12.190  1.00 30.09 ? 107 LEU A CD1 1 
ATOM   852  C  CD2 . LEU A 1 123 ? -8.635  -0.443  13.677  1.00 29.89 ? 107 LEU A CD2 1 
ATOM   853  N  N   . GLY A 1 124 ? -6.701  -4.833  14.155  1.00 23.20 ? 108 GLY A N   1 
ATOM   854  C  CA  . GLY A 1 124 ? -6.195  -5.379  15.418  1.00 26.26 ? 108 GLY A CA  1 
ATOM   855  C  C   . GLY A 1 124 ? -6.157  -6.896  15.410  1.00 27.75 ? 108 GLY A C   1 
ATOM   856  O  O   . GLY A 1 124 ? -5.676  -7.441  16.424  1.00 31.55 ? 108 GLY A O   1 
ATOM   857  N  N   . GLU A 1 125 ? -6.554  -7.574  14.312  1.00 23.49 ? 109 GLU A N   1 
ATOM   858  C  CA  . GLU A 1 125 ? -6.694  -9.058  14.221  1.00 23.72 ? 109 GLU A CA  1 
ATOM   859  C  C   . GLU A 1 125 ? -5.933  -9.626  13.000  1.00 24.80 ? 109 GLU A C   1 
ATOM   860  O  O   . GLU A 1 125 ? -5.156  -10.608 13.192  1.00 26.67 ? 109 GLU A O   1 
ATOM   861  C  CB  . GLU A 1 125 ? -8.118  -9.536  14.097  1.00 26.98 ? 109 GLU A CB  1 
ATOM   862  C  CG  . GLU A 1 125 ? -8.934  -9.425  15.388  1.00 35.68 ? 109 GLU A CG  1 
ATOM   863  C  CD  . GLU A 1 125 ? -10.432 -9.610  15.172  1.00 42.82 ? 109 GLU A CD  1 
ATOM   864  O  OE1 . GLU A 1 125 ? -10.847 -9.864  14.013  1.00 54.16 ? 109 GLU A OE1 1 
ATOM   865  O  OE2 . GLU A 1 125 ? -11.199 -9.476  16.154  1.00 59.61 ? 109 GLU A OE2 1 
ATOM   866  N  N   . THR A 1 126 ? -6.226  -9.172  11.771  1.00 17.91 ? 110 THR A N   1 
ATOM   867  C  CA  . THR A 1 126 ? -5.523  -9.569  10.529  1.00 17.84 ? 110 THR A CA  1 
ATOM   868  C  C   . THR A 1 126 ? -5.012  -8.350  9.809   1.00 17.18 ? 110 THR A C   1 
ATOM   869  O  O   . THR A 1 126 ? -4.347  -8.506  8.773   1.00 16.23 ? 110 THR A O   1 
ATOM   870  C  CB  . THR A 1 126 ? -6.488  -10.356 9.656   1.00 17.05 ? 110 THR A CB  1 
ATOM   871  O  OG1 . THR A 1 126 ? -7.592  -9.504  9.329   1.00 16.75 ? 110 THR A OG1 1 
ATOM   872  C  CG2 . THR A 1 126 ? -6.974  -11.650 10.258  1.00 17.45 ? 110 THR A CG2 1 
ATOM   873  N  N   . ALA A 1 127 ? -5.288  -7.166  10.308  1.00 15.97 ? 111 ALA A N   1 
ATOM   874  C  CA  . ALA A 1 127 ? -4.817  -5.916  9.734   1.00 15.44 ? 111 ALA A CA  1 
ATOM   875  C  C   . ALA A 1 127 ? -4.340  -5.047  10.878  1.00 17.12 ? 111 ALA A C   1 
ATOM   876  O  O   . ALA A 1 127 ? -5.109  -4.824  11.869  1.00 22.54 ? 111 ALA A O   1 
ATOM   877  C  CB  . ALA A 1 127 ? -5.860  -5.162  8.964   1.00 15.87 ? 111 ALA A CB  1 
ATOM   878  N  N   . THR A 1 128 ? -3.092  -4.709  10.898  1.00 15.09 ? 112 THR A N   1 
ATOM   879  C  CA  . THR A 1 128 ? -2.440  -3.932  11.968  1.00 14.83 ? 112 THR A CA  1 
ATOM   880  C  C   . THR A 1 128 ? -2.201  -2.558  11.422  1.00 14.84 ? 112 THR A C   1 
ATOM   881  O  O   . THR A 1 128 ? -1.442  -2.379  10.436  1.00 15.62 ? 112 THR A O   1 
ATOM   882  C  CB  . THR A 1 128 ? -1.165  -4.627  12.462  1.00 14.91 ? 112 THR A CB  1 
ATOM   883  O  OG1 . THR A 1 128 ? -1.550  -5.899  12.980  1.00 17.34 ? 112 THR A OG1 1 
ATOM   884  C  CG2 . THR A 1 128 ? -0.491  -3.718  13.476  1.00 17.11 ? 112 THR A CG2 1 
ATOM   885  N  N   . PHE A 1 129 ? -2.810  -1.527  12.017  1.00 15.44 ? 113 PHE A N   1 
ATOM   886  C  CA  . PHE A 1 129 ? -2.563  -0.169  11.560  1.00 14.77 ? 113 PHE A CA  1 
ATOM   887  C  C   . PHE A 1 129 ? -1.135  0.233   11.920  1.00 16.46 ? 113 PHE A C   1 
ATOM   888  O  O   . PHE A 1 129 ? -0.794  0.180   13.128  1.00 18.01 ? 113 PHE A O   1 
ATOM   889  C  CB  . PHE A 1 129 ? -3.569  0.825   12.173  1.00 15.82 ? 113 PHE A CB  1 
ATOM   890  C  CG  . PHE A 1 129 ? -3.305  2.266   11.873  1.00 16.90 ? 113 PHE A CG  1 
ATOM   891  C  CD1 . PHE A 1 129 ? -3.536  2.775   10.626  1.00 16.68 ? 113 PHE A CD1 1 
ATOM   892  C  CD2 . PHE A 1 129 ? -2.831  3.131   12.859  1.00 19.51 ? 113 PHE A CD2 1 
ATOM   893  C  CE1 . PHE A 1 129 ? -3.287  4.094   10.322  1.00 16.82 ? 113 PHE A CE1 1 
ATOM   894  C  CE2 . PHE A 1 129 ? -2.564  4.449   12.548  1.00 18.29 ? 113 PHE A CE2 1 
ATOM   895  C  CZ  . PHE A 1 129 ? -2.819  4.936   11.308  1.00 18.58 ? 113 PHE A CZ  1 
ATOM   896  N  N   . LEU A 1 130 ? -0.338  0.671   10.961  1.00 16.29 ? 114 LEU A N   1 
ATOM   897  C  CA  . LEU A 1 130 ? 1.099   1.022   11.168  1.00 17.37 ? 114 LEU A CA  1 
ATOM   898  C  C   . LEU A 1 130 ? 1.279   2.510   11.242  1.00 19.20 ? 114 LEU A C   1 
ATOM   899  O  O   . LEU A 1 130 ? 2.320   2.933   11.804  1.00 21.48 ? 114 LEU A O   1 
ATOM   900  C  CB  . LEU A 1 130 ? 1.942   0.431   10.040  1.00 18.00 ? 114 LEU A CB  1 
ATOM   901  C  CG  . LEU A 1 130 ? 1.835   -1.078  9.951   1.00 18.31 ? 114 LEU A CG  1 
ATOM   902  C  CD1 . LEU A 1 130 ? 2.721   -1.554  8.831   1.00 17.94 ? 114 LEU A CD1 1 
ATOM   903  C  CD2 . LEU A 1 130 ? 2.140   -1.758  11.277  1.00 20.62 ? 114 LEU A CD2 1 
ATOM   904  N  N   . GLY A 1 131 ? 0.345   3.306   10.750  1.00 17.07 ? 115 GLY A N   1 
ATOM   905  C  CA  . GLY A 1 131 ? 0.515   4.754   10.692  1.00 19.60 ? 115 GLY A CA  1 
ATOM   906  C  C   . GLY A 1 131 ? 0.023   5.299   9.385   1.00 20.86 ? 115 GLY A C   1 
ATOM   907  O  O   . GLY A 1 131 ? -0.459  4.519   8.514   1.00 18.46 ? 115 GLY A O   1 
ATOM   908  N  N   . LYS A 1 132 ? 0.062   6.595   9.239   1.00 21.07 ? 116 LYS A N   1 
ATOM   909  C  CA  . LYS A 1 132 ? -0.325  7.252   7.991   1.00 19.58 ? 116 LYS A CA  1 
ATOM   910  C  C   . LYS A 1 132 ? 0.872   7.996   7.444   1.00 22.37 ? 116 LYS A C   1 
ATOM   911  O  O   . LYS A 1 132 ? 1.674   8.478   8.254   1.00 25.18 ? 116 LYS A O   1 
ATOM   912  C  CB  . LYS A 1 132 ? -1.482  8.215   8.182   1.00 20.16 ? 116 LYS A CB  1 
ATOM   913  C  CG  . LYS A 1 132 ? -2.743  7.594   8.750   1.00 17.86 ? 116 LYS A CG  1 
ATOM   914  C  CD  . LYS A 1 132 ? -3.956  8.471   8.769   1.00 20.20 ? 116 LYS A CD  1 
ATOM   915  C  CE  . LYS A 1 132 ? -5.062  7.961   9.660   1.00 20.05 ? 116 LYS A CE  1 
ATOM   916  N  NZ  . LYS A 1 132 ? -6.150  8.932   9.804   1.00 22.54 ? 116 LYS A NZ  1 
ATOM   917  N  N   . VAL A 1 133 ? 0.917   8.110   6.127   1.00 19.64 ? 117 VAL A N   1 
ATOM   918  C  CA  . VAL A 1 133 ? 1.921   8.920   5.385   1.00 18.82 ? 117 VAL A CA  1 
ATOM   919  C  C   . VAL A 1 133 ? 1.160   10.070  4.747   1.00 21.15 ? 117 VAL A C   1 
ATOM   920  O  O   . VAL A 1 133 ? 0.063   9.879   4.180   1.00 19.95 ? 117 VAL A O   1 
ATOM   921  C  CB  . VAL A 1 133 ? 2.718   8.077   4.382   1.00 19.84 ? 117 VAL A CB  1 
ATOM   922  C  CG1 . VAL A 1 133 ? 3.646   7.077   5.077   1.00 22.16 ? 117 VAL A CG1 1 
ATOM   923  C  CG2 . VAL A 1 133 ? 1.829   7.365   3.363   1.00 21.14 ? 117 VAL A CG2 1 
ATOM   924  N  N   . THR A 1 134 ? 1.729   11.271  4.839   1.00 21.08 ? 118 THR A N   1 
ATOM   925  C  CA  . THR A 1 134 ? 1.118   12.479  4.279   1.00 20.20 ? 118 THR A CA  1 
ATOM   926  C  C   . THR A 1 134 ? 1.577   12.617  2.836   1.00 19.75 ? 118 THR A C   1 
ATOM   927  O  O   . THR A 1 134 ? 2.809   12.736  2.556   1.00 21.72 ? 118 THR A O   1 
ATOM   928  C  CB  . THR A 1 134 ? 1.443   13.739  5.087   1.00 21.53 ? 118 THR A CB  1 
ATOM   929  O  OG1 . THR A 1 134 ? 0.979   13.479  6.408   1.00 25.58 ? 118 THR A OG1 1 
ATOM   930  C  CG2 . THR A 1 134 ? 0.797   14.967  4.500   1.00 24.36 ? 118 THR A CG2 1 
ATOM   931  N  N   . VAL A 1 135 ? 0.621   12.609  1.923   1.00 19.90 ? 119 VAL A N   1 
ATOM   932  C  CA  . VAL A 1 135 ? 0.884   12.730  0.469   1.00 19.06 ? 119 VAL A CA  1 
ATOM   933  C  C   . VAL A 1 135 ? 0.442   14.107  -0.012  1.00 20.90 ? 119 VAL A C   1 
ATOM   934  O  O   . VAL A 1 135 ? -0.675  14.489  0.211   1.00 19.75 ? 119 VAL A O   1 
ATOM   935  C  CB  . VAL A 1 135 ? 0.172   11.612  -0.334  1.00 18.92 ? 119 VAL A CB  1 
ATOM   936  C  CG1 . VAL A 1 135 ? 0.645   11.641  -1.758  1.00 18.84 ? 119 VAL A CG1 1 
ATOM   937  C  CG2 . VAL A 1 135 ? 0.415   10.255  0.287   1.00 20.15 ? 119 VAL A CG2 1 
ATOM   938  N  N   . ASN A 1 136 ? 1.316   14.742  -0.784  1.00 20.44 ? 120 ASN A N   1 
ATOM   939  C  CA  . ASN A 1 136 ? 1.141   16.148  -1.189  1.00 20.14 ? 120 ASN A CA  1 
ATOM   940  C  C   . ASN A 1 136 ? 0.809   16.200  -2.657  1.00 18.48 ? 120 ASN A C   1 
ATOM   941  O  O   . ASN A 1 136 ? 0.999   15.195  -3.371  1.00 20.87 ? 120 ASN A O   1 
ATOM   942  C  CB  . ASN A 1 136 ? 2.384   16.978  -0.811  1.00 21.01 ? 120 ASN A CB  1 
ATOM   943  C  CG  . ASN A 1 136 ? 2.662   16.932  0.671   1.00 22.19 ? 120 ASN A CG  1 
ATOM   944  O  OD1 . ASN A 1 136 ? 3.684   16.402  1.111   1.00 28.68 ? 120 ASN A OD1 1 
ATOM   945  N  ND2 . ASN A 1 136 ? 1.745   17.457  1.436   1.00 24.29 ? 120 ASN A ND2 1 
ATOM   946  N  N   . PHE A 1 137 ? 0.400   17.384  -3.110  1.00 20.39 ? 121 PHE A N   1 
ATOM   947  C  CA  . PHE A 1 137 ? -0.231  17.570  -4.412  1.00 19.94 ? 121 PHE A CA  1 
ATOM   948  C  C   . PHE A 1 137 ? 0.773   17.799  -5.537  1.00 24.26 ? 121 PHE A C   1 
ATOM   949  O  O   . PHE A 1 137 ? 1.624   18.678  -5.433  1.00 25.29 ? 121 PHE A O   1 
ATOM   950  C  CB  . PHE A 1 137 ? -1.192  18.737  -4.386  1.00 21.79 ? 121 PHE A CB  1 
ATOM   951  C  CG  . PHE A 1 137 ? -1.918  18.932  -5.676  1.00 22.52 ? 121 PHE A CG  1 
ATOM   952  C  CD1 . PHE A 1 137 ? -3.005  18.133  -5.988  1.00 25.20 ? 121 PHE A CD1 1 
ATOM   953  C  CD2 . PHE A 1 137 ? -1.550  19.930  -6.569  1.00 26.37 ? 121 PHE A CD2 1 
ATOM   954  C  CE1 . PHE A 1 137 ? -3.700  18.303  -7.174  1.00 26.09 ? 121 PHE A CE1 1 
ATOM   955  C  CE2 . PHE A 1 137 ? -2.254  20.100  -7.748  1.00 27.05 ? 121 PHE A CE2 1 
ATOM   956  C  CZ  . PHE A 1 137 ? -3.322  19.283  -8.052  1.00 26.68 ? 121 PHE A CZ  1 
ATOM   957  N  N   . GLY A 1 138 ? 0.574   17.131  -6.667  1.00 22.31 ? 122 GLY A N   1 
ATOM   958  C  CA  . GLY A 1 138 ? 1.047   17.536  -7.997  1.00 22.69 ? 122 GLY A CA  1 
ATOM   959  C  C   . GLY A 1 138 ? 2.470   17.115  -8.305  1.00 24.85 ? 122 GLY A C   1 
ATOM   960  O  O   . GLY A 1 138 ? 2.818   16.978  -9.495  1.00 34.23 ? 122 GLY A O   1 
ATOM   961  N  N   . GLU A 1 139 ? 3.306   16.953  -7.300  1.00 22.91 ? 123 GLU A N   1 
ATOM   962  C  CA  . GLU A 1 139 ? 4.734   16.641  -7.501  1.00 25.83 ? 123 GLU A CA  1 
ATOM   963  C  C   . GLU A 1 139 ? 5.117   15.422  -6.665  1.00 23.03 ? 123 GLU A C   1 
ATOM   964  O  O   . GLU A 1 139 ? 4.845   15.393  -5.437  1.00 22.56 ? 123 GLU A O   1 
ATOM   965  C  CB  . GLU A 1 139 ? 5.525   17.920  -7.213  1.00 30.89 ? 123 GLU A CB  1 
ATOM   966  C  CG  . GLU A 1 139 ? 6.837   17.728  -6.483  1.00 38.49 ? 123 GLU A CG  1 
ATOM   967  C  CD  . GLU A 1 139 ? 7.607   19.028  -6.306  1.00 45.84 ? 123 GLU A CD  1 
ATOM   968  O  OE1 . GLU A 1 139 ? 8.435   19.106  -5.371  1.00 51.19 ? 123 GLU A OE1 1 
ATOM   969  O  OE2 . GLU A 1 139 ? 7.358   19.973  -7.094  1.00 53.40 ? 123 GLU A OE2 1 
ATOM   970  N  N   . TYR A 1 140 ? 5.776   14.464  -7.303  1.00 21.93 ? 124 TYR A N   1 
ATOM   971  C  CA  . TYR A 1 140 ? 6.297   13.269  -6.614  1.00 21.69 ? 124 TYR A CA  1 
ATOM   972  C  C   . TYR A 1 140 ? 7.139   13.671  -5.432  1.00 21.09 ? 124 TYR A C   1 
ATOM   973  O  O   . TYR A 1 140 ? 8.044   14.586  -5.560  1.00 24.42 ? 124 TYR A O   1 
ATOM   974  C  CB  . TYR A 1 140 ? 7.104   12.368  -7.532  1.00 21.61 ? 124 TYR A CB  1 
ATOM   975  C  CG  . TYR A 1 140 ? 6.279   11.591  -8.524  1.00 21.65 ? 124 TYR A CG  1 
ATOM   976  C  CD1 . TYR A 1 140 ? 5.229   10.768  -8.115  1.00 22.08 ? 124 TYR A CD1 1 
ATOM   977  C  CD2 . TYR A 1 140 ? 6.557   11.653  -9.881  1.00 21.94 ? 124 TYR A CD2 1 
ATOM   978  C  CE1 . TYR A 1 140 ? 4.503   10.034  -9.044  1.00 22.19 ? 124 TYR A CE1 1 
ATOM   979  C  CE2 . TYR A 1 140 ? 5.860   10.907  -10.810 1.00 23.04 ? 124 TYR A CE2 1 
ATOM   980  C  CZ  . TYR A 1 140 ? 4.813   10.090  -10.393 1.00 20.79 ? 124 TYR A CZ  1 
ATOM   981  O  OH  . TYR A 1 140 ? 4.182   9.372   -11.369 1.00 22.37 ? 124 TYR A OH  1 
ATOM   982  N  N   . HIS A 1 141 ? 6.995   13.017  -4.313  1.00 21.37 ? 125 HIS A N   1 
ATOM   983  C  CA  . HIS A 1 141 ? 7.912   13.175  -3.171  1.00 21.02 ? 125 HIS A CA  1 
ATOM   984  C  C   . HIS A 1 141 ? 8.016   11.859  -2.410  1.00 21.15 ? 125 HIS A C   1 
ATOM   985  O  O   . HIS A 1 141 ? 7.123   10.940  -2.598  1.00 21.37 ? 125 HIS A O   1 
ATOM   986  C  CB  . HIS A 1 141 ? 7.437   14.319  -2.284  1.00 21.11 ? 125 HIS A CB  1 
ATOM   987  C  CG  . HIS A 1 141 ? 6.186   13.979  -1.529  1.00 20.74 ? 125 HIS A CG  1 
ATOM   988  N  ND1 . HIS A 1 141 ? 4.921   14.208  -2.021  1.00 24.26 ? 125 HIS A ND1 1 
ATOM   989  C  CD2 . HIS A 1 141 ? 6.036   13.412  -0.326  1.00 20.11 ? 125 HIS A CD2 1 
ATOM   990  C  CE1 . HIS A 1 141 ? 4.040   13.765  -1.127  1.00 19.98 ? 125 HIS A CE1 1 
ATOM   991  N  NE2 . HIS A 1 141 ? 4.680   13.302  -0.079  1.00 24.49 ? 125 HIS A NE2 1 
ATOM   992  N  N   . LYS A 1 142 ? 8.989   11.695  -1.553  1.00 22.33 ? 126 LYS A N   1 
ATOM   993  C  CA  . LYS A 1 142 ? 9.166   10.502  -0.703  1.00 21.27 ? 126 LYS A CA  1 
ATOM   994  C  C   . LYS A 1 142 ? 8.322   10.671  0.533   1.00 21.47 ? 126 LYS A C   1 
ATOM   995  O  O   . LYS A 1 142 ? 8.116   11.802  1.024   1.00 21.51 ? 126 LYS A O   1 
ATOM   996  C  CB  . LYS A 1 142 ? 10.622  10.306  -0.287  1.00 21.82 ? 126 LYS A CB  1 
ATOM   997  C  CG  . LYS A 1 142 ? 11.547  10.059  -1.452  1.00 22.04 ? 126 LYS A CG  1 
ATOM   998  C  CD  . LYS A 1 142 ? 11.149  8.819   -2.270  1.00 22.87 ? 126 LYS A CD  1 
ATOM   999  C  CE  . LYS A 1 142 ? 12.324  8.288   -3.065  1.00 22.53 ? 126 LYS A CE  1 
ATOM   1000 N  NZ  . LYS A 1 142 ? 11.939  7.254   -4.042  1.00 24.47 ? 126 LYS A NZ  1 
ATOM   1001 N  N   . VAL A 1 143 ? 7.806   9.546   1.012   1.00 18.89 ? 127 VAL A N   1 
ATOM   1002 C  CA  . VAL A 1 143 ? 7.263   9.411   2.381   1.00 20.43 ? 127 VAL A CA  1 
ATOM   1003 C  C   . VAL A 1 143 ? 7.944   8.221   3.004   1.00 20.46 ? 127 VAL A C   1 
ATOM   1004 O  O   . VAL A 1 143 ? 8.349   7.310   2.303   1.00 21.17 ? 127 VAL A O   1 
ATOM   1005 C  CB  . VAL A 1 143 ? 5.732   9.247   2.409   1.00 21.46 ? 127 VAL A CB  1 
ATOM   1006 C  CG1 . VAL A 1 143 ? 5.074   10.468  1.805   1.00 21.66 ? 127 VAL A CG1 1 
ATOM   1007 C  CG2 . VAL A 1 143 ? 5.262   7.946   1.724   1.00 19.94 ? 127 VAL A CG2 1 
ATOM   1008 N  N   . GLU A 1 144 ? 7.988   8.221   4.306   1.00 21.99 ? 128 GLU A N   1 
ATOM   1009 C  CA  . GLU A 1 144 ? 8.640   7.157   5.050   1.00 22.97 ? 128 GLU A CA  1 
ATOM   1010 C  C   . GLU A 1 144 ? 7.847   6.969   6.336   1.00 22.62 ? 128 GLU A C   1 
ATOM   1011 O  O   . GLU A 1 144 ? 7.351   7.967   6.944   1.00 24.65 ? 128 GLU A O   1 
ATOM   1012 C  CB  . GLU A 1 144 ? 10.110  7.529   5.283   1.00 27.12 ? 128 GLU A CB  1 
ATOM   1013 C  CG  . GLU A 1 144 ? 10.939  6.363   5.785   1.00 31.57 ? 128 GLU A CG  1 
ATOM   1014 C  CD  . GLU A 1 144 ? 12.394  6.727   5.990   1.00 33.94 ? 128 GLU A CD  1 
ATOM   1015 O  OE1 . GLU A 1 144 ? 12.676  7.419   6.997   1.00 35.89 ? 128 GLU A OE1 1 
ATOM   1016 O  OE2 . GLU A 1 144 ? 13.212  6.291   5.177   1.00 34.90 ? 128 GLU A OE2 1 
ATOM   1017 N  N   . LEU A 1 145 ? 7.678   5.727   6.746   1.00 19.75 ? 129 LEU A N   1 
ATOM   1018 C  CA  . LEU A 1 145 ? 7.045   5.360   8.018   1.00 20.05 ? 129 LEU A CA  1 
ATOM   1019 C  C   . LEU A 1 145 ? 7.947   4.354   8.741   1.00 22.87 ? 129 LEU A C   1 
ATOM   1020 O  O   . LEU A 1 145 ? 8.313   3.317   8.176   1.00 20.37 ? 129 LEU A O   1 
ATOM   1021 C  CB  . LEU A 1 145 ? 5.668   4.769   7.679   1.00 20.58 ? 129 LEU A CB  1 
ATOM   1022 C  CG  . LEU A 1 145 ? 4.765   4.483   8.848   1.00 23.15 ? 129 LEU A CG  1 
ATOM   1023 C  CD1 . LEU A 1 145 ? 4.378   5.798   9.547   1.00 24.50 ? 129 LEU A CD1 1 
ATOM   1024 C  CD2 . LEU A 1 145 ? 3.525   3.721   8.377   1.00 21.89 ? 129 LEU A CD2 1 
ATOM   1025 N  N   . ASP A 1 146 ? 8.268   4.645   9.997   1.00 21.55 ? 130 ASP A N   1 
ATOM   1026 C  CA  . ASP A 1 146 ? 8.980   3.707   10.884  1.00 20.78 ? 130 ASP A CA  1 
ATOM   1027 C  C   . ASP A 1 146 ? 7.991   2.593   11.201  1.00 21.38 ? 130 ASP A C   1 
ATOM   1028 O  O   . ASP A 1 146 ? 6.960   2.890   11.809  1.00 21.76 ? 130 ASP A O   1 
ATOM   1029 C  CB  . ASP A 1 146 ? 9.500   4.487   12.098  1.00 22.90 ? 130 ASP A CB  1 
ATOM   1030 C  CG  . ASP A 1 146 ? 10.266  3.649   13.091  1.00 27.84 ? 130 ASP A CG  1 
ATOM   1031 O  OD1 . ASP A 1 146 ? 10.184  2.433   13.034  1.00 24.77 ? 130 ASP A OD1 1 
ATOM   1032 O  OD2 . ASP A 1 146 ? 10.954  4.249   13.928  1.00 28.82 ? 130 ASP A OD2 1 
ATOM   1033 N  N   . ILE A 1 147 ? 8.330   1.367   10.817  1.00 19.72 ? 131 ILE A N   1 
ATOM   1034 C  CA  . ILE A 1 147 ? 7.516   0.162   11.121  1.00 19.14 ? 131 ILE A CA  1 
ATOM   1035 C  C   . ILE A 1 147 ? 8.330   -0.885  11.873  1.00 20.99 ? 131 ILE A C   1 
ATOM   1036 O  O   . ILE A 1 147 ? 8.068   -2.066  11.815  1.00 19.30 ? 131 ILE A O   1 
ATOM   1037 C  CB  . ILE A 1 147 ? 6.856   -0.400  9.840   1.00 18.74 ? 131 ILE A CB  1 
ATOM   1038 C  CG1 . ILE A 1 147 ? 7.890   -0.833  8.801   1.00 19.22 ? 131 ILE A CG1 1 
ATOM   1039 C  CG2 . ILE A 1 147 ? 5.856   0.631   9.308   1.00 18.17 ? 131 ILE A CG2 1 
ATOM   1040 C  CD1 . ILE A 1 147 ? 7.271   -1.568  7.595   1.00 19.40 ? 131 ILE A CD1 1 
ATOM   1041 N  N   . THR A 1 148 ? 9.237   -0.407  12.730  1.00 21.10 ? 132 THR A N   1 
ATOM   1042 C  CA  . THR A 1 148 ? 10.213  -1.281  13.413  1.00 21.40 ? 132 THR A CA  1 
ATOM   1043 C  C   . THR A 1 148 ? 9.492   -2.292  14.283  1.00 20.67 ? 132 THR A C   1 
ATOM   1044 O  O   . THR A 1 148 ? 9.798   -3.472  14.182  1.00 21.81 ? 132 THR A O   1 
ATOM   1045 C  CB  . THR A 1 148 ? 11.162  -0.456  14.299  1.00 22.18 ? 132 THR A CB  1 
ATOM   1046 O  OG1 . THR A 1 148 ? 11.837  0.464   13.457  1.00 25.73 ? 132 THR A OG1 1 
ATOM   1047 C  CG2 . THR A 1 148 ? 12.190  -1.319  15.004  1.00 24.61 ? 132 THR A CG2 1 
ATOM   1048 N  N   . ASP A 1 149 ? 8.587   -1.827  15.143  1.00 21.02 ? 133 ASP A N   1 
ATOM   1049 C  CA  . ASP A 1 149 ? 7.942   -2.738  16.098  1.00 22.58 ? 133 ASP A CA  1 
ATOM   1050 C  C   . ASP A 1 149 ? 7.223   -3.832  15.306  1.00 21.64 ? 133 ASP A C   1 
ATOM   1051 O  O   . ASP A 1 149 ? 7.268   -4.995  15.710  1.00 20.29 ? 133 ASP A O   1 
ATOM   1052 C  CB  . ASP A 1 149 ? 6.982   -2.060  17.059  1.00 24.82 ? 133 ASP A CB  1 
ATOM   1053 C  CG  . ASP A 1 149 ? 6.537   -3.063  18.100  1.00 32.11 ? 133 ASP A CG  1 
ATOM   1054 O  OD1 . ASP A 1 149 ? 7.426   -3.790  18.617  1.00 39.21 ? 133 ASP A OD1 1 
ATOM   1055 O  OD2 . ASP A 1 149 ? 5.346   -3.215  18.276  1.00 39.95 ? 133 ASP A OD2 1 
ATOM   1056 N  N   . TYR A 1 150 ? 6.499   -3.470  14.241  1.00 20.85 ? 134 TYR A N   1 
ATOM   1057 C  CA  . TYR A 1 150 ? 5.726   -4.492  13.494  1.00 18.82 ? 134 TYR A CA  1 
ATOM   1058 C  C   . TYR A 1 150 ? 6.689   -5.514  12.874  1.00 17.54 ? 134 TYR A C   1 
ATOM   1059 O  O   . TYR A 1 150 ? 6.479   -6.707  13.049  1.00 17.00 ? 134 TYR A O   1 
ATOM   1060 C  CB  . TYR A 1 150 ? 4.918   -3.762  12.435  1.00 17.42 ? 134 TYR A CB  1 
ATOM   1061 C  CG  . TYR A 1 150 ? 4.116   -4.685  11.546  1.00 15.82 ? 134 TYR A CG  1 
ATOM   1062 C  CD1 . TYR A 1 150 ? 3.105   -5.463  12.074  1.00 15.41 ? 134 TYR A CD1 1 
ATOM   1063 C  CD2 . TYR A 1 150 ? 4.335   -4.746  10.169  1.00 16.59 ? 134 TYR A CD2 1 
ATOM   1064 C  CE1 . TYR A 1 150 ? 2.331   -6.324  11.300  1.00 14.91 ? 134 TYR A CE1 1 
ATOM   1065 C  CE2 . TYR A 1 150 ? 3.545   -5.586  9.379   1.00 16.08 ? 134 TYR A CE2 1 
ATOM   1066 C  CZ  . TYR A 1 150 ? 2.571   -6.386  9.935   1.00 13.99 ? 134 TYR A CZ  1 
ATOM   1067 O  OH  . TYR A 1 150 ? 1.828   -7.230  9.125   1.00 14.72 ? 134 TYR A OH  1 
ATOM   1068 N  N   . ILE A 1 151 ? 7.719   -5.046  12.193  1.00 18.57 ? 135 ILE A N   1 
ATOM   1069 C  CA  . ILE A 1 151 ? 8.692   -5.949  11.505  1.00 18.70 ? 135 ILE A CA  1 
ATOM   1070 C  C   . ILE A 1 151 ? 9.414   -6.829  12.520  1.00 21.42 ? 135 ILE A C   1 
ATOM   1071 O  O   . ILE A 1 151 ? 9.522   -8.062  12.302  1.00 21.43 ? 135 ILE A O   1 
ATOM   1072 C  CB  . ILE A 1 151 ? 9.628   -5.151  10.589  1.00 19.94 ? 135 ILE A CB  1 
ATOM   1073 C  CG1 . ILE A 1 151 ? 8.831   -4.470  9.462   1.00 19.86 ? 135 ILE A CG1 1 
ATOM   1074 C  CG2 . ILE A 1 151 ? 10.708  -6.061  10.044  1.00 20.41 ? 135 ILE A CG2 1 
ATOM   1075 C  CD1 . ILE A 1 151 ? 8.082   -5.432  8.557   1.00 21.03 ? 135 ILE A CD1 1 
ATOM   1076 N  N   . LYS A 1 152 ? 9.874   -6.239  13.614  1.00 22.30 ? 136 LYS A N   1 
ATOM   1077 C  CA  . LYS A 1 152 ? 10.738  -6.930  14.599  1.00 26.57 ? 136 LYS A CA  1 
ATOM   1078 C  C   . LYS A 1 152 ? 9.907   -7.921  15.409  1.00 23.66 ? 136 LYS A C   1 
ATOM   1079 O  O   . LYS A 1 152 ? 10.399  -9.024  15.673  1.00 24.74 ? 136 LYS A O   1 
ATOM   1080 C  CB  . LYS A 1 152 ? 11.394  -5.859  15.480  1.00 30.00 ? 136 LYS A CB  1 
ATOM   1081 C  CG  . LYS A 1 152 ? 12.623  -6.329  16.239  1.00 38.85 ? 136 LYS A CG  1 
ATOM   1082 C  CD  . LYS A 1 152 ? 13.442  -5.183  16.785  1.00 42.12 ? 136 LYS A CD  1 
ATOM   1083 C  CE  . LYS A 1 152 ? 12.754  -4.496  17.941  1.00 46.90 ? 136 LYS A CE  1 
ATOM   1084 N  NZ  . LYS A 1 152 ? 13.692  -4.285  19.072  1.00 53.58 ? 136 LYS A NZ  1 
ATOM   1085 N  N   . ASN A 1 153 ? 8.670   -7.570  15.763  1.00 21.55 ? 137 ASN A N   1 
ATOM   1086 C  CA  . ASN A 1 153 ? 7.926   -8.243  16.842  1.00 23.05 ? 137 ASN A CA  1 
ATOM   1087 C  C   . ASN A 1 153 ? 6.655   -8.924  16.364  1.00 20.50 ? 137 ASN A C   1 
ATOM   1088 O  O   . ASN A 1 153 ? 6.254   -9.888  17.008  1.00 23.22 ? 137 ASN A O   1 
ATOM   1089 C  CB  . ASN A 1 153 ? 7.654   -7.303  18.018  1.00 24.59 ? 137 ASN A CB  1 
ATOM   1090 C  CG  . ASN A 1 153 ? 8.956   -6.853  18.659  1.00 28.58 ? 137 ASN A CG  1 
ATOM   1091 O  OD1 . ASN A 1 153 ? 9.142   -5.686  18.953  1.00 35.76 ? 137 ASN A OD1 1 
ATOM   1092 N  ND2 . ASN A 1 153 ? 9.894   -7.779  18.796  1.00 27.95 ? 137 ASN A ND2 1 
ATOM   1093 N  N   . HIS A 1 154 ? 5.948   -8.401  15.337  1.00 18.50 ? 138 HIS A N   1 
ATOM   1094 C  CA  . HIS A 1 154 ? 4.590   -8.954  15.109  1.00 16.37 ? 138 HIS A CA  1 
ATOM   1095 C  C   . HIS A 1 154 ? 4.611   -10.366 14.505  1.00 16.25 ? 138 HIS A C   1 
ATOM   1096 O  O   . HIS A 1 154 ? 5.493   -10.661 13.636  1.00 16.93 ? 138 HIS A O   1 
ATOM   1097 C  CB  . HIS A 1 154 ? 3.829   -7.989  14.217  1.00 16.64 ? 138 HIS A CB  1 
ATOM   1098 C  CG  . HIS A 1 154 ? 2.372   -8.230  14.241  1.00 17.52 ? 138 HIS A CG  1 
ATOM   1099 N  ND1 . HIS A 1 154 ? 1.761   -9.239  13.504  1.00 15.28 ? 138 HIS A ND1 1 
ATOM   1100 C  CD2 . HIS A 1 154 ? 1.389   -7.566  14.876  1.00 18.02 ? 138 HIS A CD2 1 
ATOM   1101 C  CE1 . HIS A 1 154 ? 0.469   -9.227  13.716  1.00 16.58 ? 138 HIS A CE1 1 
ATOM   1102 N  NE2 . HIS A 1 154 ? 0.210   -8.189  14.594  1.00 17.80 ? 138 HIS A NE2 1 
ATOM   1103 N  N   . SER A 1 155 ? 3.663   -11.172 14.905  1.00 16.92 ? 139 SER A N   1 
ATOM   1104 C  CA  . SER A 1 155 ? 3.528   -12.561 14.429  1.00 16.51 ? 139 SER A CA  1 
ATOM   1105 C  C   . SER A 1 155 ? 3.468   -12.592 12.899  1.00 16.12 ? 139 SER A C   1 
ATOM   1106 O  O   . SER A 1 155 ? 3.955   -13.587 12.317  1.00 16.72 ? 139 SER A O   1 
ATOM   1107 C  CB  . SER A 1 155 ? 2.375   -13.248 15.065  1.00 17.81 ? 139 SER A CB  1 
ATOM   1108 O  OG  . SER A 1 155 ? 1.181   -12.479 14.956  1.00 22.43 ? 139 SER A OG  1 
ATOM   1109 N  N   . ASP A 1 156 ? 2.907   -11.584 12.220  1.00 16.31 ? 140 ASP A N   1 
ATOM   1110 C  CA  . ASP A 1 156 ? 2.763   -11.633 10.736  1.00 15.35 ? 140 ASP A CA  1 
ATOM   1111 C  C   . ASP A 1 156 ? 4.130   -11.826 10.076  1.00 14.95 ? 140 ASP A C   1 
ATOM   1112 O  O   . ASP A 1 156 ? 4.199   -12.320 8.939   1.00 15.32 ? 140 ASP A O   1 
ATOM   1113 C  CB  . ASP A 1 156 ? 2.190   -10.315 10.252  1.00 13.54 ? 140 ASP A CB  1 
ATOM   1114 C  CG  . ASP A 1 156 ? 0.710   -10.087 10.522  1.00 13.71 ? 140 ASP A CG  1 
ATOM   1115 O  OD1 . ASP A 1 156 ? 0.053   -11.012 10.978  1.00 14.09 ? 140 ASP A OD1 1 
ATOM   1116 O  OD2 . ASP A 1 156 ? 0.299   -8.938  10.280  1.00 15.09 ? 140 ASP A OD2 1 
ATOM   1117 N  N   . ASN A 1 157 ? 5.213   -11.312 10.674  1.00 15.56 ? 141 ASN A N   1 
ATOM   1118 C  CA  . ASN A 1 157 ? 6.504   -11.174 9.949   1.00 15.30 ? 141 ASN A CA  1 
ATOM   1119 C  C   . ASN A 1 157 ? 7.506   -12.279 10.347  1.00 15.93 ? 141 ASN A C   1 
ATOM   1120 O  O   . ASN A 1 157 ? 8.562   -12.308 9.735   1.00 17.52 ? 141 ASN A O   1 
ATOM   1121 C  CB  . ASN A 1 157 ? 7.074   -9.792  10.173  1.00 15.10 ? 141 ASN A CB  1 
ATOM   1122 C  CG  . ASN A 1 157 ? 6.052   -8.760  9.777   1.00 16.40 ? 141 ASN A CG  1 
ATOM   1123 O  OD1 . ASN A 1 157 ? 5.672   -7.867  10.567  1.00 18.68 ? 141 ASN A OD1 1 
ATOM   1124 N  ND2 . ASN A 1 157 ? 5.620   -8.860  8.566   1.00 14.89 ? 141 ASN A ND2 1 
ATOM   1125 N  N   . LYS A 1 158 ? 7.131   -13.180 11.225  1.00 16.67 ? 142 LYS A N   1 
ATOM   1126 C  CA  . LYS A 1 158 ? 8.045   -14.278 11.642  1.00 17.23 ? 142 LYS A CA  1 
ATOM   1127 C  C   . LYS A 1 158 ? 8.287   -15.243 10.481  1.00 17.81 ? 142 LYS A C   1 
ATOM   1128 O  O   . LYS A 1 158 ? 9.343   -15.871 10.461  1.00 18.46 ? 142 LYS A O   1 
ATOM   1129 C  CB  . LYS A 1 158 ? 7.535   -14.996 12.876  1.00 17.78 ? 142 LYS A CB  1 
ATOM   1130 C  CG  . LYS A 1 158 ? 7.455   -14.112 14.111  1.00 20.12 ? 142 LYS A CG  1 
ATOM   1131 C  CD  . LYS A 1 158 ? 8.786   -13.575 14.536  1.00 20.83 ? 142 LYS A CD  1 
ATOM   1132 C  CE  . LYS A 1 158 ? 8.681   -12.783 15.827  1.00 25.73 ? 142 LYS A CE  1 
ATOM   1133 N  NZ  . LYS A 1 158 ? 9.713   -11.737 15.854  1.00 29.94 ? 142 LYS A NZ  1 
ATOM   1134 N  N   . ASP A 1 159 ? 7.349   -15.357 9.535   1.00 15.84 ? 143 ASP A N   1 
ATOM   1135 C  CA  . ASP A 1 159 ? 7.482   -16.225 8.344   1.00 16.26 ? 143 ASP A CA  1 
ATOM   1136 C  C   . ASP A 1 159 ? 8.353   -15.581 7.272   1.00 15.18 ? 143 ASP A C   1 
ATOM   1137 O  O   . ASP A 1 159 ? 8.592   -16.251 6.256   1.00 16.94 ? 143 ASP A O   1 
ATOM   1138 C  CB  . ASP A 1 159 ? 6.102   -16.584 7.825   1.00 13.83 ? 143 ASP A CB  1 
ATOM   1139 C  CG  . ASP A 1 159 ? 5.228   -15.397 7.420   1.00 14.27 ? 143 ASP A CG  1 
ATOM   1140 O  OD1 . ASP A 1 159 ? 5.750   -14.414 6.961   1.00 13.54 ? 143 ASP A OD1 1 
ATOM   1141 O  OD2 . ASP A 1 159 ? 4.025   -15.470 7.744   1.00 14.13 ? 143 ASP A OD2 1 
ATOM   1142 N  N   . GLY A 1 160 ? 8.852   -14.367 7.456   1.00 14.44 ? 144 GLY A N   1 
ATOM   1143 C  CA  . GLY A 1 160 ? 9.722   -13.677 6.526   1.00 16.70 ? 144 GLY A CA  1 
ATOM   1144 C  C   . GLY A 1 160 ? 9.000   -13.002 5.386   1.00 16.12 ? 144 GLY A C   1 
ATOM   1145 O  O   . GLY A 1 160 ? 9.696   -12.412 4.562   1.00 17.98 ? 144 GLY A O   1 
ATOM   1146 N  N   . ILE A 1 161 ? 7.685   -13.117 5.292   1.00 15.73 ? 145 ILE A N   1 
ATOM   1147 C  CA  . ILE A 1 161 ? 6.897   -12.515 4.189   1.00 16.33 ? 145 ILE A CA  1 
ATOM   1148 C  C   . ILE A 1 161 ? 6.023   -11.404 4.787   1.00 14.94 ? 145 ILE A C   1 
ATOM   1149 O  O   . ILE A 1 161 ? 5.178   -11.647 5.670   1.00 15.14 ? 145 ILE A O   1 
ATOM   1150 C  CB  . ILE A 1 161 ? 6.081   -13.573 3.445   1.00 15.51 ? 145 ILE A CB  1 
ATOM   1151 C  CG1 . ILE A 1 161 ? 6.927   -14.763 2.950   1.00 16.38 ? 145 ILE A CG1 1 
ATOM   1152 C  CG2 . ILE A 1 161 ? 5.315   -12.904 2.316   1.00 15.36 ? 145 ILE A CG2 1 
ATOM   1153 C  CD1 . ILE A 1 161 ? 8.098   -14.362 2.074   1.00 17.77 ? 145 ILE A CD1 1 
ATOM   1154 N  N   . VAL A 1 162 ? 6.337   -10.202 4.365   1.00 14.91 ? 146 VAL A N   1 
ATOM   1155 C  CA  . VAL A 1 162 ? 5.681   -8.968  4.826   1.00 14.09 ? 146 VAL A CA  1 
ATOM   1156 C  C   . VAL A 1 162 ? 4.649   -8.583  3.794   1.00 14.35 ? 146 VAL A C   1 
ATOM   1157 O  O   . VAL A 1 162 ? 4.960   -8.518  2.612   1.00 15.40 ? 146 VAL A O   1 
ATOM   1158 C  CB  . VAL A 1 162 ? 6.694   -7.839  4.969   1.00 13.99 ? 146 VAL A CB  1 
ATOM   1159 C  CG1 . VAL A 1 162 ? 6.038   -6.552  5.400   1.00 16.16 ? 146 VAL A CG1 1 
ATOM   1160 C  CG2 . VAL A 1 162 ? 7.820   -8.296  5.898   1.00 15.47 ? 146 VAL A CG2 1 
ATOM   1161 N  N   . ALA A 1 163 ? 3.419   -8.341  4.239   1.00 14.76 ? 147 ALA A N   1 
ATOM   1162 C  CA  . ALA A 1 163 ? 2.330   -7.856  3.365   1.00 13.19 ? 147 ALA A CA  1 
ATOM   1163 C  C   . ALA A 1 163 ? 1.800   -6.530  3.920   1.00 13.18 ? 147 ALA A C   1 
ATOM   1164 O  O   . ALA A 1 163 ? 1.491   -6.441  5.130   1.00 13.40 ? 147 ALA A O   1 
ATOM   1165 C  CB  . ALA A 1 163 ? 1.229   -8.888  3.309   1.00 13.87 ? 147 ALA A CB  1 
ATOM   1166 N  N   . LEU A 1 164 ? 1.724   -5.507  3.069   1.00 13.06 ? 148 LEU A N   1 
ATOM   1167 C  CA  . LEU A 1 164 ? 1.238   -4.156  3.445   1.00 13.96 ? 148 LEU A CA  1 
ATOM   1168 C  C   . LEU A 1 164 ? 0.068   -3.768  2.546   1.00 13.69 ? 148 LEU A C   1 
ATOM   1169 O  O   . LEU A 1 164 ? 0.071   -4.081  1.357   1.00 14.06 ? 148 LEU A O   1 
ATOM   1170 C  CB  . LEU A 1 164 ? 2.339   -3.114  3.345   1.00 13.83 ? 148 LEU A CB  1 
ATOM   1171 C  CG  . LEU A 1 164 ? 3.613   -3.383  4.154   1.00 13.98 ? 148 LEU A CG  1 
ATOM   1172 C  CD1 . LEU A 1 164 ? 4.529   -2.211  3.951   1.00 15.61 ? 148 LEU A CD1 1 
ATOM   1173 C  CD2 . LEU A 1 164 ? 3.356   -3.571  5.639   1.00 14.44 ? 148 LEU A CD2 1 
HETATM 1174 N  N   . MSE A 1 165 ? -0.858  -3.017  3.120   1.00 13.02 ? 149 MSE A N   1 
HETATM 1175 C  CA  . MSE A 1 165 ? -1.954  -2.403  2.394   1.00 12.05 ? 149 MSE A CA  1 
HETATM 1176 C  C   . MSE A 1 165 ? -1.840  -0.896  2.484   1.00 12.82 ? 149 MSE A C   1 
HETATM 1177 O  O   . MSE A 1 165 ? -1.482  -0.366  3.560   1.00 14.32 ? 149 MSE A O   1 
HETATM 1178 C  CB  . MSE A 1 165 ? -3.271  -2.907  3.011   1.00 12.02 ? 149 MSE A CB  1 
HETATM 1179 C  CG  . MSE A 1 165 ? -4.516  -2.480  2.233   1.00 12.75 ? 149 MSE A CG  1 
HETATM 1180 SE SE  . MSE A 1 165 ? -6.174  -3.312  2.801   1.00 14.51 ? 149 MSE A SE  1 
HETATM 1181 C  CE  . MSE A 1 165 ? -6.679  -2.031  4.115   1.00 19.76 ? 149 MSE A CE  1 
ATOM   1182 N  N   . ILE A 1 166 ? -2.246  -0.223  1.428   1.00 12.00 ? 150 ILE A N   1 
ATOM   1183 C  CA  . ILE A 1 166 ? -2.108  1.203   1.282   1.00 11.87 ? 150 ILE A CA  1 
ATOM   1184 C  C   . ILE A 1 166 ? -3.489  1.735   0.914   1.00 11.97 ? 150 ILE A C   1 
ATOM   1185 O  O   . ILE A 1 166 ? -4.049  1.347   -0.114  1.00 12.42 ? 150 ILE A O   1 
ATOM   1186 C  CB  . ILE A 1 166 ? -1.140  1.593   0.137   1.00 13.28 ? 150 ILE A CB  1 
ATOM   1187 C  CG1 . ILE A 1 166 ? 0.237   0.982   0.372   1.00 14.71 ? 150 ILE A CG1 1 
ATOM   1188 C  CG2 . ILE A 1 166 ? -0.988  3.083   -0.045  1.00 14.23 ? 150 ILE A CG2 1 
ATOM   1189 C  CD1 . ILE A 1 166 ? 1.162   1.082   -0.874  1.00 16.74 ? 150 ILE A CD1 1 
ATOM   1190 N  N   . SER A 1 167 ? -4.096  2.601   1.716   1.00 12.36 ? 151 SER A N   1 
ATOM   1191 C  CA  . SER A 1 167 ? -5.484  3.036   1.451   1.00 12.29 ? 151 SER A CA  1 
ATOM   1192 C  C   . SER A 1 167 ? -5.799  4.368   2.073   1.00 12.38 ? 151 SER A C   1 
ATOM   1193 O  O   . SER A 1 167 ? -5.141  4.737   3.066   1.00 14.69 ? 151 SER A O   1 
ATOM   1194 C  CB  . SER A 1 167 ? -6.454  1.996   1.991   1.00 12.32 ? 151 SER A CB  1 
ATOM   1195 O  OG  . SER A 1 167 ? -6.392  1.893   3.397   1.00 13.06 ? 151 SER A OG  1 
ATOM   1196 N  N   . ASP A 1 168 ? -6.777  5.046   1.546   1.00 13.71 ? 152 ASP A N   1 
ATOM   1197 C  CA  . ASP A 1 168 ? -7.409  6.161   2.269   1.00 13.81 ? 152 ASP A CA  1 
ATOM   1198 C  C   . ASP A 1 168 ? -8.590  5.578   3.029   1.00 14.00 ? 152 ASP A C   1 
ATOM   1199 O  O   . ASP A 1 168 ? -9.614  5.280   2.446   1.00 14.92 ? 152 ASP A O   1 
ATOM   1200 C  CB  . ASP A 1 168 ? -7.875  7.255   1.313   1.00 15.38 ? 152 ASP A CB  1 
ATOM   1201 C  CG  . ASP A 1 168 ? -8.438  8.473   2.011   1.00 15.44 ? 152 ASP A CG  1 
ATOM   1202 O  OD1 . ASP A 1 168 ? -8.369  8.464   3.268   1.00 16.26 ? 152 ASP A OD1 1 
ATOM   1203 O  OD2 . ASP A 1 168 ? -8.955  9.357   1.287   1.00 16.53 ? 152 ASP A OD2 1 
ATOM   1204 N  N   . GLN A 1 169 ? -8.458  5.562   4.347   1.00 14.38 ? 153 GLN A N   1 
ATOM   1205 C  CA  . GLN A 1 169 ? -9.503  5.164   5.305   1.00 14.80 ? 153 GLN A CA  1 
ATOM   1206 C  C   . GLN A 1 169 ? -10.393 6.321   5.716   1.00 16.67 ? 153 GLN A C   1 
ATOM   1207 O  O   . GLN A 1 169 ? -11.350 6.066   6.434   1.00 18.64 ? 153 GLN A O   1 
ATOM   1208 C  CB  . GLN A 1 169 ? -8.887  4.524   6.539   1.00 14.88 ? 153 GLN A CB  1 
ATOM   1209 C  CG  . GLN A 1 169 ? -8.212  3.185   6.248   1.00 14.00 ? 153 GLN A CG  1 
ATOM   1210 C  CD  . GLN A 1 169 ? -9.197  2.150   5.773   1.00 13.89 ? 153 GLN A CD  1 
ATOM   1211 O  OE1 . GLN A 1 169 ? -10.247 1.963   6.362   1.00 15.53 ? 153 GLN A OE1 1 
ATOM   1212 N  NE2 . GLN A 1 169 ? -8.852  1.432   4.718   1.00 14.10 ? 153 GLN A NE2 1 
ATOM   1213 N  N   . ASP A 1 170 ? -10.128 7.538   5.271   1.00 17.51 ? 154 ASP A N   1 
ATOM   1214 C  CA  . ASP A 1 170 ? -10.774 8.756   5.838   1.00 18.01 ? 154 ASP A CA  1 
ATOM   1215 C  C   . ASP A 1 170 ? -11.607 9.470   4.797   1.00 19.00 ? 154 ASP A C   1 
ATOM   1216 O  O   . ASP A 1 170 ? -11.975 10.635  5.050   1.00 19.85 ? 154 ASP A O   1 
ATOM   1217 C  CB  . ASP A 1 170 ? -9.698  9.630   6.471   1.00 18.62 ? 154 ASP A CB  1 
ATOM   1218 C  CG  . ASP A 1 170 ? -8.899  8.862   7.498   1.00 19.77 ? 154 ASP A CG  1 
ATOM   1219 O  OD1 . ASP A 1 170 ? -9.549  8.239   8.362   1.00 21.95 ? 154 ASP A OD1 1 
ATOM   1220 O  OD2 . ASP A 1 170 ? -7.662  8.865   7.449   1.00 21.06 ? 154 ASP A OD2 1 
ATOM   1221 N  N   . GLN A 1 171 ? -11.949 8.866   3.658   1.00 16.99 ? 155 GLN A N   1 
ATOM   1222 C  CA  . GLN A 1 171 ? -12.943 9.416   2.711   1.00 19.02 ? 155 GLN A CA  1 
ATOM   1223 C  C   . GLN A 1 171 ? -12.522 10.837  2.337   1.00 19.58 ? 155 GLN A C   1 
ATOM   1224 O  O   . GLN A 1 171 ? -13.369 11.729  2.286   1.00 21.52 ? 155 GLN A O   1 
ATOM   1225 C  CB  . GLN A 1 171 ? -14.358 9.364   3.327   1.00 20.33 ? 155 GLN A CB  1 
ATOM   1226 C  CG  . GLN A 1 171 ? -14.746 7.941   3.679   1.00 21.20 ? 155 GLN A CG  1 
ATOM   1227 C  CD  . GLN A 1 171 ? -16.109 7.844   4.304   1.00 29.41 ? 155 GLN A CD  1 
ATOM   1228 O  OE1 . GLN A 1 171 ? -16.864 8.807   4.336   1.00 32.62 ? 155 GLN A OE1 1 
ATOM   1229 N  NE2 . GLN A 1 171 ? -16.448 6.652   4.757   1.00 34.93 ? 155 GLN A NE2 1 
ATOM   1230 N  N   . ASN A 1 172 ? -11.263 11.025  1.965   1.00 17.78 ? 156 ASN A N   1 
ATOM   1231 C  CA  . ASN A 1 172 ? -10.823 12.380  1.530   1.00 19.50 ? 156 ASN A CA  1 
ATOM   1232 C  C   . ASN A 1 172 ? -11.309 12.695  0.124   1.00 20.17 ? 156 ASN A C   1 
ATOM   1233 O  O   . ASN A 1 172 ? -11.213 13.858  -0.296  1.00 22.58 ? 156 ASN A O   1 
ATOM   1234 C  CB  . ASN A 1 172 ? -9.316  12.558  1.539   1.00 19.92 ? 156 ASN A CB  1 
ATOM   1235 C  CG  . ASN A 1 172 ? -8.773  12.597  2.940   1.00 21.61 ? 156 ASN A CG  1 
ATOM   1236 O  OD1 . ASN A 1 172 ? -8.754  13.671  3.533   1.00 24.37 ? 156 ASN A OD1 1 
ATOM   1237 N  ND2 . ASN A 1 172 ? -8.309  11.505  3.494   1.00 19.29 ? 156 ASN A ND2 1 
ATOM   1238 N  N   . ASN A 1 173 ? -11.709 11.714  -0.684  1.00 18.04 ? 157 ASN A N   1 
ATOM   1239 C  CA  . ASN A 1 173 ? -12.149 11.926  -2.069  1.00 18.25 ? 157 ASN A CA  1 
ATOM   1240 C  C   . ASN A 1 173 ? -11.017 12.638  -2.797  1.00 19.50 ? 157 ASN A C   1 
ATOM   1241 O  O   . ASN A 1 173 ? -11.274 13.605  -3.559  1.00 20.42 ? 157 ASN A O   1 
ATOM   1242 C  CB  . ASN A 1 173 ? -13.472 12.675  -2.194  1.00 20.40 ? 157 ASN A CB  1 
ATOM   1243 C  CG  . ASN A 1 173 ? -14.024 12.632  -3.588  1.00 21.31 ? 157 ASN A CG  1 
ATOM   1244 O  OD1 . ASN A 1 173 ? -13.891 11.650  -4.322  1.00 23.91 ? 157 ASN A OD1 1 
ATOM   1245 N  ND2 . ASN A 1 173 ? -14.724 13.705  -3.963  1.00 26.43 ? 157 ASN A ND2 1 
ATOM   1246 N  N   . ALA A 1 174 ? -9.812  12.103  -2.656  1.00 18.24 ? 158 ALA A N   1 
ATOM   1247 C  CA  . ALA A 1 174 ? -8.570  12.677  -3.210  1.00 17.88 ? 158 ALA A CA  1 
ATOM   1248 C  C   . ALA A 1 174 ? -7.774  11.565  -3.905  1.00 18.23 ? 158 ALA A C   1 
ATOM   1249 O  O   . ALA A 1 174 ? -7.317  10.653  -3.238  1.00 17.96 ? 158 ALA A O   1 
ATOM   1250 C  CB  . ALA A 1 174 ? -7.834  13.395  -2.105  1.00 21.31 ? 158 ALA A CB  1 
ATOM   1251 N  N   . TYR A 1 175 ? -7.690  11.628  -5.222  1.00 17.56 ? 159 TYR A N   1 
ATOM   1252 C  CA  . TYR A 1 175 ? -6.996  10.653  -6.076  1.00 18.15 ? 159 TYR A CA  1 
ATOM   1253 C  C   . TYR A 1 175 ? -5.490  10.829  -5.957  1.00 17.91 ? 159 TYR A C   1 
ATOM   1254 O  O   . TYR A 1 175 ? -4.971  11.983  -6.046  1.00 18.22 ? 159 TYR A O   1 
ATOM   1255 C  CB  . TYR A 1 175 ? -7.472  10.819  -7.508  1.00 18.13 ? 159 TYR A CB  1 
ATOM   1256 C  CG  . TYR A 1 175 ? -6.797  9.929   -8.492  1.00 19.03 ? 159 TYR A CG  1 
ATOM   1257 C  CD1 . TYR A 1 175 ? -7.135  8.591   -8.574  1.00 20.46 ? 159 TYR A CD1 1 
ATOM   1258 C  CD2 . TYR A 1 175 ? -5.850  10.411  -9.368  1.00 20.45 ? 159 TYR A CD2 1 
ATOM   1259 C  CE1 . TYR A 1 175 ? -6.555  7.764   -9.524  1.00 22.50 ? 159 TYR A CE1 1 
ATOM   1260 C  CE2 . TYR A 1 175 ? -5.232  9.593   -10.297 1.00 19.95 ? 159 TYR A CE2 1 
ATOM   1261 C  CZ  . TYR A 1 175 ? -5.609  8.270   -10.389 1.00 22.17 ? 159 TYR A CZ  1 
ATOM   1262 O  OH  . TYR A 1 175 ? -5.046  7.452   -11.304 1.00 24.52 ? 159 TYR A OH  1 
ATOM   1263 N  N   . GLY A 1 176 ? -4.743  9.751   -5.977  1.00 17.02 ? 160 GLY A N   1 
ATOM   1264 C  CA  . GLY A 1 176 ? -3.281  9.810   -6.101  1.00 17.30 ? 160 GLY A CA  1 
ATOM   1265 C  C   . GLY A 1 176 ? -2.694  8.451   -6.319  1.00 15.55 ? 160 GLY A C   1 
ATOM   1266 O  O   . GLY A 1 176 ? -3.466  7.445   -6.512  1.00 15.12 ? 160 GLY A O   1 
ATOM   1267 N  N   . TRP A 1 177 ? -1.396  8.338   -6.319  1.00 16.00 ? 161 TRP A N   1 
ATOM   1268 C  CA  . TRP A 1 177 ? -0.722  7.049   -6.455  1.00 15.16 ? 161 TRP A CA  1 
ATOM   1269 C  C   . TRP A 1 177 ? 0.678   7.071   -5.902  1.00 15.14 ? 161 TRP A C   1 
ATOM   1270 O  O   . TRP A 1 177 ? 1.280   8.175   -5.787  1.00 16.72 ? 161 TRP A O   1 
ATOM   1271 C  CB  . TRP A 1 177 ? -0.727  6.546   -7.898  1.00 15.48 ? 161 TRP A CB  1 
ATOM   1272 C  CG  . TRP A 1 177 ? 0.110   7.352   -8.849  1.00 15.97 ? 161 TRP A CG  1 
ATOM   1273 C  CD1 . TRP A 1 177 ? 1.373   7.043   -9.194  1.00 18.00 ? 161 TRP A CD1 1 
ATOM   1274 C  CD2 . TRP A 1 177 ? -0.302  8.502   -9.614  1.00 18.16 ? 161 TRP A CD2 1 
ATOM   1275 N  NE1 . TRP A 1 177 ? 1.828   7.978   -10.104 1.00 17.80 ? 161 TRP A NE1 1 
ATOM   1276 C  CE2 . TRP A 1 177 ? 0.836   8.863   -10.385 1.00 19.17 ? 161 TRP A CE2 1 
ATOM   1277 C  CE3 . TRP A 1 177 ? -1.468  9.241   -9.740  1.00 19.08 ? 161 TRP A CE3 1 
ATOM   1278 C  CZ2 . TRP A 1 177 ? 0.773   9.908   -11.309 1.00 21.48 ? 161 TRP A CZ2 1 
ATOM   1279 C  CZ3 . TRP A 1 177 ? -1.509  10.296  -10.617 1.00 20.53 ? 161 TRP A CZ3 1 
ATOM   1280 C  CH2 . TRP A 1 177 ? -0.379  10.644  -11.366 1.00 20.95 ? 161 TRP A CH2 1 
ATOM   1281 N  N   . PHE A 1 178 ? 1.198   5.930   -5.580  1.00 15.22 ? 162 PHE A N   1 
ATOM   1282 C  CA  . PHE A 1 178 ? 2.636   5.690   -5.374  1.00 14.95 ? 162 PHE A CA  1 
ATOM   1283 C  C   . PHE A 1 178 ? 3.208   4.999   -6.590  1.00 15.49 ? 162 PHE A C   1 
ATOM   1284 O  O   . PHE A 1 178 ? 2.522   4.399   -7.423  1.00 16.47 ? 162 PHE A O   1 
ATOM   1285 C  CB  . PHE A 1 178 ? 2.914   4.920   -4.094  1.00 14.45 ? 162 PHE A CB  1 
ATOM   1286 C  CG  . PHE A 1 178 ? 2.377   5.586   -2.873  1.00 14.93 ? 162 PHE A CG  1 
ATOM   1287 C  CD1 . PHE A 1 178 ? 3.056   6.686   -2.334  1.00 15.98 ? 162 PHE A CD1 1 
ATOM   1288 C  CD2 . PHE A 1 178 ? 1.160   5.213   -2.298  1.00 16.66 ? 162 PHE A CD2 1 
ATOM   1289 C  CE1 . PHE A 1 178 ? 2.589   7.310   -1.204  1.00 17.49 ? 162 PHE A CE1 1 
ATOM   1290 C  CE2 . PHE A 1 178 ? 0.705   5.854   -1.168  1.00 16.52 ? 162 PHE A CE2 1 
ATOM   1291 C  CZ  . PHE A 1 178 ? 1.417   6.894   -0.616  1.00 17.47 ? 162 PHE A CZ  1 
ATOM   1292 N  N   . ARG A 1 179 ? 4.521   5.151   -6.753  1.00 16.45 ? 163 ARG A N   1 
ATOM   1293 C  CA  . ARG A 1 179 ? 5.227   4.586   -7.895  1.00 15.54 ? 163 ARG A CA  1 
ATOM   1294 C  C   . ARG A 1 179 ? 5.548   3.114   -7.647  1.00 15.77 ? 163 ARG A C   1 
ATOM   1295 O  O   . ARG A 1 179 ? 5.996   2.760   -6.552  1.00 16.28 ? 163 ARG A O   1 
ATOM   1296 C  CB  . ARG A 1 179 ? 6.488   5.450   -8.133  1.00 17.56 ? 163 ARG A CB  1 
ATOM   1297 C  CG  . ARG A 1 179 ? 6.119   6.908   -8.320  1.00 18.62 ? 163 ARG A CG  1 
ATOM   1298 C  CD  . ARG A 1 179 ? 7.289   7.791   -8.749  1.00 20.01 ? 163 ARG A CD  1 
ATOM   1299 N  NE  . ARG A 1 179 ? 7.506   7.669   -10.176 1.00 21.30 ? 163 ARG A NE  1 
ATOM   1300 C  CZ  . ARG A 1 179 ? 8.309   8.497   -10.886 1.00 25.20 ? 163 ARG A CZ  1 
ATOM   1301 N  NH1 . ARG A 1 179 ? 8.999   9.453   -10.287 1.00 25.88 ? 163 ARG A NH1 1 
ATOM   1302 N  NH2 . ARG A 1 179 ? 8.381   8.361   -12.190 1.00 25.82 ? 163 ARG A NH2 1 
ATOM   1303 N  N   . SER A 1 180 ? 5.333   2.278   -8.658  1.00 15.07 ? 164 SER A N   1 
ATOM   1304 C  CA  . SER A 1 180 ? 5.510   0.820   -8.493  1.00 15.11 ? 164 SER A CA  1 
ATOM   1305 C  C   . SER A 1 180 ? 6.846   0.302   -9.019  1.00 17.69 ? 164 SER A C   1 
ATOM   1306 O  O   . SER A 1 180 ? 7.595   1.071   -9.724  1.00 18.29 ? 164 SER A O   1 
ATOM   1307 C  CB  . SER A 1 180 ? 4.415   0.067   -9.186  1.00 14.94 ? 164 SER A CB  1 
ATOM   1308 O  OG  . SER A 1 180 ? 4.696   0.083   -10.610 1.00 16.96 ? 164 SER A OG  1 
ATOM   1309 N  N   . THR A 1 181 ? 7.092   -0.971  -8.813  1.00 16.40 ? 165 THR A N   1 
ATOM   1310 C  CA  . THR A 1 181 ? 8.283   -1.652  -9.365  1.00 18.53 ? 165 THR A CA  1 
ATOM   1311 C  C   . THR A 1 181 ? 8.280   -1.672  -10.886 1.00 20.44 ? 165 THR A C   1 
ATOM   1312 O  O   . THR A 1 181 ? 9.292   -2.189  -11.415 1.00 20.94 ? 165 THR A O   1 
ATOM   1313 C  CB  . THR A 1 181 ? 8.378   -3.080  -8.858  1.00 16.66 ? 165 THR A CB  1 
ATOM   1314 O  OG1 . THR A 1 181 ? 7.211   -3.807  -9.257  1.00 18.49 ? 165 THR A OG1 1 
ATOM   1315 C  CG2 . THR A 1 181 ? 8.600   -3.200  -7.365  1.00 19.14 ? 165 THR A CG2 1 
ATOM   1316 N  N   . GLN A 1 182 ? 7.215   -1.253  -11.564 1.00 17.97 ? 166 GLN A N   1 
ATOM   1317 C  CA  . GLN A 1 182 ? 7.196   -1.214  -13.047 1.00 18.57 ? 166 GLN A CA  1 
ATOM   1318 C  C   . GLN A 1 182 ? 7.702   0.125   -13.568 1.00 21.48 ? 166 GLN A C   1 
ATOM   1319 O  O   . GLN A 1 182 ? 7.810   0.261   -14.807 1.00 24.75 ? 166 GLN A O   1 
ATOM   1320 C  CB  . GLN A 1 182 ? 5.802   -1.566  -13.589 1.00 17.83 ? 166 GLN A CB  1 
ATOM   1321 C  CG  . GLN A 1 182 ? 5.295   -2.904  -13.074 1.00 19.87 ? 166 GLN A CG  1 
ATOM   1322 C  CD  . GLN A 1 182 ? 6.179   -4.045  -13.496 1.00 21.54 ? 166 GLN A CD  1 
ATOM   1323 O  OE1 . GLN A 1 182 ? 6.856   -3.957  -14.535 1.00 21.70 ? 166 GLN A OE1 1 
ATOM   1324 N  NE2 . GLN A 1 182 ? 6.227   -5.110  -12.725 1.00 21.75 ? 166 GLN A NE2 1 
ATOM   1325 N  N   . GLU A 1 183 ? 7.980   1.093   -12.716 1.00 22.02 ? 167 GLU A N   1 
ATOM   1326 C  CA  . GLU A 1 183 ? 8.761   2.289   -13.147 1.00 23.80 ? 167 GLU A CA  1 
ATOM   1327 C  C   . GLU A 1 183 ? 10.136  1.870   -13.721 1.00 24.92 ? 167 GLU A C   1 
ATOM   1328 O  O   . GLU A 1 183 ? 10.707  0.809   -13.368 1.00 25.51 ? 167 GLU A O   1 
ATOM   1329 C  CB  . GLU A 1 183 ? 8.912   3.253   -11.980 1.00 25.03 ? 167 GLU A CB  1 
ATOM   1330 C  CG  . GLU A 1 183 ? 7.707   4.102   -11.743 1.00 24.09 ? 167 GLU A CG  1 
ATOM   1331 C  CD  . GLU A 1 183 ? 7.413   5.185   -12.752 1.00 24.63 ? 167 GLU A CD  1 
ATOM   1332 O  OE1 . GLU A 1 183 ? 8.182   5.274   -13.760 1.00 28.34 ? 167 GLU A OE1 1 
ATOM   1333 O  OE2 . GLU A 1 183 ? 6.515   5.996   -12.542 1.00 27.21 ? 167 GLU A OE2 1 
ATOM   1334 N  N   . THR A 1 184 ? 10.665  2.719   -14.593 1.00 33.79 ? 168 THR A N   1 
ATOM   1335 C  CA  . THR A 1 184 ? 11.978  2.479   -15.253 1.00 39.65 ? 168 THR A CA  1 
ATOM   1336 C  C   . THR A 1 184 ? 13.109  2.712   -14.241 1.00 35.18 ? 168 THR A C   1 
ATOM   1337 O  O   . THR A 1 184 ? 14.013  1.873   -14.207 1.00 41.05 ? 168 THR A O   1 
ATOM   1338 C  CB  . THR A 1 184 ? 12.071  3.289   -16.551 1.00 39.53 ? 168 THR A CB  1 
ATOM   1339 O  OG1 . THR A 1 184 ? 11.586  4.597   -16.244 1.00 42.06 ? 168 THR A OG1 1 
ATOM   1340 C  CG2 . THR A 1 184 ? 11.261  2.668   -17.666 1.00 38.14 ? 168 THR A CG2 1 
ATOM   1341 N  N   . SER A 1 185 ? 13.003  3.704   -13.347 1.00 32.14 ? 169 SER A N   1 
ATOM   1342 C  CA  . SER A 1 185 ? 14.072  3.986   -12.346 1.00 34.20 ? 169 SER A CA  1 
ATOM   1343 C  C   . SER A 1 185 ? 13.834  3.257   -11.006 1.00 30.46 ? 169 SER A C   1 
ATOM   1344 O  O   . SER A 1 185 ? 12.820  3.555   -10.323 1.00 27.66 ? 169 SER A O   1 
ATOM   1345 C  CB  . SER A 1 185 ? 14.241  5.452   -12.129 1.00 35.71 ? 169 SER A CB  1 
ATOM   1346 O  OG  . SER A 1 185 ? 15.315  5.646   -11.223 1.00 43.42 ? 169 SER A OG  1 
ATOM   1347 N  N   . GLU A 1 186 ? 14.761  2.393   -10.595 1.00 30.51 ? 170 GLU A N   1 
ATOM   1348 C  CA  . GLU A 1 186 ? 14.659  1.596   -9.342  1.00 29.78 ? 170 GLU A CA  1 
ATOM   1349 C  C   . GLU A 1 186 ? 14.575  2.528   -8.133  1.00 27.72 ? 170 GLU A C   1 
ATOM   1350 O  O   . GLU A 1 186 ? 14.045  2.130   -7.087  1.00 24.45 ? 170 GLU A O   1 
ATOM   1351 C  CB  . GLU A 1 186 ? 15.849  0.663   -9.161  1.00 35.28 ? 170 GLU A CB  1 
ATOM   1352 C  CG  . GLU A 1 186 ? 15.926  -0.432  -10.203 1.00 41.27 ? 170 GLU A CG  1 
ATOM   1353 C  CD  . GLU A 1 186 ? 17.221  -1.217  -10.089 1.00 52.36 ? 170 GLU A CD  1 
ATOM   1354 O  OE1 . GLU A 1 186 ? 17.690  -1.420  -8.938  1.00 53.94 ? 170 GLU A OE1 1 
ATOM   1355 O  OE2 . GLU A 1 186 ? 17.766  -1.605  -11.144 1.00 56.24 ? 170 GLU A OE2 1 
ATOM   1356 N  N   . ASP A 1 187 ? 15.139  3.728   -8.211  1.00 23.25 ? 171 ASP A N   1 
ATOM   1357 C  CA  . ASP A 1 187 ? 15.168  4.632   -7.039  1.00 24.10 ? 171 ASP A CA  1 
ATOM   1358 C  C   . ASP A 1 187 ? 13.737  5.109   -6.701  1.00 21.76 ? 171 ASP A C   1 
ATOM   1359 O  O   . ASP A 1 187 ? 13.539  5.583   -5.624  1.00 22.33 ? 171 ASP A O   1 
ATOM   1360 C  CB  . ASP A 1 187 ? 16.162  5.781   -7.263  1.00 25.70 ? 171 ASP A CB  1 
ATOM   1361 C  CG  . ASP A 1 187 ? 15.519  6.984   -7.884  1.00 32.50 ? 171 ASP A CG  1 
ATOM   1362 O  OD1 . ASP A 1 187 ? 15.329  7.995   -7.146  1.00 39.36 ? 171 ASP A OD1 1 
ATOM   1363 O  OD2 . ASP A 1 187 ? 15.232  6.911   -9.102  1.00 43.49 ? 171 ASP A OD2 1 
ATOM   1364 N  N   . THR A 1 188 ? 12.741  4.958   -7.591  1.00 21.51 ? 172 THR A N   1 
ATOM   1365 C  CA  . THR A 1 188 ? 11.328  5.385   -7.320  1.00 20.27 ? 172 THR A CA  1 
ATOM   1366 C  C   . THR A 1 188 ? 10.508  4.266   -6.654  1.00 19.80 ? 172 THR A C   1 
ATOM   1367 O  O   . THR A 1 188 ? 9.376   4.596   -6.237  1.00 20.66 ? 172 THR A O   1 
ATOM   1368 C  CB  . THR A 1 188 ? 10.592  5.744   -8.611  1.00 22.42 ? 172 THR A CB  1 
ATOM   1369 O  OG1 . THR A 1 188 ? 10.410  4.542   -9.365  1.00 22.89 ? 172 THR A OG1 1 
ATOM   1370 C  CG2 . THR A 1 188 ? 11.322  6.799   -9.433  1.00 23.78 ? 172 THR A CG2 1 
ATOM   1371 N  N   . TYR A 1 189 ? 11.032  3.061   -6.586  1.00 17.90 ? 173 TYR A N   1 
ATOM   1372 C  CA  . TYR A 1 189 ? 10.286  1.855   -6.155  1.00 18.65 ? 173 TYR A CA  1 
ATOM   1373 C  C   . TYR A 1 189 ? 9.973   1.993   -4.674  1.00 20.42 ? 173 TYR A C   1 
ATOM   1374 O  O   . TYR A 1 189 ? 10.697  2.602   -3.870  1.00 20.19 ? 173 TYR A O   1 
ATOM   1375 C  CB  . TYR A 1 189 ? 11.064  0.554   -6.379  1.00 18.25 ? 173 TYR A CB  1 
ATOM   1376 C  CG  . TYR A 1 189 ? 11.322  0.172   -7.817  1.00 18.82 ? 173 TYR A CG  1 
ATOM   1377 C  CD1 . TYR A 1 189 ? 10.893  0.940   -8.881  1.00 19.42 ? 173 TYR A CD1 1 
ATOM   1378 C  CD2 . TYR A 1 189 ? 12.003  -0.996  -8.102  1.00 23.91 ? 173 TYR A CD2 1 
ATOM   1379 C  CE1 . TYR A 1 189 ? 11.204  0.598   -10.191 1.00 21.52 ? 173 TYR A CE1 1 
ATOM   1380 C  CE2 . TYR A 1 189 ? 12.294  -1.377  -9.399  1.00 22.95 ? 173 TYR A CE2 1 
ATOM   1381 C  CZ  . TYR A 1 189 ? 11.876  -0.580  -10.439 1.00 22.38 ? 173 TYR A CZ  1 
ATOM   1382 O  OH  . TYR A 1 189 ? 12.177  -0.941  -11.719 1.00 24.97 ? 173 TYR A OH  1 
ATOM   1383 N  N   . PRO A 1 190 ? 8.891   1.332   -4.200  1.00 17.34 ? 174 PRO A N   1 
ATOM   1384 C  CA  . PRO A 1 190 ? 8.743   1.137   -2.771  1.00 17.81 ? 174 PRO A CA  1 
ATOM   1385 C  C   . PRO A 1 190 ? 9.996   0.463   -2.217  1.00 17.71 ? 174 PRO A C   1 
ATOM   1386 O  O   . PRO A 1 190 ? 10.579  -0.369  -2.861  1.00 19.55 ? 174 PRO A O   1 
ATOM   1387 C  CB  . PRO A 1 190 ? 7.500   0.227   -2.631  1.00 16.71 ? 174 PRO A CB  1 
ATOM   1388 C  CG  . PRO A 1 190 ? 6.760   0.477   -3.912  1.00 16.26 ? 174 PRO A CG  1 
ATOM   1389 C  CD  . PRO A 1 190 ? 7.827   0.674   -4.991  1.00 16.70 ? 174 PRO A CD  1 
ATOM   1390 N  N   . LYS A 1 191 ? 10.311  0.809   -0.989  1.00 18.80 ? 175 LYS A N   1 
ATOM   1391 C  CA  . LYS A 1 191 ? 11.540  0.302   -0.356  1.00 20.30 ? 175 LYS A CA  1 
ATOM   1392 C  C   . LYS A 1 191 ? 11.278  -0.059  1.091   1.00 19.45 ? 175 LYS A C   1 
ATOM   1393 O  O   . LYS A 1 191 ? 10.798  0.753   1.882   1.00 20.14 ? 175 LYS A O   1 
ATOM   1394 C  CB  . LYS A 1 191 ? 12.637  1.369   -0.463  1.00 23.33 ? 175 LYS A CB  1 
ATOM   1395 C  CG  . LYS A 1 191 ? 14.012  0.898   -0.034  1.00 27.98 ? 175 LYS A CG  1 
ATOM   1396 C  CD  . LYS A 1 191 ? 15.051  2.011   -0.060  1.00 31.14 ? 175 LYS A CD  1 
ATOM   1397 C  CE  . LYS A 1 191 ? 15.280  2.609   -1.432  1.00 34.20 ? 175 LYS A CE  1 
ATOM   1398 N  NZ  . LYS A 1 191 ? 16.506  3.448   -1.459  1.00 37.53 ? 175 LYS A NZ  1 
ATOM   1399 N  N   . LEU A 1 192 ? 11.574  -1.294  1.443   1.00 19.57 ? 176 LEU A N   1 
ATOM   1400 C  CA  . LEU A 1 192 ? 11.626  -1.703  2.850   1.00 19.25 ? 176 LEU A CA  1 
ATOM   1401 C  C   . LEU A 1 192 ? 13.083  -1.590  3.314   1.00 20.74 ? 176 LEU A C   1 
ATOM   1402 O  O   . LEU A 1 192 ? 13.914  -2.301  2.740   1.00 21.34 ? 176 LEU A O   1 
ATOM   1403 C  CB  . LEU A 1 192 ? 11.075  -3.114  3.019   1.00 20.30 ? 176 LEU A CB  1 
ATOM   1404 C  CG  . LEU A 1 192 ? 11.046  -3.639  4.458   1.00 22.49 ? 176 LEU A CG  1 
ATOM   1405 C  CD1 . LEU A 1 192 ? 10.189  -2.749  5.352   1.00 22.01 ? 176 LEU A CD1 1 
ATOM   1406 C  CD2 . LEU A 1 192 ? 10.515  -5.066  4.482   1.00 20.96 ? 176 LEU A CD2 1 
ATOM   1407 N  N   . ILE A 1 193 ? 13.320  -0.686  4.252   1.00 20.53 ? 177 ILE A N   1 
ATOM   1408 C  CA  . ILE A 1 193 ? 14.703  -0.426  4.769   1.00 22.83 ? 177 ILE A CA  1 
ATOM   1409 C  C   . ILE A 1 193 ? 14.892  -1.128  6.110   1.00 21.87 ? 177 ILE A C   1 
ATOM   1410 O  O   . ILE A 1 193 ? 14.099  -0.858  7.045   1.00 22.47 ? 177 ILE A O   1 
ATOM   1411 C  CB  . ILE A 1 193 ? 14.946  1.075   4.894   1.00 24.19 ? 177 ILE A CB  1 
ATOM   1412 C  CG1 . ILE A 1 193 ? 14.745  1.763   3.539   1.00 25.16 ? 177 ILE A CG1 1 
ATOM   1413 C  CG2 . ILE A 1 193 ? 16.348  1.291   5.470   1.00 27.25 ? 177 ILE A CG2 1 
ATOM   1414 C  CD1 . ILE A 1 193 ? 14.478  3.234   3.622   1.00 29.08 ? 177 ILE A CD1 1 
ATOM   1415 N  N   . LEU A 1 194 ? 15.820  -2.088  6.146   1.00 23.80 ? 178 LEU A N   1 
ATOM   1416 C  CA  . LEU A 1 194 ? 16.142  -2.942  7.313   1.00 25.29 ? 178 LEU A CA  1 
ATOM   1417 C  C   . LEU A 1 194 ? 17.530  -2.497  7.801   1.00 29.41 ? 178 LEU A C   1 
ATOM   1418 O  O   . LEU A 1 194 ? 18.429  -2.453  6.967   1.00 29.51 ? 178 LEU A O   1 
ATOM   1419 C  CB  . LEU A 1 194 ? 16.171  -4.419  6.936   1.00 28.05 ? 178 LEU A CB  1 
ATOM   1420 C  CG  . LEU A 1 194 ? 14.895  -5.251  7.131   1.00 32.22 ? 178 LEU A CG  1 
ATOM   1421 C  CD1 . LEU A 1 194 ? 13.609  -4.428  7.210   1.00 27.81 ? 178 LEU A CD1 1 
ATOM   1422 C  CD2 . LEU A 1 194 ? 14.818  -6.373  6.106   1.00 28.42 ? 178 LEU A CD2 1 
ATOM   1423 N  N   . VAL A 1 195 ? 17.617  -2.089  9.063   1.00 31.20 ? 179 VAL A N   1 
ATOM   1424 C  CA  . VAL A 1 195 ? 18.899  -1.721  9.740   1.00 32.31 ? 179 VAL A CA  1 
ATOM   1425 C  C   . VAL A 1 195 ? 19.257  -2.844  10.706  1.00 34.01 ? 179 VAL A C   1 
ATOM   1426 O  O   . VAL A 1 195 ? 18.437  -3.111  11.599  1.00 34.89 ? 179 VAL A O   1 
ATOM   1427 C  CB  . VAL A 1 195 ? 18.751  -0.370  10.453  1.00 34.86 ? 179 VAL A CB  1 
ATOM   1428 C  CG1 . VAL A 1 195 ? 20.005  -0.004  11.247  1.00 36.48 ? 179 VAL A CG1 1 
ATOM   1429 C  CG2 . VAL A 1 195 ? 18.413  0.734   9.475   1.00 31.89 ? 179 VAL A CG2 1 
HETATM 1430 CA CA  . CA  B 2 .   ? 3.674   -13.058 6.815   1.00 14.12 ? 201 CA  A CA  1 
HETATM 1431 S  S   . SO4 C 3 .   ? -12.112 8.664   -10.895 1.00 39.25 ? 202 SO4 A S   1 
HETATM 1432 O  O1  . SO4 C 3 .   ? -11.750 7.528   -11.717 1.00 40.99 ? 202 SO4 A O1  1 
HETATM 1433 O  O2  . SO4 C 3 .   ? -13.505 8.544   -10.567 1.00 47.41 ? 202 SO4 A O2  1 
HETATM 1434 O  O3  . SO4 C 3 .   ? -11.333 8.758   -9.687  1.00 34.94 ? 202 SO4 A O3  1 
HETATM 1435 O  O4  . SO4 C 3 .   ? -11.886 9.874   -11.655 1.00 44.92 ? 202 SO4 A O4  1 
HETATM 1436 O  O   . HOH D 4 .   ? -2.028  -4.578  -15.237 1.00 30.53 ? 301 HOH A O   1 
HETATM 1437 O  O   . HOH D 4 .   ? 4.698   9.713   -13.808 1.00 35.34 ? 302 HOH A O   1 
HETATM 1438 O  O   . HOH D 4 .   ? 2.524   12.780  -13.233 1.00 41.68 ? 303 HOH A O   1 
HETATM 1439 O  O   . HOH D 4 .   ? 3.880   17.164  -3.887  1.00 36.55 ? 304 HOH A O   1 
HETATM 1440 O  O   . HOH D 4 .   ? -1.636  -15.179 -10.364 1.00 30.28 ? 305 HOH A O   1 
HETATM 1441 O  O   . HOH D 4 .   ? -3.090  -17.910 -7.938  1.00 38.19 ? 306 HOH A O   1 
HETATM 1442 O  O   . HOH D 4 .   ? -11.959 3.257   7.810   1.00 27.69 ? 307 HOH A O   1 
HETATM 1443 O  O   . HOH D 4 .   ? -0.269  -12.902 12.841  1.00 19.92 ? 308 HOH A O   1 
HETATM 1444 O  O   . HOH D 4 .   ? -3.606  8.276   -13.309 1.00 23.42 ? 309 HOH A O   1 
HETATM 1445 O  O   . HOH D 4 .   ? -7.126  2.377   -12.970 1.00 18.07 ? 310 HOH A O   1 
HETATM 1446 O  O   . HOH D 4 .   ? -2.004  -7.830  11.261  1.00 18.74 ? 311 HOH A O   1 
HETATM 1447 O  O   . HOH D 4 .   ? -4.883  -10.116 6.607   1.00 15.02 ? 312 HOH A O   1 
HETATM 1448 O  O   . HOH D 4 .   ? -4.272  0.556   4.189   1.00 14.83 ? 313 HOH A O   1 
HETATM 1449 O  O   . HOH D 4 .   ? -9.010  9.730   -1.319  1.00 16.51 ? 314 HOH A O   1 
HETATM 1450 O  O   . HOH D 4 .   ? -17.622 7.832   -5.574  1.00 37.22 ? 315 HOH A O   1 
HETATM 1451 O  O   . HOH D 4 .   ? -1.106  -15.547 5.932   1.00 13.39 ? 316 HOH A O   1 
HETATM 1452 O  O   . HOH D 4 .   ? -6.435  -13.865 0.067   1.00 29.99 ? 317 HOH A O   1 
HETATM 1453 O  O   . HOH D 4 .   ? -8.550  6.232   9.783   1.00 20.47 ? 318 HOH A O   1 
HETATM 1454 O  O   . HOH D 4 .   ? 4.952   13.920  3.586   1.00 32.24 ? 319 HOH A O   1 
HETATM 1455 O  O   . HOH D 4 .   ? 11.645  -9.614  11.896  1.00 33.82 ? 320 HOH A O   1 
HETATM 1456 O  O   . HOH D 4 .   ? -17.852 -0.270  2.882   1.00 14.16 ? 321 HOH A O   1 
HETATM 1457 O  O   . HOH D 4 .   ? -6.687  10.977  5.819   1.00 21.48 ? 322 HOH A O   1 
HETATM 1458 O  O   . HOH D 4 .   ? -12.164 5.961   2.812   1.00 16.52 ? 323 HOH A O   1 
HETATM 1459 O  O   . HOH D 4 .   ? 15.254  -11.338 2.089   1.00 32.33 ? 324 HOH A O   1 
HETATM 1460 O  O   . HOH D 4 .   ? -2.311  16.071  -1.492  1.00 21.68 ? 325 HOH A O   1 
HETATM 1461 O  O   . HOH D 4 .   ? -1.711  -0.819  15.431  1.00 38.30 ? 326 HOH A O   1 
HETATM 1462 O  O   . HOH D 4 .   ? -19.275 -1.472  8.198   1.00 20.75 ? 327 HOH A O   1 
HETATM 1463 O  O   . HOH D 4 .   ? -4.339  -5.865  -9.006  1.00 13.19 ? 328 HOH A O   1 
HETATM 1464 O  O   . HOH D 4 .   ? 4.401   -15.520 10.511  1.00 15.90 ? 329 HOH A O   1 
HETATM 1465 O  O   . HOH D 4 .   ? -11.936 -11.097 -9.458  1.00 16.48 ? 330 HOH A O   1 
HETATM 1466 O  O   . HOH D 4 .   ? 4.220   -5.333  -10.485 1.00 15.52 ? 331 HOH A O   1 
HETATM 1467 O  O   . HOH D 4 .   ? -14.032 5.014   1.013   1.00 16.65 ? 332 HOH A O   1 
HETATM 1468 O  O   . HOH D 4 .   ? 15.048  7.992   8.155   1.00 48.35 ? 333 HOH A O   1 
HETATM 1469 O  O   . HOH D 4 .   ? -16.896 1.258   -14.947 1.00 33.85 ? 334 HOH A O   1 
HETATM 1470 O  O   . HOH D 4 .   ? -16.690 11.264  -1.664  1.00 30.51 ? 335 HOH A O   1 
HETATM 1471 O  O   . HOH D 4 .   ? 4.569   1.653   12.633  1.00 22.00 ? 336 HOH A O   1 
HETATM 1472 O  O   . HOH D 4 .   ? 3.312   -8.591  7.158   1.00 14.56 ? 337 HOH A O   1 
HETATM 1473 O  O   . HOH D 4 .   ? -13.286 -0.397  9.430   1.00 34.95 ? 338 HOH A O   1 
HETATM 1474 O  O   . HOH D 4 .   ? -9.283  16.175  2.533   1.00 33.70 ? 339 HOH A O   1 
HETATM 1475 O  O   . HOH D 4 .   ? -9.604  -4.369  -9.407  1.00 11.72 ? 340 HOH A O   1 
HETATM 1476 O  O   . HOH D 4 .   ? -7.678  -12.434 4.176   1.00 17.12 ? 341 HOH A O   1 
HETATM 1477 O  O   . HOH D 4 .   ? 13.430  2.704   -4.188  1.00 26.87 ? 342 HOH A O   1 
HETATM 1478 O  O   . HOH D 4 .   ? 7.323   -11.801 -0.612  1.00 24.12 ? 343 HOH A O   1 
HETATM 1479 O  O   . HOH D 4 .   ? -8.252  3.712   -0.488  1.00 13.91 ? 344 HOH A O   1 
HETATM 1480 O  O   . HOH D 4 .   ? -10.159 -10.510 9.301   1.00 32.30 ? 345 HOH A O   1 
HETATM 1481 O  O   . HOH D 4 .   ? 10.709  5.150   -2.621  1.00 24.32 ? 346 HOH A O   1 
HETATM 1482 O  O   . HOH D 4 .   ? -15.006 9.385   -7.536  1.00 38.22 ? 347 HOH A O   1 
HETATM 1483 O  O   . HOH D 4 .   ? -11.570 -8.085  1.630   1.00 19.92 ? 348 HOH A O   1 
HETATM 1484 O  O   . HOH D 4 .   ? 4.069   6.057   -11.260 1.00 22.21 ? 349 HOH A O   1 
HETATM 1485 O  O   . HOH D 4 .   ? 1.520   -13.731 7.788   1.00 14.47 ? 350 HOH A O   1 
HETATM 1486 O  O   . HOH D 4 .   ? 11.263  -16.167 12.429  1.00 33.15 ? 351 HOH A O   1 
HETATM 1487 O  O   . HOH D 4 .   ? -14.921 -3.164  8.775   1.00 21.77 ? 352 HOH A O   1 
HETATM 1488 O  O   . HOH D 4 .   ? 11.598  -4.545  20.862  1.00 54.78 ? 353 HOH A O   1 
HETATM 1489 O  O   . HOH D 4 .   ? -7.469  1.767   9.911   1.00 19.28 ? 354 HOH A O   1 
HETATM 1490 O  O   . HOH D 4 .   ? -3.327  1.147   -14.675 1.00 32.93 ? 355 HOH A O   1 
HETATM 1491 O  O   . HOH D 4 .   ? -6.725  4.257   9.189   1.00 17.60 ? 356 HOH A O   1 
HETATM 1492 O  O   . HOH D 4 .   ? -12.238 -10.137 -1.641  1.00 22.29 ? 357 HOH A O   1 
HETATM 1493 O  O   . HOH D 4 .   ? -6.225  7.199   5.736   1.00 16.26 ? 358 HOH A O   1 
HETATM 1494 O  O   . HOH D 4 .   ? -16.538 -7.240  -3.902  1.00 21.97 ? 359 HOH A O   1 
HETATM 1495 O  O   . HOH D 4 .   ? 11.179  -12.165 10.690  1.00 36.77 ? 360 HOH A O   1 
HETATM 1496 O  O   . HOH D 4 .   ? -17.785 -3.543  -5.316  1.00 25.15 ? 361 HOH A O   1 
HETATM 1497 O  O   . HOH D 4 .   ? -8.008  -10.315 -13.477 1.00 32.18 ? 362 HOH A O   1 
HETATM 1498 O  O   . HOH D 4 .   ? 0.156   -1.669  -9.799  1.00 14.80 ? 363 HOH A O   1 
HETATM 1499 O  O   . HOH D 4 .   ? 11.382  -8.090  -0.902  1.00 18.95 ? 364 HOH A O   1 
HETATM 1500 O  O   . HOH D 4 .   ? -17.847 -1.332  -8.607  1.00 23.91 ? 365 HOH A O   1 
HETATM 1501 O  O   . HOH D 4 .   ? 8.273   -10.293 13.555  1.00 22.92 ? 366 HOH A O   1 
HETATM 1502 O  O   . HOH D 4 .   ? -4.445  6.192   -15.090 1.00 31.70 ? 367 HOH A O   1 
HETATM 1503 O  O   . HOH D 4 .   ? 7.185   4.209   -4.454  1.00 16.88 ? 368 HOH A O   1 
HETATM 1504 O  O   . HOH D 4 .   ? -7.229  -7.473  18.773  1.00 40.92 ? 369 HOH A O   1 
HETATM 1505 O  O   . HOH D 4 .   ? -14.264 -6.986  -2.478  1.00 17.20 ? 370 HOH A O   1 
HETATM 1506 O  O   . HOH D 4 .   ? 2.342   -11.065 6.520   1.00 13.98 ? 371 HOH A O   1 
HETATM 1507 O  O   . HOH D 4 .   ? -6.140  -4.645  -16.139 1.00 35.35 ? 372 HOH A O   1 
HETATM 1508 O  O   . HOH D 4 .   ? 2.687   -2.616  -10.249 1.00 15.84 ? 373 HOH A O   1 
HETATM 1509 O  O   . HOH D 4 .   ? 13.342  -0.276  -3.519  1.00 34.50 ? 374 HOH A O   1 
HETATM 1510 O  O   . HOH D 4 .   ? -12.827 -6.267  -14.391 1.00 17.99 ? 375 HOH A O   1 
HETATM 1511 O  O   . HOH D 4 .   ? 9.520   -14.437 -1.988  1.00 43.08 ? 376 HOH A O   1 
HETATM 1512 O  O   . HOH D 4 .   ? -2.241  -7.164  -14.924 1.00 31.07 ? 377 HOH A O   1 
HETATM 1513 O  O   . HOH D 4 .   ? 3.565   -8.540  -12.987 1.00 30.73 ? 378 HOH A O   1 
HETATM 1514 O  O   . HOH D 4 .   ? 3.979   -15.543 0.390   1.00 30.87 ? 379 HOH A O   1 
HETATM 1515 O  O   . HOH D 4 .   ? 1.307   -17.458 2.292   0.50 17.67 ? 380 HOH A O   1 
HETATM 1516 O  O   . HOH D 4 .   ? 4.289   11.501  6.107   1.00 32.24 ? 381 HOH A O   1 
HETATM 1517 O  O   . HOH D 4 .   ? -4.581  -11.743 15.762  1.00 34.98 ? 382 HOH A O   1 
HETATM 1518 O  O   . HOH D 4 .   ? 8.825   -17.972 3.961   1.00 32.02 ? 383 HOH A O   1 
HETATM 1519 O  O   . HOH D 4 .   ? -15.368 3.772   3.096   1.00 22.46 ? 384 HOH A O   1 
HETATM 1520 O  O   . HOH D 4 .   ? -4.117  -1.924  14.565  1.00 26.40 ? 385 HOH A O   1 
HETATM 1521 O  O   . HOH D 4 .   ? -15.049 -12.731 -10.198 1.00 36.30 ? 386 HOH A O   1 
HETATM 1522 O  O   . HOH D 4 .   ? 6.952   -6.636  -8.692  1.00 35.57 ? 387 HOH A O   1 
HETATM 1523 O  O   . HOH D 4 .   ? 7.531   7.234   11.074  1.00 28.31 ? 388 HOH A O   1 
HETATM 1524 O  O   . HOH D 4 .   ? 2.837   -13.583 -10.363 1.00 41.28 ? 389 HOH A O   1 
HETATM 1525 O  O   . HOH D 4 .   ? -7.536  -13.252 -10.034 1.00 34.77 ? 390 HOH A O   1 
HETATM 1526 O  O   . HOH D 4 .   ? 2.134   -10.273 17.214  1.00 23.20 ? 391 HOH A O   1 
HETATM 1527 O  O   . HOH D 4 .   ? 10.537  -18.175 9.127   1.00 31.29 ? 392 HOH A O   1 
HETATM 1528 O  O   . HOH D 4 .   ? -9.506  -10.502 4.079   1.00 19.11 ? 393 HOH A O   1 
HETATM 1529 O  O   . HOH D 4 .   ? -5.969  13.663  5.307   1.00 27.34 ? 394 HOH A O   1 
HETATM 1530 O  O   . HOH D 4 .   ? 9.807   -10.795 18.630  1.00 33.03 ? 395 HOH A O   1 
HETATM 1531 O  O   . HOH D 4 .   ? -6.962  -8.054  -15.473 1.00 24.05 ? 396 HOH A O   1 
HETATM 1532 O  O   . HOH D 4 .   ? -1.924  2.604   -3.296  1.00 16.11 ? 397 HOH A O   1 
HETATM 1533 O  O   . HOH D 4 .   ? -11.582 16.292  -2.389  1.00 39.67 ? 398 HOH A O   1 
HETATM 1534 O  O   . HOH D 4 .   ? 5.523   -12.743 17.103  1.00 28.75 ? 399 HOH A O   1 
HETATM 1535 O  O   . HOH D 4 .   ? -0.361  19.117  -0.848  1.00 31.22 ? 400 HOH A O   1 
HETATM 1536 O  O   . HOH D 4 .   ? -13.413 -7.716  -0.017  1.00 29.05 ? 401 HOH A O   1 
HETATM 1537 O  O   . HOH D 4 .   ? -14.997 -8.250  3.142   1.00 30.91 ? 402 HOH A O   1 
HETATM 1538 O  O   . HOH D 4 .   ? 10.938  6.121   -13.042 1.00 33.13 ? 403 HOH A O   1 
HETATM 1539 O  O   . HOH D 4 .   ? 15.326  -5.900  -3.526  1.00 32.79 ? 404 HOH A O   1 
HETATM 1540 O  O   . HOH D 4 .   ? -17.518 -5.216  8.472   1.00 27.76 ? 405 HOH A O   1 
HETATM 1541 O  O   . HOH D 4 .   ? 3.026   17.747  4.140   1.00 31.00 ? 406 HOH A O   1 
HETATM 1542 O  O   . HOH D 4 .   ? 7.662   1.031   15.272  1.00 33.97 ? 407 HOH A O   1 
HETATM 1543 O  O   . HOH D 4 .   ? 7.135   -2.196  -16.969 1.00 32.60 ? 408 HOH A O   1 
HETATM 1544 O  O   . HOH D 4 .   ? 5.368   -0.682  13.949  1.00 23.72 ? 409 HOH A O   1 
HETATM 1545 O  O   . HOH D 4 .   ? -11.789 -3.560  11.154  1.00 25.80 ? 410 HOH A O   1 
HETATM 1546 O  O   . HOH D 4 .   ? -13.454 4.508   4.898   1.00 28.65 ? 411 HOH A O   1 
HETATM 1547 O  O   . HOH D 4 .   ? -19.885 0.074   10.792  1.00 24.91 ? 412 HOH A O   1 
HETATM 1548 O  O   . HOH D 4 .   ? -18.577 1.889   -11.948 1.00 29.97 ? 413 HOH A O   1 
HETATM 1549 O  O   . HOH D 4 .   ? 4.484   -5.792  16.845  1.00 28.33 ? 414 HOH A O   1 
HETATM 1550 O  O   . HOH D 4 .   ? -19.332 -0.994  -4.527  1.00 30.49 ? 415 HOH A O   1 
HETATM 1551 O  O   . HOH D 4 .   ? -18.672 9.066   -3.048  1.00 34.68 ? 416 HOH A O   1 
HETATM 1552 O  O   . HOH D 4 .   ? 9.727   11.729  -12.275 0.50 37.75 ? 417 HOH A O   1 
HETATM 1553 O  O   . HOH D 4 .   ? 0.984   2.418   -15.973 1.00 29.19 ? 418 HOH A O   1 
HETATM 1554 O  O   . HOH D 4 .   ? -18.512 1.346   -8.399  1.00 34.67 ? 419 HOH A O   1 
HETATM 1555 O  O   . HOH D 4 .   ? 11.254  13.887  -1.759  1.00 35.32 ? 420 HOH A O   1 
HETATM 1556 O  O   . HOH D 4 .   ? -4.980  21.607  -10.905 1.00 46.55 ? 421 HOH A O   1 
HETATM 1557 O  O   . HOH D 4 .   ? -15.303 16.030  -1.791  1.00 47.53 ? 422 HOH A O   1 
HETATM 1558 O  O   . HOH D 4 .   ? -3.598  4.056   -15.954 1.00 39.31 ? 423 HOH A O   1 
HETATM 1559 O  O   . HOH D 4 .   ? -12.065 -8.668  3.973   1.00 35.04 ? 424 HOH A O   1 
HETATM 1560 O  O   . HOH D 4 .   ? 21.426  -1.672  5.669   1.00 46.69 ? 425 HOH A O   1 
HETATM 1561 O  O   . HOH D 4 .   ? -17.557 -2.466  10.426  1.00 31.93 ? 426 HOH A O   1 
HETATM 1562 O  O   . HOH D 4 .   ? 16.772  -3.689  -4.230  1.00 46.93 ? 427 HOH A O   1 
HETATM 1563 O  O   . HOH D 4 .   ? -12.003 -10.400 -15.546 1.00 36.06 ? 428 HOH A O   1 
HETATM 1564 O  O   . HOH D 4 .   ? -16.839 -11.942 -8.268  1.00 30.22 ? 429 HOH A O   1 
HETATM 1565 O  O   . HOH D 4 .   ? 5.076   -8.925  20.124  1.00 54.02 ? 430 HOH A O   1 
HETATM 1566 O  O   . HOH D 4 .   ? 5.664   -17.794 11.581  1.00 15.38 ? 431 HOH A O   1 
HETATM 1567 O  O   . HOH D 4 .   ? -17.592 -10.885 -5.841  1.00 34.04 ? 432 HOH A O   1 
HETATM 1568 O  O   . HOH D 4 .   ? -14.213 -6.395  11.297  1.00 32.66 ? 433 HOH A O   1 
HETATM 1569 O  O   . HOH D 4 .   ? 3.366   -1.737  15.471  1.00 30.93 ? 434 HOH A O   1 
HETATM 1570 O  O   . HOH D 4 .   ? 3.412   -7.829  18.394  1.00 36.41 ? 435 HOH A O   1 
HETATM 1571 O  O   . HOH D 4 .   ? -8.650  -6.010  -18.160 1.00 32.46 ? 436 HOH A O   1 
HETATM 1572 O  O   . HOH D 4 .   ? -15.285 -12.693 -6.593  1.00 38.91 ? 437 HOH A O   1 
HETATM 1573 O  O   . HOH D 4 .   ? 2.697   -4.235  15.456  1.00 26.43 ? 438 HOH A O   1 
HETATM 1574 O  O   . HOH D 4 .   ? -7.906  1.511   -15.500 1.00 34.62 ? 439 HOH A O   1 
HETATM 1575 O  O   . HOH D 4 .   ? -10.630 4.548   10.262  1.00 29.41 ? 440 HOH A O   1 
HETATM 1576 O  O   . HOH D 4 .   ? -3.327  -3.411  16.235  1.00 35.64 ? 441 HOH A O   1 
HETATM 1577 O  O   . HOH D 4 .   ? -7.480  5.731   -16.542 1.00 39.05 ? 442 HOH A O   1 
HETATM 1578 O  O   . HOH D 4 .   ? 0.277   -4.601  16.958  1.00 35.58 ? 443 HOH A O   1 
HETATM 1579 O  O   . HOH D 4 .   ? 9.663   -17.608 14.415  1.00 32.61 ? 444 HOH A O   1 
HETATM 1580 O  O   . HOH D 4 .   ? -2.535  -7.754  -17.842 1.00 26.46 ? 445 HOH A O   1 
# 
